data_1N6I
# 
_entry.id   1N6I 
# 
_audit_conform.dict_name       mmcif_pdbx.dic 
_audit_conform.dict_version    5.351 
_audit_conform.dict_location   http://mmcif.pdb.org/dictionaries/ascii/mmcif_pdbx.dic 
# 
loop_
_database_2.database_id 
_database_2.database_code 
_database_2.pdbx_database_accession 
_database_2.pdbx_DOI 
PDB   1N6I         pdb_00001n6i 10.2210/pdb1n6i/pdb 
RCSB  RCSB017579   ?            ?                   
WWPDB D_1000017579 ?            ?                   
# 
loop_
_pdbx_database_related.db_name 
_pdbx_database_related.db_id 
_pdbx_database_related.details 
_pdbx_database_related.content_type 
PDB 1N6H 'wildtype Rab5A'                                           unspecified 
PDB 1N6K 'Rab5a A30P mutant complex with GDP and Aluminum Fluoride' unspecified 
PDB 1N6L 'Rab5a A30P mutant complex with GTP'                       unspecified 
PDB 1N6N 'Rab5a A30R mutant complex with GppNHp'                    unspecified 
PDB 1N6O 'Rab5a A30K mutant complex with GppNHp'                    unspecified 
PDB 1N6P 'Rab5a A30E mutant complex with GppNHp'                    unspecified 
PDB 1N6R 'Rab5a A30L mutant complex with GppNHp'                    unspecified 
# 
_pdbx_database_status.status_code                     REL 
_pdbx_database_status.entry_id                        1N6I 
_pdbx_database_status.recvd_initial_deposition_date   2002-11-11 
_pdbx_database_status.deposit_site                    RCSB 
_pdbx_database_status.process_site                    RCSB 
_pdbx_database_status.status_code_sf                  REL 
_pdbx_database_status.SG_entry                        . 
_pdbx_database_status.pdb_format_compatible           Y 
_pdbx_database_status.status_code_mr                  ? 
_pdbx_database_status.status_code_cs                  ? 
_pdbx_database_status.status_code_nmr_data            ? 
_pdbx_database_status.methods_development_category    ? 
# 
loop_
_audit_author.name 
_audit_author.pdbx_ordinal 
'Zhu, G.'     1 
'Liu, J.'     2 
'Terzyan, S.' 3 
'Zhai, P.'    4 
'Li, G.'      5 
'Zhang, X.C.' 6 
# 
_citation.id                        primary 
_citation.title                     
;High Resolution Crystal Structures of Human Rab5a and Five Mutants with Substitutions in the Catalytically Important Phosphate-Binding Loop
;
_citation.journal_abbrev            J.Biol.Chem. 
_citation.journal_volume            278 
_citation.page_first                2452 
_citation.page_last                 2460 
_citation.year                      2003 
_citation.journal_id_ASTM           JBCHA3 
_citation.country                   US 
_citation.journal_id_ISSN           0021-9258 
_citation.journal_id_CSD            0071 
_citation.book_publisher            ? 
_citation.pdbx_database_id_PubMed   12433916 
_citation.pdbx_database_id_DOI      10.1074/jbc.M211042200 
# 
loop_
_citation_author.citation_id 
_citation_author.name 
_citation_author.ordinal 
_citation_author.identifier_ORCID 
primary 'Zhu, G.'     1 ? 
primary 'Liu, J.'     2 ? 
primary 'Terzyan, S.' 3 ? 
primary 'Zhai, P.'    4 ? 
primary 'Li, G.'      5 ? 
primary 'Zhang, X.C.' 6 ? 
# 
_cell.entry_id           1N6I 
_cell.length_a           35.860 
_cell.length_b           63.910 
_cell.length_c           66.060 
_cell.angle_alpha        90.00 
_cell.angle_beta         90.00 
_cell.angle_gamma        90.00 
_cell.Z_PDB              4 
_cell.pdbx_unique_axis   ? 
# 
_symmetry.entry_id                         1N6I 
_symmetry.space_group_name_H-M             'P 21 21 21' 
_symmetry.pdbx_full_space_group_name_H-M   ? 
_symmetry.cell_setting                     ? 
_symmetry.Int_Tables_number                19 
# 
loop_
_entity.id 
_entity.type 
_entity.src_method 
_entity.pdbx_description 
_entity.formula_weight 
_entity.pdbx_number_of_molecules 
_entity.pdbx_ec 
_entity.pdbx_mutation 
_entity.pdbx_fragment 
_entity.details 
1 polymer     man 'Ras-related protein Rab-5A' 19013.609 1   ? A30P 'GTPASE DOMAIN' ? 
2 non-polymer syn 'MAGNESIUM ION'              24.305    1   ? ?    ?               ? 
3 non-polymer syn "GUANOSINE-5'-DIPHOSPHATE"   443.201   1   ? ?    ?               ? 
4 non-polymer syn BETA-MERCAPTOETHANOL         78.133    1   ? ?    ?               ? 
5 water       nat water                        18.015    236 ? ?    ?               ? 
# 
_entity_name_com.entity_id   1 
_entity_name_com.name        RAB5A 
# 
_entity_poly.entity_id                      1 
_entity_poly.type                           'polypeptide(L)' 
_entity_poly.nstd_linkage                   no 
_entity_poly.nstd_monomer                   no 
_entity_poly.pdbx_seq_one_letter_code       
;GNKICQFKLVLLGESPVGKSSLVLRFVKGQFHEFQESTIGAAFLTQTVCLDDTTVKFEIWDTAGQERYHSLAPMYYRGAQ
AAIVVYDITNEESFARAKNWVKELQRQASPNIVIALSGNKADLANKRAVDFQEAQSYADDNSLLFMETSAKTSMNVNEIF
MAIAKKLPKN
;
_entity_poly.pdbx_seq_one_letter_code_can   
;GNKICQFKLVLLGESPVGKSSLVLRFVKGQFHEFQESTIGAAFLTQTVCLDDTTVKFEIWDTAGQERYHSLAPMYYRGAQ
AAIVVYDITNEESFARAKNWVKELQRQASPNIVIALSGNKADLANKRAVDFQEAQSYADDNSLLFMETSAKTSMNVNEIF
MAIAKKLPKN
;
_entity_poly.pdbx_strand_id                 A 
_entity_poly.pdbx_target_identifier         ? 
# 
loop_
_entity_poly_seq.entity_id 
_entity_poly_seq.num 
_entity_poly_seq.mon_id 
_entity_poly_seq.hetero 
1 1   GLY n 
1 2   ASN n 
1 3   LYS n 
1 4   ILE n 
1 5   CYS n 
1 6   GLN n 
1 7   PHE n 
1 8   LYS n 
1 9   LEU n 
1 10  VAL n 
1 11  LEU n 
1 12  LEU n 
1 13  GLY n 
1 14  GLU n 
1 15  SER n 
1 16  PRO n 
1 17  VAL n 
1 18  GLY n 
1 19  LYS n 
1 20  SER n 
1 21  SER n 
1 22  LEU n 
1 23  VAL n 
1 24  LEU n 
1 25  ARG n 
1 26  PHE n 
1 27  VAL n 
1 28  LYS n 
1 29  GLY n 
1 30  GLN n 
1 31  PHE n 
1 32  HIS n 
1 33  GLU n 
1 34  PHE n 
1 35  GLN n 
1 36  GLU n 
1 37  SER n 
1 38  THR n 
1 39  ILE n 
1 40  GLY n 
1 41  ALA n 
1 42  ALA n 
1 43  PHE n 
1 44  LEU n 
1 45  THR n 
1 46  GLN n 
1 47  THR n 
1 48  VAL n 
1 49  CYS n 
1 50  LEU n 
1 51  ASP n 
1 52  ASP n 
1 53  THR n 
1 54  THR n 
1 55  VAL n 
1 56  LYS n 
1 57  PHE n 
1 58  GLU n 
1 59  ILE n 
1 60  TRP n 
1 61  ASP n 
1 62  THR n 
1 63  ALA n 
1 64  GLY n 
1 65  GLN n 
1 66  GLU n 
1 67  ARG n 
1 68  TYR n 
1 69  HIS n 
1 70  SER n 
1 71  LEU n 
1 72  ALA n 
1 73  PRO n 
1 74  MET n 
1 75  TYR n 
1 76  TYR n 
1 77  ARG n 
1 78  GLY n 
1 79  ALA n 
1 80  GLN n 
1 81  ALA n 
1 82  ALA n 
1 83  ILE n 
1 84  VAL n 
1 85  VAL n 
1 86  TYR n 
1 87  ASP n 
1 88  ILE n 
1 89  THR n 
1 90  ASN n 
1 91  GLU n 
1 92  GLU n 
1 93  SER n 
1 94  PHE n 
1 95  ALA n 
1 96  ARG n 
1 97  ALA n 
1 98  LYS n 
1 99  ASN n 
1 100 TRP n 
1 101 VAL n 
1 102 LYS n 
1 103 GLU n 
1 104 LEU n 
1 105 GLN n 
1 106 ARG n 
1 107 GLN n 
1 108 ALA n 
1 109 SER n 
1 110 PRO n 
1 111 ASN n 
1 112 ILE n 
1 113 VAL n 
1 114 ILE n 
1 115 ALA n 
1 116 LEU n 
1 117 SER n 
1 118 GLY n 
1 119 ASN n 
1 120 LYS n 
1 121 ALA n 
1 122 ASP n 
1 123 LEU n 
1 124 ALA n 
1 125 ASN n 
1 126 LYS n 
1 127 ARG n 
1 128 ALA n 
1 129 VAL n 
1 130 ASP n 
1 131 PHE n 
1 132 GLN n 
1 133 GLU n 
1 134 ALA n 
1 135 GLN n 
1 136 SER n 
1 137 TYR n 
1 138 ALA n 
1 139 ASP n 
1 140 ASP n 
1 141 ASN n 
1 142 SER n 
1 143 LEU n 
1 144 LEU n 
1 145 PHE n 
1 146 MET n 
1 147 GLU n 
1 148 THR n 
1 149 SER n 
1 150 ALA n 
1 151 LYS n 
1 152 THR n 
1 153 SER n 
1 154 MET n 
1 155 ASN n 
1 156 VAL n 
1 157 ASN n 
1 158 GLU n 
1 159 ILE n 
1 160 PHE n 
1 161 MET n 
1 162 ALA n 
1 163 ILE n 
1 164 ALA n 
1 165 LYS n 
1 166 LYS n 
1 167 LEU n 
1 168 PRO n 
1 169 LYS n 
1 170 ASN n 
# 
_entity_src_gen.entity_id                          1 
_entity_src_gen.pdbx_src_id                        1 
_entity_src_gen.pdbx_alt_source_flag               sample 
_entity_src_gen.pdbx_seq_type                      ? 
_entity_src_gen.pdbx_beg_seq_num                   ? 
_entity_src_gen.pdbx_end_seq_num                   ? 
_entity_src_gen.gene_src_common_name               human 
_entity_src_gen.gene_src_genus                     Homo 
_entity_src_gen.pdbx_gene_src_gene                 ? 
_entity_src_gen.gene_src_species                   ? 
_entity_src_gen.gene_src_strain                    ? 
_entity_src_gen.gene_src_tissue                    ? 
_entity_src_gen.gene_src_tissue_fraction           ? 
_entity_src_gen.gene_src_details                   ? 
_entity_src_gen.pdbx_gene_src_fragment             ? 
_entity_src_gen.pdbx_gene_src_scientific_name      'Homo sapiens' 
_entity_src_gen.pdbx_gene_src_ncbi_taxonomy_id     9606 
_entity_src_gen.pdbx_gene_src_variant              ? 
_entity_src_gen.pdbx_gene_src_cell_line            ? 
_entity_src_gen.pdbx_gene_src_atcc                 ? 
_entity_src_gen.pdbx_gene_src_organ                ? 
_entity_src_gen.pdbx_gene_src_organelle            ? 
_entity_src_gen.pdbx_gene_src_cell                 ? 
_entity_src_gen.pdbx_gene_src_cellular_location    ? 
_entity_src_gen.host_org_common_name               ? 
_entity_src_gen.pdbx_host_org_scientific_name      'Escherichia coli BL21(DE3)' 
_entity_src_gen.pdbx_host_org_ncbi_taxonomy_id     469008 
_entity_src_gen.host_org_genus                     Escherichia 
_entity_src_gen.pdbx_host_org_gene                 ? 
_entity_src_gen.pdbx_host_org_organ                ? 
_entity_src_gen.host_org_species                   'Escherichia coli' 
_entity_src_gen.pdbx_host_org_tissue               ? 
_entity_src_gen.pdbx_host_org_tissue_fraction      ? 
_entity_src_gen.pdbx_host_org_strain               'BL21(DE3)' 
_entity_src_gen.pdbx_host_org_variant              ? 
_entity_src_gen.pdbx_host_org_cell_line            ? 
_entity_src_gen.pdbx_host_org_atcc                 ? 
_entity_src_gen.pdbx_host_org_culture_collection   ? 
_entity_src_gen.pdbx_host_org_cell                 ? 
_entity_src_gen.pdbx_host_org_organelle            ? 
_entity_src_gen.pdbx_host_org_cellular_location    ? 
_entity_src_gen.pdbx_host_org_vector_type          PLASMID 
_entity_src_gen.pdbx_host_org_vector               ? 
_entity_src_gen.host_org_details                   ? 
_entity_src_gen.expression_system_id               ? 
_entity_src_gen.plasmid_name                       pET11a 
_entity_src_gen.plasmid_details                    ? 
_entity_src_gen.pdbx_description                   ? 
# 
_struct_ref.id                         1 
_struct_ref.db_name                    UNP 
_struct_ref.db_code                    RAB5A_HUMAN 
_struct_ref.entity_id                  1 
_struct_ref.pdbx_seq_one_letter_code   
;GNKICQFKLVLLGESAVGKSSLVLRFVKGQFHEFQESTIGAAFLTQTVCLDDTTVKFEIWDTAGQERYHSLAPMYYRGAQ
AAIVVYDITNEESFARAKNWVKELQRQASPNIVIALSGNKADLANKRAVDFQEAQSYADDNSLLFMETSAKTSMNVNEIF
MAIAKKLPKN
;
_struct_ref.pdbx_align_begin           15 
_struct_ref.pdbx_db_accession          P20339 
_struct_ref.pdbx_db_isoform            ? 
# 
_struct_ref_seq.align_id                      1 
_struct_ref_seq.ref_id                        1 
_struct_ref_seq.pdbx_PDB_id_code              1N6I 
_struct_ref_seq.pdbx_strand_id                A 
_struct_ref_seq.seq_align_beg                 1 
_struct_ref_seq.pdbx_seq_align_beg_ins_code   ? 
_struct_ref_seq.seq_align_end                 170 
_struct_ref_seq.pdbx_seq_align_end_ins_code   ? 
_struct_ref_seq.pdbx_db_accession             P20339 
_struct_ref_seq.db_align_beg                  15 
_struct_ref_seq.pdbx_db_align_beg_ins_code    ? 
_struct_ref_seq.db_align_end                  184 
_struct_ref_seq.pdbx_db_align_end_ins_code    ? 
_struct_ref_seq.pdbx_auth_seq_align_beg       15 
_struct_ref_seq.pdbx_auth_seq_align_end       184 
# 
_struct_ref_seq_dif.align_id                     1 
_struct_ref_seq_dif.pdbx_pdb_id_code             1N6I 
_struct_ref_seq_dif.mon_id                       PRO 
_struct_ref_seq_dif.pdbx_pdb_strand_id           A 
_struct_ref_seq_dif.seq_num                      16 
_struct_ref_seq_dif.pdbx_pdb_ins_code            ? 
_struct_ref_seq_dif.pdbx_seq_db_name             UNP 
_struct_ref_seq_dif.pdbx_seq_db_accession_code   P20339 
_struct_ref_seq_dif.db_mon_id                    ALA 
_struct_ref_seq_dif.pdbx_seq_db_seq_num          30 
_struct_ref_seq_dif.details                      'engineered mutation' 
_struct_ref_seq_dif.pdbx_auth_seq_num            30 
_struct_ref_seq_dif.pdbx_ordinal                 1 
# 
loop_
_chem_comp.id 
_chem_comp.type 
_chem_comp.mon_nstd_flag 
_chem_comp.name 
_chem_comp.pdbx_synonyms 
_chem_comp.formula 
_chem_comp.formula_weight 
ALA 'L-peptide linking' y ALANINE                    ? 'C3 H7 N O2'        89.093  
ARG 'L-peptide linking' y ARGININE                   ? 'C6 H15 N4 O2 1'    175.209 
ASN 'L-peptide linking' y ASPARAGINE                 ? 'C4 H8 N2 O3'       132.118 
ASP 'L-peptide linking' y 'ASPARTIC ACID'            ? 'C4 H7 N O4'        133.103 
BME non-polymer         . BETA-MERCAPTOETHANOL       ? 'C2 H6 O S'         78.133  
CYS 'L-peptide linking' y CYSTEINE                   ? 'C3 H7 N O2 S'      121.158 
GDP 'RNA linking'       n "GUANOSINE-5'-DIPHOSPHATE" ? 'C10 H15 N5 O11 P2' 443.201 
GLN 'L-peptide linking' y GLUTAMINE                  ? 'C5 H10 N2 O3'      146.144 
GLU 'L-peptide linking' y 'GLUTAMIC ACID'            ? 'C5 H9 N O4'        147.129 
GLY 'peptide linking'   y GLYCINE                    ? 'C2 H5 N O2'        75.067  
HIS 'L-peptide linking' y HISTIDINE                  ? 'C6 H10 N3 O2 1'    156.162 
HOH non-polymer         . WATER                      ? 'H2 O'              18.015  
ILE 'L-peptide linking' y ISOLEUCINE                 ? 'C6 H13 N O2'       131.173 
LEU 'L-peptide linking' y LEUCINE                    ? 'C6 H13 N O2'       131.173 
LYS 'L-peptide linking' y LYSINE                     ? 'C6 H15 N2 O2 1'    147.195 
MET 'L-peptide linking' y METHIONINE                 ? 'C5 H11 N O2 S'     149.211 
MG  non-polymer         . 'MAGNESIUM ION'            ? 'Mg 2'              24.305  
PHE 'L-peptide linking' y PHENYLALANINE              ? 'C9 H11 N O2'       165.189 
PRO 'L-peptide linking' y PROLINE                    ? 'C5 H9 N O2'        115.130 
SER 'L-peptide linking' y SERINE                     ? 'C3 H7 N O3'        105.093 
THR 'L-peptide linking' y THREONINE                  ? 'C4 H9 N O3'        119.119 
TRP 'L-peptide linking' y TRYPTOPHAN                 ? 'C11 H12 N2 O2'     204.225 
TYR 'L-peptide linking' y TYROSINE                   ? 'C9 H11 N O3'       181.189 
VAL 'L-peptide linking' y VALINE                     ? 'C5 H11 N O2'       117.146 
# 
_exptl.entry_id          1N6I 
_exptl.method            'X-RAY DIFFRACTION' 
_exptl.crystals_number   1 
# 
_exptl_crystal.id                    1 
_exptl_crystal.density_meas          ? 
_exptl_crystal.density_Matthews      2 
_exptl_crystal.density_percent_sol   37.5 
_exptl_crystal.description           ? 
# 
_exptl_crystal_grow.crystal_id      1 
_exptl_crystal_grow.method          'VAPOR DIFFUSION, HANGING DROP' 
_exptl_crystal_grow.temp            298 
_exptl_crystal_grow.temp_details    ? 
_exptl_crystal_grow.pH              6.0 
_exptl_crystal_grow.pdbx_details    'PEG 6000, sodium chloride, MES, pH 6.0, VAPOR DIFFUSION, HANGING DROP, temperature 298K' 
_exptl_crystal_grow.pdbx_pH_range   . 
# 
_diffrn.id                     1 
_diffrn.ambient_temp           100 
_diffrn.ambient_temp_details   ? 
_diffrn.crystal_id             1 
# 
_diffrn_detector.diffrn_id              1 
_diffrn_detector.detector               'IMAGE PLATE' 
_diffrn_detector.type                   MARRESEARCH 
_diffrn_detector.pdbx_collection_date   2002-08-11 
_diffrn_detector.details                mirrors 
# 
_diffrn_radiation.diffrn_id                        1 
_diffrn_radiation.wavelength_id                    1 
_diffrn_radiation.pdbx_monochromatic_or_laue_m_l   M 
_diffrn_radiation.monochromator                    'OSMIC OPTICS' 
_diffrn_radiation.pdbx_diffrn_protocol             'SINGLE WAVELENGTH' 
_diffrn_radiation.pdbx_scattering_type             x-ray 
# 
_diffrn_radiation_wavelength.id           1 
_diffrn_radiation_wavelength.wavelength   1.5418 
_diffrn_radiation_wavelength.wt           1.0 
# 
_diffrn_source.diffrn_id                   1 
_diffrn_source.source                      'ROTATING ANODE' 
_diffrn_source.type                        RIGAKU 
_diffrn_source.pdbx_synchrotron_site       ? 
_diffrn_source.pdbx_synchrotron_beamline   ? 
_diffrn_source.pdbx_wavelength             ? 
_diffrn_source.pdbx_wavelength_list        1.5418 
# 
_reflns.entry_id                     1N6I 
_reflns.observed_criterion_sigma_F   0.0 
_reflns.observed_criterion_sigma_I   0.0 
_reflns.d_resolution_high            1.60 
_reflns.d_resolution_low             20 
_reflns.number_all                   20680 
_reflns.number_obs                   20268 
_reflns.percent_possible_obs         98.0 
_reflns.pdbx_Rmerge_I_obs            0.046 
_reflns.pdbx_Rsym_value              ? 
_reflns.pdbx_netI_over_sigmaI        32.7 
_reflns.B_iso_Wilson_estimate        20.7 
_reflns.pdbx_redundancy              5.3 
_reflns.R_free_details               ? 
_reflns.limit_h_max                  ? 
_reflns.limit_h_min                  ? 
_reflns.limit_k_max                  ? 
_reflns.limit_k_min                  ? 
_reflns.limit_l_max                  ? 
_reflns.limit_l_min                  ? 
_reflns.observed_criterion_F_max     ? 
_reflns.observed_criterion_F_min     ? 
_reflns.pdbx_diffrn_id               1 
_reflns.pdbx_ordinal                 1 
# 
_reflns_shell.d_res_high             1.60 
_reflns_shell.d_res_low              1.66 
_reflns_shell.percent_possible_all   95.0 
_reflns_shell.Rmerge_I_obs           0.29 
_reflns_shell.pdbx_Rsym_value        ? 
_reflns_shell.meanI_over_sigI_obs    ? 
_reflns_shell.pdbx_redundancy        ? 
_reflns_shell.percent_possible_obs   ? 
_reflns_shell.number_unique_all      ? 
_reflns_shell.pdbx_diffrn_id         ? 
_reflns_shell.pdbx_ordinal           1 
# 
_refine.entry_id                                 1N6I 
_refine.ls_d_res_high                            1.60 
_refine.ls_d_res_low                             20 
_refine.pdbx_ls_sigma_F                          0.0 
_refine.pdbx_ls_sigma_I                          ? 
_refine.ls_number_reflns_all                     20268 
_refine.ls_number_reflns_obs                     19286 
_refine.ls_number_reflns_R_free                  982 
_refine.ls_percent_reflns_obs                    98.1 
_refine.ls_R_factor_all                          0.18 
_refine.ls_R_factor_obs                          0.18 
_refine.ls_R_factor_R_work                       0.178 
_refine.ls_R_factor_R_free                       0.214 
_refine.ls_redundancy_reflns_obs                 ? 
_refine.pdbx_data_cutoff_high_absF               ? 
_refine.pdbx_data_cutoff_low_absF                ? 
_refine.ls_number_parameters                     ? 
_refine.ls_number_restraints                     ? 
_refine.ls_percent_reflns_R_free                 ? 
_refine.ls_R_factor_R_free_error                 ? 
_refine.ls_R_factor_R_free_error_details         ? 
_refine.pdbx_method_to_determine_struct          'FOURIER SYNTHESIS' 
_refine.pdbx_starting_model                      ? 
_refine.pdbx_ls_cross_valid_method               THROUGHOUT 
_refine.pdbx_R_Free_selection_details            RANDOM 
_refine.pdbx_stereochem_target_val_spec_case     ? 
_refine.pdbx_stereochemistry_target_values       'Engh & Huber' 
_refine.solvent_model_details                    ? 
_refine.solvent_model_param_bsol                 ? 
_refine.solvent_model_param_ksol                 ? 
_refine.occupancy_max                            ? 
_refine.occupancy_min                            ? 
_refine.pdbx_isotropic_thermal_model             ? 
_refine.B_iso_mean                               ? 
_refine.aniso_B[1][1]                            0.881 
_refine.aniso_B[1][2]                            0 
_refine.aniso_B[1][3]                            0 
_refine.aniso_B[2][2]                            -0.787 
_refine.aniso_B[2][3]                            0 
_refine.aniso_B[3][3]                            -0.095 
_refine.details                                  ? 
_refine.B_iso_min                                ? 
_refine.B_iso_max                                ? 
_refine.correlation_coeff_Fo_to_Fc               ? 
_refine.correlation_coeff_Fo_to_Fc_free          ? 
_refine.pdbx_solvent_vdw_probe_radii             ? 
_refine.pdbx_solvent_ion_probe_radii             ? 
_refine.pdbx_solvent_shrinkage_radii             ? 
_refine.overall_SU_R_Cruickshank_DPI             ? 
_refine.overall_SU_R_free                        ? 
_refine.overall_SU_B                             ? 
_refine.overall_SU_ML                            ? 
_refine.pdbx_overall_ESU_R                       ? 
_refine.pdbx_overall_ESU_R_Free                  ? 
_refine.pdbx_data_cutoff_high_rms_absF           ? 
_refine.pdbx_refine_id                           'X-RAY DIFFRACTION' 
_refine.pdbx_diffrn_id                           1 
_refine.pdbx_TLS_residual_ADP_flag               ? 
_refine.pdbx_overall_phase_error                 ? 
_refine.pdbx_overall_SU_R_free_Cruickshank_DPI   ? 
_refine.pdbx_overall_SU_R_Blow_DPI               ? 
_refine.pdbx_overall_SU_R_free_Blow_DPI          ? 
# 
_refine_analyze.entry_id                        1N6I 
_refine_analyze.Luzzati_coordinate_error_obs    0.17 
_refine_analyze.Luzzati_sigma_a_obs             0.09 
_refine_analyze.Luzzati_d_res_low_obs           5 
_refine_analyze.Luzzati_coordinate_error_free   0.20 
_refine_analyze.Luzzati_sigma_a_free            0.12 
_refine_analyze.Luzzati_d_res_low_free          ? 
_refine_analyze.number_disordered_residues      ? 
_refine_analyze.occupancy_sum_non_hydrogen      ? 
_refine_analyze.occupancy_sum_hydrogen          ? 
_refine_analyze.pdbx_Luzzati_d_res_high_obs     ? 
_refine_analyze.pdbx_refine_id                  'X-RAY DIFFRACTION' 
# 
_refine_hist.pdbx_refine_id                   'X-RAY DIFFRACTION' 
_refine_hist.cycle_id                         LAST 
_refine_hist.pdbx_number_atoms_protein        1361 
_refine_hist.pdbx_number_atoms_nucleic_acid   0 
_refine_hist.pdbx_number_atoms_ligand         33 
_refine_hist.number_atoms_solvent             236 
_refine_hist.number_atoms_total               1630 
_refine_hist.d_res_high                       1.60 
_refine_hist.d_res_low                        20 
# 
loop_
_refine_ls_restr.type 
_refine_ls_restr.dev_ideal 
_refine_ls_restr.dev_ideal_target 
_refine_ls_restr.weight 
_refine_ls_restr.number 
_refine_ls_restr.pdbx_refine_id 
_refine_ls_restr.pdbx_restraint_function 
c_bond_d     0.010 ?   ? ? 'X-RAY DIFFRACTION' ? 
c_angle_deg  1.5   ?   ? ? 'X-RAY DIFFRACTION' ? 
c_mcangle_it 2.933 2   ? ? 'X-RAY DIFFRACTION' ? 
c_mcbond_it  2.185 1.5 ? ? 'X-RAY DIFFRACTION' ? 
c_scangle_it 5.433 2.5 ? ? 'X-RAY DIFFRACTION' ? 
c_scbond_it  4.018 2   ? ? 'X-RAY DIFFRACTION' ? 
# 
loop_
_pdbx_xplor_file.serial_no 
_pdbx_xplor_file.param_file 
_pdbx_xplor_file.topol_file 
_pdbx_xplor_file.pdbx_refine_id 
1 protein_rep.param protein.top 'X-RAY DIFFRACTION' 
2 gdp.param         gdp.top     'X-RAY DIFFRACTION' 
3 water_rep.param   water.top   'X-RAY DIFFRACTION' 
4 ion.param         ion.top     'X-RAY DIFFRACTION' 
5 bme1.param        bme1.top    'X-RAY DIFFRACTION' 
# 
_struct.entry_id                  1N6I 
_struct.title                     'Crystal Structure of Human Rab5a A30P mutant Complex with GDP' 
_struct.pdbx_model_details        ? 
_struct.pdbx_CASP_flag            ? 
_struct.pdbx_model_type_details   ? 
# 
_struct_keywords.entry_id        1N6I 
_struct_keywords.pdbx_keywords   'PROTEIN TRANSPORT' 
_struct_keywords.text            'Rab, GTPase, Protein Transport' 
# 
loop_
_struct_asym.id 
_struct_asym.pdbx_blank_PDB_chainid_flag 
_struct_asym.pdbx_modified 
_struct_asym.entity_id 
_struct_asym.details 
A N N 1 ? 
B N N 2 ? 
C N N 3 ? 
D N N 4 ? 
E N N 5 ? 
# 
_struct_biol.id                    1 
_struct_biol.pdbx_parent_biol_id   ? 
_struct_biol.details               ? 
# 
loop_
_struct_conf.conf_type_id 
_struct_conf.id 
_struct_conf.pdbx_PDB_helix_id 
_struct_conf.beg_label_comp_id 
_struct_conf.beg_label_asym_id 
_struct_conf.beg_label_seq_id 
_struct_conf.pdbx_beg_PDB_ins_code 
_struct_conf.end_label_comp_id 
_struct_conf.end_label_asym_id 
_struct_conf.end_label_seq_id 
_struct_conf.pdbx_end_PDB_ins_code 
_struct_conf.beg_auth_comp_id 
_struct_conf.beg_auth_asym_id 
_struct_conf.beg_auth_seq_id 
_struct_conf.end_auth_comp_id 
_struct_conf.end_auth_asym_id 
_struct_conf.end_auth_seq_id 
_struct_conf.pdbx_PDB_helix_class 
_struct_conf.details 
_struct_conf.pdbx_PDB_helix_length 
HELX_P HELX_P1 1 GLY A 18  ? GLY A 29  ? GLY A 32  GLY A 43  1 ? 12 
HELX_P HELX_P2 2 GLN A 65  ? SER A 70  ? GLN A 79  SER A 84  5 ? 6  
HELX_P HELX_P3 3 LEU A 71  ? ARG A 77  ? LEU A 85  ARG A 91  1 ? 7  
HELX_P HELX_P4 4 ASN A 90  ? ALA A 108 ? ASN A 104 ALA A 122 1 ? 19 
HELX_P HELX_P5 5 LYS A 120 ? ARG A 127 ? LYS A 134 ARG A 141 5 ? 8  
HELX_P HELX_P6 6 ASP A 130 ? ASN A 141 ? ASP A 144 ASN A 155 1 ? 12 
HELX_P HELX_P7 7 ASN A 155 ? LEU A 167 ? ASN A 169 LEU A 181 1 ? 13 
# 
_struct_conf_type.id          HELX_P 
_struct_conf_type.criteria    ? 
_struct_conf_type.reference   ? 
# 
loop_
_struct_conn.id 
_struct_conn.conn_type_id 
_struct_conn.pdbx_leaving_atom_flag 
_struct_conn.pdbx_PDB_id 
_struct_conn.ptnr1_label_asym_id 
_struct_conn.ptnr1_label_comp_id 
_struct_conn.ptnr1_label_seq_id 
_struct_conn.ptnr1_label_atom_id 
_struct_conn.pdbx_ptnr1_label_alt_id 
_struct_conn.pdbx_ptnr1_PDB_ins_code 
_struct_conn.pdbx_ptnr1_standard_comp_id 
_struct_conn.ptnr1_symmetry 
_struct_conn.ptnr2_label_asym_id 
_struct_conn.ptnr2_label_comp_id 
_struct_conn.ptnr2_label_seq_id 
_struct_conn.ptnr2_label_atom_id 
_struct_conn.pdbx_ptnr2_label_alt_id 
_struct_conn.pdbx_ptnr2_PDB_ins_code 
_struct_conn.ptnr1_auth_asym_id 
_struct_conn.ptnr1_auth_comp_id 
_struct_conn.ptnr1_auth_seq_id 
_struct_conn.ptnr2_auth_asym_id 
_struct_conn.ptnr2_auth_comp_id 
_struct_conn.ptnr2_auth_seq_id 
_struct_conn.ptnr2_symmetry 
_struct_conn.pdbx_ptnr3_label_atom_id 
_struct_conn.pdbx_ptnr3_label_seq_id 
_struct_conn.pdbx_ptnr3_label_comp_id 
_struct_conn.pdbx_ptnr3_label_asym_id 
_struct_conn.pdbx_ptnr3_label_alt_id 
_struct_conn.pdbx_ptnr3_PDB_ins_code 
_struct_conn.details 
_struct_conn.pdbx_dist_value 
_struct_conn.pdbx_value_order 
_struct_conn.pdbx_role 
covale1 covale none ? A CYS 49 SG  ? ? ? 1_555 D BME . S2 ? ? A CYS 63  A BME 210 1_555 ? ? ? ? ? ? ? 2.038 ? ? 
metalc1 metalc ?    ? A SER 20 OG  ? ? ? 1_555 B MG  . MG ? ? A SER 34  A MG  201 1_555 ? ? ? ? ? ? ? 2.091 ? ? 
metalc2 metalc ?    ? A THR 38 OG1 ? ? ? 1_555 B MG  . MG ? ? A THR 52  A MG  201 1_555 ? ? ? ? ? ? ? 2.168 ? ? 
metalc3 metalc ?    ? C GDP .  O3B ? ? ? 1_555 B MG  . MG ? ? A GDP 200 A MG  201 1_555 ? ? ? ? ? ? ? 2.006 ? ? 
metalc4 metalc ?    ? B MG  .  MG  ? ? ? 1_555 E HOH . O  ? ? A MG  201 A HOH 300 1_555 ? ? ? ? ? ? ? 2.160 ? ? 
metalc5 metalc ?    ? B MG  .  MG  ? ? ? 1_555 E HOH . O  ? ? A MG  201 A HOH 301 1_555 ? ? ? ? ? ? ? 2.127 ? ? 
metalc6 metalc ?    ? B MG  .  MG  ? ? ? 1_555 E HOH . O  ? ? A MG  201 A HOH 302 1_555 ? ? ? ? ? ? ? 2.078 ? ? 
# 
loop_
_struct_conn_type.id 
_struct_conn_type.criteria 
_struct_conn_type.reference 
covale ? ? 
metalc ? ? 
# 
loop_
_struct_mon_prot_cis.pdbx_id 
_struct_mon_prot_cis.label_comp_id 
_struct_mon_prot_cis.label_seq_id 
_struct_mon_prot_cis.label_asym_id 
_struct_mon_prot_cis.label_alt_id 
_struct_mon_prot_cis.pdbx_PDB_ins_code 
_struct_mon_prot_cis.auth_comp_id 
_struct_mon_prot_cis.auth_seq_id 
_struct_mon_prot_cis.auth_asym_id 
_struct_mon_prot_cis.pdbx_label_comp_id_2 
_struct_mon_prot_cis.pdbx_label_seq_id_2 
_struct_mon_prot_cis.pdbx_label_asym_id_2 
_struct_mon_prot_cis.pdbx_PDB_ins_code_2 
_struct_mon_prot_cis.pdbx_auth_comp_id_2 
_struct_mon_prot_cis.pdbx_auth_seq_id_2 
_struct_mon_prot_cis.pdbx_auth_asym_id_2 
_struct_mon_prot_cis.pdbx_PDB_model_num 
_struct_mon_prot_cis.pdbx_omega_angle 
1 SER 15 A . ? SER 29 A PRO 16 A ? PRO 30 A 1 -0.75 
2 SER 15 A . ? SER 29 A PRO 16 A ? PRO 30 A 1 -0.20 
# 
_struct_sheet.id               A 
_struct_sheet.type             ? 
_struct_sheet.number_strands   6 
_struct_sheet.details          ? 
# 
loop_
_struct_sheet_order.sheet_id 
_struct_sheet_order.range_id_1 
_struct_sheet_order.range_id_2 
_struct_sheet_order.offset 
_struct_sheet_order.sense 
A 1 2 ? anti-parallel 
A 2 3 ? parallel      
A 3 4 ? parallel      
A 4 5 ? parallel      
A 5 6 ? parallel      
# 
loop_
_struct_sheet_range.sheet_id 
_struct_sheet_range.id 
_struct_sheet_range.beg_label_comp_id 
_struct_sheet_range.beg_label_asym_id 
_struct_sheet_range.beg_label_seq_id 
_struct_sheet_range.pdbx_beg_PDB_ins_code 
_struct_sheet_range.end_label_comp_id 
_struct_sheet_range.end_label_asym_id 
_struct_sheet_range.end_label_seq_id 
_struct_sheet_range.pdbx_end_PDB_ins_code 
_struct_sheet_range.beg_auth_comp_id 
_struct_sheet_range.beg_auth_asym_id 
_struct_sheet_range.beg_auth_seq_id 
_struct_sheet_range.end_auth_comp_id 
_struct_sheet_range.end_auth_asym_id 
_struct_sheet_range.end_auth_seq_id 
A 1 ALA A 41  ? LEU A 50  ? ALA A 55  LEU A 64  
A 2 THR A 53  ? THR A 62  ? THR A 67  THR A 76  
A 3 LYS A 3   ? LEU A 12  ? LYS A 17  LEU A 26  
A 4 ALA A 81  ? ASP A 87  ? ALA A 95  ASP A 101 
A 5 VAL A 113 ? ASN A 119 ? VAL A 127 ASN A 133 
A 6 LEU A 144 ? GLU A 147 ? LEU A 158 GLU A 161 
# 
loop_
_pdbx_struct_sheet_hbond.sheet_id 
_pdbx_struct_sheet_hbond.range_id_1 
_pdbx_struct_sheet_hbond.range_id_2 
_pdbx_struct_sheet_hbond.range_1_label_atom_id 
_pdbx_struct_sheet_hbond.range_1_label_comp_id 
_pdbx_struct_sheet_hbond.range_1_label_asym_id 
_pdbx_struct_sheet_hbond.range_1_label_seq_id 
_pdbx_struct_sheet_hbond.range_1_PDB_ins_code 
_pdbx_struct_sheet_hbond.range_1_auth_atom_id 
_pdbx_struct_sheet_hbond.range_1_auth_comp_id 
_pdbx_struct_sheet_hbond.range_1_auth_asym_id 
_pdbx_struct_sheet_hbond.range_1_auth_seq_id 
_pdbx_struct_sheet_hbond.range_2_label_atom_id 
_pdbx_struct_sheet_hbond.range_2_label_comp_id 
_pdbx_struct_sheet_hbond.range_2_label_asym_id 
_pdbx_struct_sheet_hbond.range_2_label_seq_id 
_pdbx_struct_sheet_hbond.range_2_PDB_ins_code 
_pdbx_struct_sheet_hbond.range_2_auth_atom_id 
_pdbx_struct_sheet_hbond.range_2_auth_comp_id 
_pdbx_struct_sheet_hbond.range_2_auth_asym_id 
_pdbx_struct_sheet_hbond.range_2_auth_seq_id 
A 1 2 N GLN A 46  ? N GLN A 60  O PHE A 57  ? O PHE A 71  
A 2 3 O GLU A 58  ? O GLU A 72  N LEU A 9   ? N LEU A 23  
A 3 4 N LEU A 12  ? N LEU A 26  O VAL A 85  ? O VAL A 99  
A 4 5 N ALA A 82  ? N ALA A 96  O ALA A 115 ? O ALA A 129 
A 5 6 N LEU A 116 ? N LEU A 130 O LEU A 144 ? O LEU A 158 
# 
loop_
_struct_site.id 
_struct_site.pdbx_evidence_code 
_struct_site.pdbx_auth_asym_id 
_struct_site.pdbx_auth_comp_id 
_struct_site.pdbx_auth_seq_id 
_struct_site.pdbx_auth_ins_code 
_struct_site.pdbx_num_residues 
_struct_site.details 
AC1 Software A MG  201 ? 6  'BINDING SITE FOR RESIDUE MG A 201'  
AC2 Software A GDP 200 ? 29 'BINDING SITE FOR RESIDUE GDP A 200' 
AC3 Software A BME 210 ? 7  'BINDING SITE FOR RESIDUE BME A 210' 
# 
loop_
_struct_site_gen.id 
_struct_site_gen.site_id 
_struct_site_gen.pdbx_num_res 
_struct_site_gen.label_comp_id 
_struct_site_gen.label_asym_id 
_struct_site_gen.label_seq_id 
_struct_site_gen.pdbx_auth_ins_code 
_struct_site_gen.auth_comp_id 
_struct_site_gen.auth_asym_id 
_struct_site_gen.auth_seq_id 
_struct_site_gen.label_atom_id 
_struct_site_gen.label_alt_id 
_struct_site_gen.symmetry 
_struct_site_gen.details 
1  AC1 6  SER A 20  ? SER A 34  . ? 1_555 ? 
2  AC1 6  THR A 38  ? THR A 52  . ? 1_555 ? 
3  AC1 6  GDP C .   ? GDP A 200 . ? 1_555 ? 
4  AC1 6  HOH E .   ? HOH A 300 . ? 1_555 ? 
5  AC1 6  HOH E .   ? HOH A 301 . ? 1_555 ? 
6  AC1 6  HOH E .   ? HOH A 302 . ? 1_555 ? 
7  AC2 29 SER A 15  ? SER A 29  . ? 1_555 ? 
8  AC2 29 PRO A 16  ? PRO A 30  . ? 1_555 ? 
9  AC2 29 VAL A 17  ? VAL A 31  . ? 1_555 ? 
10 AC2 29 GLY A 18  ? GLY A 32  . ? 1_555 ? 
11 AC2 29 LYS A 19  ? LYS A 33  . ? 1_555 ? 
12 AC2 29 SER A 20  ? SER A 34  . ? 1_555 ? 
13 AC2 29 SER A 21  ? SER A 35  . ? 1_555 ? 
14 AC2 29 PHE A 31  ? PHE A 45  . ? 1_555 ? 
15 AC2 29 HIS A 32  ? HIS A 46  . ? 1_555 ? 
16 AC2 29 GLU A 33  ? GLU A 47  . ? 1_555 ? 
17 AC2 29 GLN A 35  ? GLN A 49  . ? 1_555 ? 
18 AC2 29 ASN A 119 ? ASN A 133 . ? 1_555 ? 
19 AC2 29 LYS A 120 ? LYS A 134 . ? 1_555 ? 
20 AC2 29 ASP A 122 ? ASP A 136 . ? 1_555 ? 
21 AC2 29 LEU A 123 ? LEU A 137 . ? 1_555 ? 
22 AC2 29 SER A 149 ? SER A 163 . ? 1_555 ? 
23 AC2 29 ALA A 150 ? ALA A 164 . ? 1_555 ? 
24 AC2 29 LYS A 151 ? LYS A 165 . ? 1_555 ? 
25 AC2 29 LYS A 166 ? LYS A 180 . ? 2_555 ? 
26 AC2 29 MG  B .   ? MG  A 201 . ? 1_555 ? 
27 AC2 29 HOH E .   ? HOH A 300 . ? 1_555 ? 
28 AC2 29 HOH E .   ? HOH A 301 . ? 1_555 ? 
29 AC2 29 HOH E .   ? HOH A 302 . ? 1_555 ? 
30 AC2 29 HOH E .   ? HOH A 304 . ? 1_555 ? 
31 AC2 29 HOH E .   ? HOH A 333 . ? 1_555 ? 
32 AC2 29 HOH E .   ? HOH A 341 . ? 1_555 ? 
33 AC2 29 HOH E .   ? HOH A 400 . ? 1_555 ? 
34 AC2 29 HOH E .   ? HOH A 512 . ? 1_555 ? 
35 AC2 29 HOH E .   ? HOH A 528 . ? 1_555 ? 
36 AC3 7  GLY A 1   ? GLY A 15  . ? 1_555 ? 
37 AC3 7  ALA A 41  ? ALA A 55  . ? 4_556 ? 
38 AC3 7  CYS A 49  ? CYS A 63  . ? 1_555 ? 
39 AC3 7  ASP A 51  ? ASP A 65  . ? 1_555 ? 
40 AC3 7  ASP A 52  ? ASP A 66  . ? 1_555 ? 
41 AC3 7  THR A 53  ? THR A 67  . ? 1_555 ? 
42 AC3 7  THR A 54  ? THR A 68  . ? 1_555 ? 
# 
_atom_sites.entry_id                    1N6I 
_atom_sites.fract_transf_matrix[1][1]   -0.02143425 
_atom_sites.fract_transf_matrix[1][2]   0.01682644 
_atom_sites.fract_transf_matrix[1][3]   -0.00592222 
_atom_sites.fract_transf_matrix[2][1]   0.00134900 
_atom_sites.fract_transf_matrix[2][2]   -0.00361834 
_atom_sites.fract_transf_matrix[2][3]   -0.01516300 
_atom_sites.fract_transf_matrix[3][1]   -0.00959517 
_atom_sites.fract_transf_matrix[3][2]   -0.01155290 
_atom_sites.fract_transf_matrix[3][3]   0.00190321 
_atom_sites.fract_transf_vector[1]      0.100381 
_atom_sites.fract_transf_vector[2]      0.022074 
_atom_sites.fract_transf_vector[3]      0.476234 
# 
loop_
_atom_type.symbol 
C  
MG 
N  
O  
P  
S  
# 
loop_
_atom_site.group_PDB 
_atom_site.id 
_atom_site.type_symbol 
_atom_site.label_atom_id 
_atom_site.label_alt_id 
_atom_site.label_comp_id 
_atom_site.label_asym_id 
_atom_site.label_entity_id 
_atom_site.label_seq_id 
_atom_site.pdbx_PDB_ins_code 
_atom_site.Cartn_x 
_atom_site.Cartn_y 
_atom_site.Cartn_z 
_atom_site.occupancy 
_atom_site.B_iso_or_equiv 
_atom_site.pdbx_formal_charge 
_atom_site.auth_seq_id 
_atom_site.auth_comp_id 
_atom_site.auth_asym_id 
_atom_site.auth_atom_id 
_atom_site.pdbx_PDB_model_num 
ATOM   1    N  N     . GLY A 1 1   ? 2.750   10.084  -25.278 1.00 29.30 ? 15  GLY A N     1 
ATOM   2    C  CA    . GLY A 1 1   ? 4.173   9.643   -25.366 1.00 32.80 ? 15  GLY A CA    1 
ATOM   3    C  C     . GLY A 1 1   ? 4.267   8.174   -25.733 1.00 30.46 ? 15  GLY A C     1 
ATOM   4    O  O     . GLY A 1 1   ? 3.294   7.427   -25.595 1.00 27.96 ? 15  GLY A O     1 
ATOM   5    N  N     . ASN A 1 2   ? 5.443   7.757   -26.191 1.00 33.25 ? 16  ASN A N     1 
ATOM   6    C  CA    . ASN A 1 2   ? 5.664   6.372   -26.592 1.00 32.28 ? 16  ASN A CA    1 
ATOM   7    C  C     . ASN A 1 2   ? 6.550   5.608   -25.604 1.00 33.48 ? 16  ASN A C     1 
ATOM   8    O  O     . ASN A 1 2   ? 6.844   4.433   -25.820 1.00 31.80 ? 16  ASN A O     1 
ATOM   9    C  CB    . ASN A 1 2   ? 6.315   6.329   -27.981 1.00 38.96 ? 16  ASN A CB    1 
ATOM   10   C  CG    . ASN A 1 2   ? 7.780   6.722   -27.947 1.00 41.20 ? 16  ASN A CG    1 
ATOM   11   O  OD1   . ASN A 1 2   ? 8.139   7.776   -27.427 1.00 47.75 ? 16  ASN A OD1   1 
ATOM   12   N  ND2   . ASN A 1 2   ? 8.637   5.870   -28.500 1.00 49.36 ? 16  ASN A ND2   1 
ATOM   13   N  N     . LYS A 1 3   ? 6.976   6.268   -24.529 1.00 31.95 ? 17  LYS A N     1 
ATOM   14   C  CA    . LYS A 1 3   ? 7.827   5.611   -23.532 1.00 33.92 ? 17  LYS A CA    1 
ATOM   15   C  C     . LYS A 1 3   ? 7.029   4.636   -22.689 1.00 30.91 ? 17  LYS A C     1 
ATOM   16   O  O     . LYS A 1 3   ? 5.844   4.847   -22.439 1.00 27.21 ? 17  LYS A O     1 
ATOM   17   C  CB    . LYS A 1 3   ? 8.489   6.633   -22.605 1.00 33.68 ? 17  LYS A CB    1 
ATOM   18   C  CG    . LYS A 1 3   ? 9.696   7.338   -23.206 1.00 39.02 ? 17  LYS A CG    1 
ATOM   19   C  CD    . LYS A 1 3   ? 10.317  8.322   -22.223 1.00 43.70 ? 17  LYS A CD    1 
ATOM   20   C  CE    . LYS A 1 3   ? 10.879  7.621   -20.985 1.00 42.70 ? 17  LYS A CE    1 
ATOM   21   N  NZ    . LYS A 1 3   ? 11.610  8.581   -20.094 1.00 38.63 ? 17  LYS A NZ    1 
ATOM   22   N  N     . ILE A 1 4   ? 7.690   3.568   -22.260 1.00 31.11 ? 18  ILE A N     1 
ATOM   23   C  CA    . ILE A 1 4   ? 7.051   2.550   -21.441 1.00 31.04 ? 18  ILE A CA    1 
ATOM   24   C  C     . ILE A 1 4   ? 7.909   2.175   -20.246 1.00 27.22 ? 18  ILE A C     1 
ATOM   25   O  O     . ILE A 1 4   ? 9.118   1.973   -20.362 1.00 26.68 ? 18  ILE A O     1 
ATOM   26   C  CB    . ILE A 1 4   ? 6.762   1.273   -22.254 1.00 31.22 ? 18  ILE A CB    1 
ATOM   27   C  CG1   . ILE A 1 4   ? 5.727   1.587   -23.346 1.00 39.04 ? 18  ILE A CG1   1 
ATOM   28   C  CG2   . ILE A 1 4   ? 6.269   0.171   -21.328 1.00 37.68 ? 18  ILE A CG2   1 
ATOM   29   C  CD1   . ILE A 1 4   ? 5.287   0.385   -24.168 1.00 41.00 ? 18  ILE A CD1   1 
ATOM   30   N  N     . CYS A 1 5   ? 7.274   2.087   -19.083 1.00 25.36 ? 19  CYS A N     1 
ATOM   31   C  CA    . CYS A 1 5   ? 7.977   1.722   -17.868 1.00 19.99 ? 19  CYS A CA    1 
ATOM   32   C  C     . CYS A 1 5   ? 7.188   0.653   -17.128 1.00 23.86 ? 19  CYS A C     1 
ATOM   33   O  O     . CYS A 1 5   ? 5.957   0.613   -17.195 1.00 22.19 ? 19  CYS A O     1 
ATOM   34   C  CB    . CYS A 1 5   ? 8.142   2.947   -16.963 1.00 24.86 ? 19  CYS A CB    1 
ATOM   35   S  SG    . CYS A 1 5   ? 9.188   4.259   -17.623 1.00 35.37 ? 19  CYS A SG    1 
ATOM   36   N  N     . GLN A 1 6   ? 7.896   -0.228  -16.432 1.00 21.27 ? 20  GLN A N     1 
ATOM   37   C  CA    . GLN A 1 6   ? 7.243   -1.264  -15.640 1.00 17.15 ? 20  GLN A CA    1 
ATOM   38   C  C     . GLN A 1 6   ? 7.921   -1.344  -14.280 1.00 16.70 ? 20  GLN A C     1 
ATOM   39   O  O     . GLN A 1 6   ? 9.143   -1.324  -14.192 1.00 17.59 ? 20  GLN A O     1 
ATOM   40   C  CB    . GLN A 1 6   ? 7.340   -2.635  -16.324 1.00 19.32 ? 20  GLN A CB    1 
ATOM   41   C  CG    . GLN A 1 6   ? 6.815   -3.777  -15.430 1.00 18.99 ? 20  GLN A CG    1 
ATOM   42   C  CD    . GLN A 1 6   ? 6.593   -5.085  -16.173 1.00 21.44 ? 20  GLN A CD    1 
ATOM   43   O  OE1   . GLN A 1 6   ? 5.800   -5.149  -17.108 1.00 23.70 ? 20  GLN A OE1   1 
ATOM   44   N  NE2   . GLN A 1 6   ? 7.286   -6.140  -15.750 1.00 19.60 ? 20  GLN A NE2   1 
ATOM   45   N  N     . PHE A 1 7   ? 7.145   -1.399  -13.207 1.00 15.91 ? 21  PHE A N     1 
ATOM   46   C  CA    . PHE A 1 7   ? 7.799   -1.546  -11.911 1.00 16.68 ? 21  PHE A CA    1 
ATOM   47   C  C     . PHE A 1 7   ? 7.035   -2.511  -11.008 1.00 15.96 ? 21  PHE A C     1 
ATOM   48   O  O     . PHE A 1 7   ? 5.836   -2.731  -11.191 1.00 13.97 ? 21  PHE A O     1 
ATOM   49   C  CB    . PHE A 1 7   ? 7.984   -0.197  -11.236 1.00 25.50 ? 21  PHE A CB    1 
ATOM   50   C  CG    . PHE A 1 7   ? 6.776   0.296   -10.547 1.00 27.71 ? 21  PHE A CG    1 
ATOM   51   C  CD1   . PHE A 1 7   ? 6.620   0.112   -9.171  1.00 30.27 ? 21  PHE A CD1   1 
ATOM   52   C  CD2   . PHE A 1 7   ? 5.782   0.949   -11.255 1.00 32.99 ? 21  PHE A CD2   1 
ATOM   53   C  CE1   . PHE A 1 7   ? 5.493   0.581   -8.515  1.00 33.39 ? 21  PHE A CE1   1 
ATOM   54   C  CE2   . PHE A 1 7   ? 4.655   1.419   -10.608 1.00 34.38 ? 21  PHE A CE2   1 
ATOM   55   C  CZ    . PHE A 1 7   ? 4.511   1.234   -9.235  1.00 34.63 ? 21  PHE A CZ    1 
ATOM   56   N  N     . LYS A 1 8   ? 7.765   -3.089  -10.061 1.00 15.54 ? 22  LYS A N     1 
ATOM   57   C  CA    . LYS A 1 8   ? 7.246   -4.059  -9.119  1.00 14.27 ? 22  LYS A CA    1 
ATOM   58   C  C     . LYS A 1 8   ? 6.869   -3.388  -7.805  1.00 10.85 ? 22  LYS A C     1 
ATOM   59   O  O     . LYS A 1 8   ? 7.691   -2.716  -7.178  1.00 12.80 ? 22  LYS A O     1 
ATOM   60   C  CB    . LYS A 1 8   ? 8.304   -5.142  -8.871  1.00 20.76 ? 22  LYS A CB    1 
ATOM   61   C  CG    . LYS A 1 8   ? 8.615   -5.956  -10.121 1.00 24.61 ? 22  LYS A CG    1 
ATOM   62   C  CD    . LYS A 1 8   ? 9.904   -6.785  -9.983  1.00 31.58 ? 22  LYS A CD    1 
ATOM   63   C  CE    . LYS A 1 8   ? 10.082  -7.707  -11.192 1.00 35.47 ? 22  LYS A CE    1 
ATOM   64   N  NZ    . LYS A 1 8   ? 11.406  -8.414  -11.226 1.00 39.32 ? 22  LYS A NZ    1 
ATOM   65   N  N     . LEU A 1 9   ? 5.617   -3.571  -7.402  1.00 10.55 ? 23  LEU A N     1 
ATOM   66   C  CA    . LEU A 1 9   ? 5.104   -2.977  -6.161  1.00 11.12 ? 23  LEU A CA    1 
ATOM   67   C  C     . LEU A 1 9   ? 4.570   -4.054  -5.219  1.00 12.26 ? 23  LEU A C     1 
ATOM   68   O  O     . LEU A 1 9   ? 3.918   -5.003  -5.655  1.00 15.76 ? 23  LEU A O     1 
ATOM   69   C  CB    . LEU A 1 9   ? 3.974   -2.006  -6.527  1.00 11.71 ? 23  LEU A CB    1 
ATOM   70   C  CG    . LEU A 1 9   ? 3.391   -1.078  -5.459  1.00 22.93 ? 23  LEU A CG    1 
ATOM   71   C  CD1   . LEU A 1 9   ? 2.718   0.144   -6.131  1.00 20.77 ? 23  LEU A CD1   1 
ATOM   72   C  CD2   . LEU A 1 9   ? 2.379   -1.859  -4.642  1.00 20.47 ? 23  LEU A CD2   1 
ATOM   73   N  N     . VAL A 1 10  ? 4.832   -3.917  -3.920  1.00 8.92  ? 24  VAL A N     1 
ATOM   74   C  CA    . VAL A 1 10  ? 4.334   -4.890  -2.959  1.00 8.18  ? 24  VAL A CA    1 
ATOM   75   C  C     . VAL A 1 10  ? 3.526   -4.149  -1.886  1.00 8.93  ? 24  VAL A C     1 
ATOM   76   O  O     . VAL A 1 10  ? 3.886   -3.033  -1.499  1.00 11.38 ? 24  VAL A O     1 
ATOM   77   C  CB    . VAL A 1 10  ? 5.541   -5.674  -2.295  1.00 9.59  ? 24  VAL A CB    1 
ATOM   78   C  CG1   . VAL A 1 10  ? 6.490   -4.706  -1.577  1.00 9.91  ? 24  VAL A CG1   1 
ATOM   79   C  CG2   . VAL A 1 10  ? 5.006   -6.747  -1.328  1.00 11.86 ? 24  VAL A CG2   1 
ATOM   80   N  N     . LEU A 1 11  ? 2.417   -4.737  -1.446  1.00 8.25  ? 25  LEU A N     1 
ATOM   81   C  CA    . LEU A 1 11  ? 1.626   -4.131  -0.365  1.00 9.70  ? 25  LEU A CA    1 
ATOM   82   C  C     . LEU A 1 11  ? 1.828   -4.981  0.875   1.00 10.84 ? 25  LEU A C     1 
ATOM   83   O  O     . LEU A 1 11  ? 1.742   -6.213  0.836   1.00 11.63 ? 25  LEU A O     1 
ATOM   84   C  CB    A LEU A 1 11  ? 0.129   -4.076  -0.688  0.50 12.99 ? 25  LEU A CB    1 
ATOM   85   C  CB    B LEU A 1 11  ? 0.150   -4.134  -0.739  0.50 12.86 ? 25  LEU A CB    1 
ATOM   86   C  CG    A LEU A 1 11  ? -0.290  -2.944  -1.629  0.50 14.83 ? 25  LEU A CG    1 
ATOM   87   C  CG    B LEU A 1 11  ? -0.074  -3.689  -2.188  0.50 12.41 ? 25  LEU A CG    1 
ATOM   88   C  CD1   A LEU A 1 11  ? -0.214  -3.456  -3.051  0.50 14.62 ? 25  LEU A CD1   1 
ATOM   89   C  CD1   B LEU A 1 11  ? -1.401  -4.205  -2.635  0.50 15.93 ? 25  LEU A CD1   1 
ATOM   90   C  CD2   A LEU A 1 11  ? -1.702  -2.475  -1.314  0.50 11.03 ? 25  LEU A CD2   1 
ATOM   91   C  CD2   B LEU A 1 11  ? 0.005   -2.178  -2.317  0.50 12.65 ? 25  LEU A CD2   1 
ATOM   92   N  N     . LEU A 1 12  ? 2.077   -4.316  1.991   1.00 9.21  ? 26  LEU A N     1 
ATOM   93   C  CA    . LEU A 1 12  ? 2.322   -4.984  3.257   1.00 10.85 ? 26  LEU A CA    1 
ATOM   94   C  C     . LEU A 1 12  ? 1.474   -4.340  4.337   1.00 11.92 ? 26  LEU A C     1 
ATOM   95   O  O     . LEU A 1 12  ? 1.100   -3.164  4.237   1.00 11.11 ? 26  LEU A O     1 
ATOM   96   C  CB    . LEU A 1 12  ? 3.812   -4.846  3.623   1.00 10.63 ? 26  LEU A CB    1 
ATOM   97   C  CG    . LEU A 1 12  ? 4.815   -5.476  2.654   1.00 11.56 ? 26  LEU A CG    1 
ATOM   98   C  CD1   . LEU A 1 12  ? 6.218   -4.913  2.863   1.00 12.36 ? 26  LEU A CD1   1 
ATOM   99   C  CD2   . LEU A 1 12  ? 4.788   -6.993  2.884   1.00 11.39 ? 26  LEU A CD2   1 
ATOM   100  N  N     . GLY A 1 13  ? 1.158   -5.112  5.373   1.00 10.06 ? 27  GLY A N     1 
ATOM   101  C  CA    . GLY A 1 13  ? 0.373   -4.549  6.457   1.00 11.73 ? 27  GLY A CA    1 
ATOM   102  C  C     . GLY A 1 13  ? -0.481  -5.587  7.141   1.00 14.31 ? 27  GLY A C     1 
ATOM   103  O  O     . GLY A 1 13  ? -0.757  -6.643  6.593   1.00 13.07 ? 27  GLY A O     1 
ATOM   104  N  N     . GLU A 1 14  ? -0.888  -5.280  8.365   1.00 11.73 ? 28  GLU A N     1 
ATOM   105  C  CA    . GLU A 1 14  ? -1.726  -6.173  9.143   1.00 13.59 ? 28  GLU A CA    1 
ATOM   106  C  C     . GLU A 1 14  ? -3.016  -6.511  8.401   1.00 12.24 ? 28  GLU A C     1 
ATOM   107  O  O     . GLU A 1 14  ? -3.469  -5.752  7.549   1.00 15.49 ? 28  GLU A O     1 
ATOM   108  C  CB    . GLU A 1 14  ? -2.042  -5.457  10.451  1.00 12.90 ? 28  GLU A CB    1 
ATOM   109  C  CG    . GLU A 1 14  ? -3.104  -6.059  11.334  1.00 20.62 ? 28  GLU A CG    1 
ATOM   110  C  CD    . GLU A 1 14  ? -3.150  -5.354  12.677  1.00 23.04 ? 28  GLU A CD    1 
ATOM   111  O  OE1   . GLU A 1 14  ? -2.114  -5.344  13.358  1.00 28.62 ? 28  GLU A OE1   1 
ATOM   112  O  OE2   . GLU A 1 14  ? -4.211  -4.819  13.051  1.00 28.92 ? 28  GLU A OE2   1 
ATOM   113  N  N     . SER A 1 15  ? -3.587  -7.677  8.700   1.00 11.60 ? 29  SER A N     1 
ATOM   114  C  CA    . SER A 1 15  ? -4.872  -8.048  8.128   1.00 13.65 ? 29  SER A CA    1 
ATOM   115  C  C     . SER A 1 15  ? -5.874  -8.010  9.284   1.00 17.63 ? 29  SER A C     1 
ATOM   116  O  O     . SER A 1 15  ? -5.596  -8.520  10.368  1.00 23.36 ? 29  SER A O     1 
ATOM   117  C  CB    A SER A 1 15  ? -4.830  -9.457  7.558   0.70 20.69 ? 29  SER A CB    1 
ATOM   118  C  CB    B SER A 1 15  ? -4.813  -9.451  7.522   0.30 19.17 ? 29  SER A CB    1 
ATOM   119  O  OG    A SER A 1 15  ? -6.107  -9.821  7.075   0.70 28.14 ? 29  SER A OG    1 
ATOM   120  O  OG    B SER A 1 15  ? -4.128  -9.444  6.280   0.30 13.20 ? 29  SER A OG    1 
ATOM   121  N  N     A PRO A 1 16  ? -7.048  -7.414  9.089   0.60 16.58 ? 30  PRO A N     1 
ATOM   122  N  N     B PRO A 1 16  ? -7.074  -7.438  9.031   0.40 14.46 ? 30  PRO A N     1 
ATOM   123  C  CA    A PRO A 1 16  ? -7.485  -6.764  7.862   0.60 15.05 ? 30  PRO A CA    1 
ATOM   124  C  CA    B PRO A 1 16  ? -7.514  -6.842  7.754   0.40 12.60 ? 30  PRO A CA    1 
ATOM   125  C  C     A PRO A 1 16  ? -7.376  -5.274  8.070   0.60 15.92 ? 30  PRO A C     1 
ATOM   126  C  C     B PRO A 1 16  ? -7.653  -5.313  7.638   0.40 15.44 ? 30  PRO A C     1 
ATOM   127  O  O     A PRO A 1 16  ? -7.700  -4.772  9.153   0.60 12.92 ? 30  PRO A O     1 
ATOM   128  O  O     B PRO A 1 16  ? -8.720  -4.750  7.923   0.40 19.75 ? 30  PRO A O     1 
ATOM   129  C  CB    A PRO A 1 16  ? -8.935  -7.198  7.759   0.60 14.92 ? 30  PRO A CB    1 
ATOM   130  C  CB    B PRO A 1 16  ? -8.852  -7.524  7.538   0.40 18.57 ? 30  PRO A CB    1 
ATOM   131  C  CG    A PRO A 1 16  ? -9.381  -7.098  9.181   0.60 20.38 ? 30  PRO A CG    1 
ATOM   132  C  CG    B PRO A 1 16  ? -9.431  -7.468  8.915   0.40 16.71 ? 30  PRO A CG    1 
ATOM   133  C  CD    A PRO A 1 16  ? -8.206  -7.680  9.968   0.60 21.52 ? 30  PRO A CD    1 
ATOM   134  C  CD    B PRO A 1 16  ? -8.252  -7.782  9.853   0.40 17.61 ? 30  PRO A CD    1 
ATOM   135  N  N     A VAL A 1 17  ? -6.916  -4.579  7.038   0.60 9.26  ? 31  VAL A N     1 
ATOM   136  N  N     B VAL A 1 17  ? -6.614  -4.636  7.166   0.40 8.52  ? 31  VAL A N     1 
ATOM   137  C  CA    A VAL A 1 17  ? -6.803  -3.125  7.054   0.60 11.39 ? 31  VAL A CA    1 
ATOM   138  C  CA    B VAL A 1 17  ? -6.672  -3.173  7.031   0.40 9.15  ? 31  VAL A CA    1 
ATOM   139  C  C     A VAL A 1 17  ? -7.306  -2.596  5.724   0.60 11.57 ? 31  VAL A C     1 
ATOM   140  C  C     B VAL A 1 17  ? -7.229  -2.623  5.714   0.40 10.52 ? 31  VAL A C     1 
ATOM   141  O  O     A VAL A 1 17  ? -7.387  -1.385  5.529   0.60 12.22 ? 31  VAL A O     1 
ATOM   142  O  O     B VAL A 1 17  ? -7.309  -1.405  5.541   0.40 10.21 ? 31  VAL A O     1 
ATOM   143  C  CB    A VAL A 1 17  ? -5.351  -2.628  7.265   0.60 9.30  ? 31  VAL A CB    1 
ATOM   144  C  CB    B VAL A 1 17  ? -5.273  -2.546  7.224   0.40 7.97  ? 31  VAL A CB    1 
ATOM   145  C  CG1   A VAL A 1 17  ? -4.850  -3.050  8.634   0.60 14.70 ? 31  VAL A CG1   1 
ATOM   146  C  CG1   B VAL A 1 17  ? -4.752  -2.861  8.613   0.40 11.47 ? 31  VAL A CG1   1 
ATOM   147  C  CG2   A VAL A 1 17  ? -4.440  -3.163  6.182   0.60 11.68 ? 31  VAL A CG2   1 
ATOM   148  C  CG2   B VAL A 1 17  ? -4.315  -3.073  6.173   0.40 9.07  ? 31  VAL A CG2   1 
ATOM   149  N  N     . GLY A 1 18  ? -7.622  -3.508  4.805   1.00 12.25 ? 32  GLY A N     1 
ATOM   150  C  CA    . GLY A 1 18  ? -8.132  -3.089  3.499   1.00 12.00 ? 32  GLY A CA    1 
ATOM   151  C  C     . GLY A 1 18  ? -7.102  -3.124  2.376   1.00 10.76 ? 32  GLY A C     1 
ATOM   152  O  O     . GLY A 1 18  ? -7.268  -2.447  1.362   1.00 12.17 ? 32  GLY A O     1 
ATOM   153  N  N     . LYS A 1 19  ? -6.040  -3.910  2.543   1.00 10.13 ? 33  LYS A N     1 
ATOM   154  C  CA    . LYS A 1 19  ? -5.000  -4.032  1.537   1.00 10.44 ? 33  LYS A CA    1 
ATOM   155  C  C     . LYS A 1 19  ? -5.554  -4.519  0.200   1.00 12.25 ? 33  LYS A C     1 
ATOM   156  O  O     . LYS A 1 19  ? -5.324  -3.905  -0.837  1.00 11.01 ? 33  LYS A O     1 
ATOM   157  C  CB    A LYS A 1 19  ? -3.889  -4.993  1.970   0.50 12.97 ? 33  LYS A CB    1 
ATOM   158  C  CB    B LYS A 1 19  ? -3.929  -4.996  2.047   0.50 13.60 ? 33  LYS A CB    1 
ATOM   159  C  CG    A LYS A 1 19  ? -3.100  -4.556  3.179   0.50 12.44 ? 33  LYS A CG    1 
ATOM   160  C  CG    B LYS A 1 19  ? -2.646  -5.021  1.259   0.50 14.04 ? 33  LYS A CG    1 
ATOM   161  C  CD    A LYS A 1 19  ? -1.596  -4.768  2.997   0.50 18.62 ? 33  LYS A CD    1 
ATOM   162  C  CD    B LYS A 1 19  ? -1.717  -6.107  1.771   0.50 9.71  ? 33  LYS A CD    1 
ATOM   163  C  CE    A LYS A 1 19  ? -1.221  -6.171  2.541   0.50 18.26 ? 33  LYS A CE    1 
ATOM   164  C  CE    B LYS A 1 19  ? -1.315  -5.862  3.216   0.50 13.16 ? 33  LYS A CE    1 
ATOM   165  N  NZ    A LYS A 1 19  ? -1.365  -7.225  3.604   0.50 21.11 ? 33  LYS A NZ    1 
ATOM   166  N  NZ    B LYS A 1 19  ? -0.913  -7.152  3.877   0.50 16.00 ? 33  LYS A NZ    1 
ATOM   167  N  N     . SER A 1 20  ? -6.278  -5.635  0.216   1.00 10.08 ? 34  SER A N     1 
ATOM   168  C  CA    . SER A 1 20  ? -6.819  -6.180  -1.035  1.00 10.31 ? 34  SER A CA    1 
ATOM   169  C  C     . SER A 1 20  ? -7.821  -5.233  -1.654  1.00 12.57 ? 34  SER A C     1 
ATOM   170  O  O     . SER A 1 20  ? -7.908  -5.135  -2.873  1.00 11.43 ? 34  SER A O     1 
ATOM   171  C  CB    . SER A 1 20  ? -7.466  -7.550  -0.784  1.00 8.24  ? 34  SER A CB    1 
ATOM   172  O  OG    . SER A 1 20  ? -6.472  -8.455  -0.362  1.00 9.75  ? 34  SER A OG    1 
ATOM   173  N  N     . SER A 1 21  ? -8.563  -4.529  -0.807  1.00 11.90 ? 35  SER A N     1 
ATOM   174  C  CA    . SER A 1 21  ? -9.551  -3.583  -1.312  1.00 9.77  ? 35  SER A CA    1 
ATOM   175  C  C     . SER A 1 21  ? -8.873  -2.407  -2.012  1.00 10.06 ? 35  SER A C     1 
ATOM   176  O  O     . SER A 1 21  ? -9.360  -1.911  -3.037  1.00 10.13 ? 35  SER A O     1 
ATOM   177  C  CB    . SER A 1 21  ? -10.418 -3.092  -0.148  1.00 7.56  ? 35  SER A CB    1 
ATOM   178  O  OG    . SER A 1 21  ? -11.255 -4.148  0.338   1.00 10.17 ? 35  SER A OG    1 
ATOM   179  N  N     . LEU A 1 22  ? -7.761  -1.950  -1.447  1.00 10.60 ? 36  LEU A N     1 
ATOM   180  C  CA    . LEU A 1 22  ? -7.015  -0.840  -2.058  1.00 9.69  ? 36  LEU A CA    1 
ATOM   181  C  C     . LEU A 1 22  ? -6.577  -1.247  -3.477  1.00 11.44 ? 36  LEU A C     1 
ATOM   182  O  O     . LEU A 1 22  ? -6.761  -0.491  -4.434  1.00 12.58 ? 36  LEU A O     1 
ATOM   183  C  CB    . LEU A 1 22  ? -5.799  -0.503  -1.187  1.00 11.89 ? 36  LEU A CB    1 
ATOM   184  C  CG    . LEU A 1 22  ? -5.010  0.750   -1.552  1.00 16.75 ? 36  LEU A CG    1 
ATOM   185  C  CD1   . LEU A 1 22  ? -5.937  1.966   -1.397  1.00 13.87 ? 36  LEU A CD1   1 
ATOM   186  C  CD2   . LEU A 1 22  ? -3.790  0.912   -0.643  1.00 19.01 ? 36  LEU A CD2   1 
ATOM   187  N  N     . VAL A 1 23  ? -6.010  -2.442  -3.614  1.00 11.39 ? 37  VAL A N     1 
ATOM   188  C  CA    . VAL A 1 23  ? -5.562  -2.916  -4.912  1.00 14.01 ? 37  VAL A CA    1 
ATOM   189  C  C     . VAL A 1 23  ? -6.728  -3.118  -5.852  1.00 13.35 ? 37  VAL A C     1 
ATOM   190  O  O     . VAL A 1 23  ? -6.661  -2.720  -7.010  1.00 12.35 ? 37  VAL A O     1 
ATOM   191  C  CB    . VAL A 1 23  ? -4.856  -4.271  -4.832  0.50 14.85 ? 37  VAL A CB    1 
ATOM   192  C  CG1   . VAL A 1 23  ? -3.967  -4.459  -6.051  0.50 17.01 ? 37  VAL A CG1   1 
ATOM   193  C  CG2   . VAL A 1 23  ? -4.101  -4.377  -3.571  0.50 19.36 ? 37  VAL A CG2   1 
ATOM   194  N  N     . LEU A 1 24  ? -7.807  -3.729  -5.358  1.00 12.80 ? 38  LEU A N     1 
ATOM   195  C  CA    . LEU A 1 24  ? -8.965  -3.976  -6.207  1.00 14.87 ? 38  LEU A CA    1 
ATOM   196  C  C     . LEU A 1 24  ? -9.534  -2.672  -6.735  1.00 12.94 ? 38  LEU A C     1 
ATOM   197  O  O     . LEU A 1 24  ? -9.972  -2.596  -7.882  1.00 12.03 ? 38  LEU A O     1 
ATOM   198  C  CB    . LEU A 1 24  ? -10.052 -4.737  -5.429  1.00 13.50 ? 38  LEU A CB    1 
ATOM   199  C  CG    . LEU A 1 24  ? -11.299 -5.123  -6.230  1.00 21.60 ? 38  LEU A CG    1 
ATOM   200  C  CD1   . LEU A 1 24  ? -10.948 -6.240  -7.203  1.00 22.04 ? 38  LEU A CD1   1 
ATOM   201  C  CD2   . LEU A 1 24  ? -12.402 -5.579  -5.297  1.00 21.33 ? 38  LEU A CD2   1 
ATOM   202  N  N     . ARG A 1 25  ? -9.550  -1.634  -5.900  1.00 9.08  ? 39  ARG A N     1 
ATOM   203  C  CA    . ARG A 1 25  ? -10.093 -0.358  -6.357  1.00 11.08 ? 39  ARG A CA    1 
ATOM   204  C  C     . ARG A 1 25  ? -9.233  0.231   -7.480  1.00 10.42 ? 39  ARG A C     1 
ATOM   205  O  O     . ARG A 1 25  ? -9.746  0.718   -8.499  1.00 13.00 ? 39  ARG A O     1 
ATOM   206  C  CB    . ARG A 1 25  ? -10.185 0.624   -5.178  1.00 12.07 ? 39  ARG A CB    1 
ATOM   207  C  CG    . ARG A 1 25  ? -10.559 2.055   -5.595  1.00 16.66 ? 39  ARG A CG    1 
ATOM   208  C  CD    . ARG A 1 25  ? -11.918 2.098   -6.255  1.00 28.05 ? 39  ARG A CD    1 
ATOM   209  N  NE    . ARG A 1 25  ? -12.962 2.103   -5.245  1.00 30.24 ? 39  ARG A NE    1 
ATOM   210  C  CZ    . ARG A 1 25  ? -14.224 2.467   -5.461  1.00 18.34 ? 39  ARG A CZ    1 
ATOM   211  N  NH1   . ARG A 1 25  ? -14.624 2.855   -6.650  1.00 21.80 ? 39  ARG A NH1   1 
ATOM   212  N  NH2   . ARG A 1 25  ? -15.073 2.456   -4.462  1.00 15.09 ? 39  ARG A NH2   1 
ATOM   213  N  N     . PHE A 1 26  ? -7.918  0.198   -7.289  1.00 11.28 ? 40  PHE A N     1 
ATOM   214  C  CA    . PHE A 1 26  ? -6.989  0.725   -8.284  1.00 8.61  ? 40  PHE A CA    1 
ATOM   215  C  C     . PHE A 1 26  ? -6.991  -0.082  -9.578  1.00 12.01 ? 40  PHE A C     1 
ATOM   216  O  O     . PHE A 1 26  ? -7.020  0.494   -10.678 1.00 13.13 ? 40  PHE A O     1 
ATOM   217  C  CB    . PHE A 1 26  ? -5.551  0.711   -7.718  1.00 10.22 ? 40  PHE A CB    1 
ATOM   218  C  CG    . PHE A 1 26  ? -4.511  1.198   -8.696  1.00 11.03 ? 40  PHE A CG    1 
ATOM   219  C  CD1   . PHE A 1 26  ? -4.601  2.479   -9.226  1.00 13.37 ? 40  PHE A CD1   1 
ATOM   220  C  CD2   . PHE A 1 26  ? -3.450  0.380   -9.080  1.00 13.52 ? 40  PHE A CD2   1 
ATOM   221  C  CE1   . PHE A 1 26  ? -3.643  2.951   -10.130 1.00 14.44 ? 40  PHE A CE1   1 
ATOM   222  C  CE2   . PHE A 1 26  ? -2.492  0.846   -9.977  1.00 12.10 ? 40  PHE A CE2   1 
ATOM   223  C  CZ    . PHE A 1 26  ? -2.598  2.132   -10.496 1.00 14.10 ? 40  PHE A CZ    1 
ATOM   224  N  N     . VAL A 1 27  ? -6.967  -1.407  -9.446  1.00 11.61 ? 41  VAL A N     1 
ATOM   225  C  CA    . VAL A 1 27  ? -6.888  -2.290  -10.607 1.00 13.73 ? 41  VAL A CA    1 
ATOM   226  C  C     . VAL A 1 27  ? -8.175  -2.517  -11.391 1.00 15.95 ? 41  VAL A C     1 
ATOM   227  O  O     . VAL A 1 27  ? -8.156  -2.505  -12.628 1.00 18.79 ? 41  VAL A O     1 
ATOM   228  C  CB    . VAL A 1 27  ? -6.306  -3.669  -10.193 1.00 13.39 ? 41  VAL A CB    1 
ATOM   229  C  CG1   . VAL A 1 27  ? -6.301  -4.633  -11.401 1.00 18.65 ? 41  VAL A CG1   1 
ATOM   230  C  CG2   . VAL A 1 27  ? -4.892  -3.478  -9.647  1.00 16.89 ? 41  VAL A CG2   1 
ATOM   231  N  N     . LYS A 1 28  ? -9.277  -2.694  -10.675 1.00 15.45 ? 42  LYS A N     1 
ATOM   232  C  CA    . LYS A 1 28  ? -10.578 -2.992  -11.294 1.00 15.52 ? 42  LYS A CA    1 
ATOM   233  C  C     . LYS A 1 28  ? -11.674 -1.976  -11.012 1.00 15.66 ? 42  LYS A C     1 
ATOM   234  O  O     . LYS A 1 28  ? -12.810 -2.130  -11.476 1.00 15.16 ? 42  LYS A O     1 
ATOM   235  C  CB    . LYS A 1 28  ? -11.067 -4.361  -10.828 1.00 17.38 ? 42  LYS A CB    1 
ATOM   236  C  CG    . LYS A 1 28  ? -10.098 -5.510  -11.085 1.00 23.13 ? 42  LYS A CG    1 
ATOM   237  C  CD    . LYS A 1 28  ? -10.790 -6.845  -10.862 1.00 38.24 ? 42  LYS A CD    1 
ATOM   238  C  CE    . LYS A 1 28  ? -9.854  -8.037  -11.078 1.00 34.43 ? 42  LYS A CE    1 
ATOM   239  N  NZ    . LYS A 1 28  ? -8.912  -8.233  -9.933  1.00 35.80 ? 42  LYS A NZ    1 
ATOM   240  N  N     . GLY A 1 29  ? -11.349 -0.954  -10.237 1.00 14.69 ? 43  GLY A N     1 
ATOM   241  C  CA    . GLY A 1 29  ? -12.340 0.051   -9.921  1.00 13.25 ? 43  GLY A CA    1 
ATOM   242  C  C     . GLY A 1 29  ? -13.534 -0.532  -9.186  1.00 16.55 ? 43  GLY A C     1 
ATOM   243  O  O     . GLY A 1 29  ? -14.663 -0.030  -9.311  1.00 19.33 ? 43  GLY A O     1 
ATOM   244  N  N     . GLN A 1 30  ? -13.285 -1.587  -8.422  1.00 15.55 ? 44  GLN A N     1 
ATOM   245  C  CA    . GLN A 1 30  ? -14.338 -2.254  -7.654  1.00 18.80 ? 44  GLN A CA    1 
ATOM   246  C  C     . GLN A 1 30  ? -14.052 -2.169  -6.160  1.00 13.99 ? 44  GLN A C     1 
ATOM   247  O  O     . GLN A 1 30  ? -12.929 -1.905  -5.750  1.00 14.48 ? 44  GLN A O     1 
ATOM   248  C  CB    . GLN A 1 30  ? -14.423 -3.750  -7.999  1.00 20.81 ? 44  GLN A CB    1 
ATOM   249  C  CG    . GLN A 1 30  ? -14.481 -4.102  -9.469  1.00 33.97 ? 44  GLN A CG    1 
ATOM   250  C  CD    . GLN A 1 30  ? -14.389 -5.613  -9.729  1.00 39.28 ? 44  GLN A CD    1 
ATOM   251  O  OE1   . GLN A 1 30  ? -13.791 -6.369  -8.953  1.00 38.11 ? 44  GLN A OE1   1 
ATOM   252  N  NE2   . GLN A 1 30  ? -14.966 -6.048  -10.841 1.00 42.67 ? 44  GLN A NE2   1 
ATOM   253  N  N     . PHE A 1 31  ? -15.101 -2.366  -5.369  1.00 16.63 ? 45  PHE A N     1 
ATOM   254  C  CA    . PHE A 1 31  ? -15.013 -2.425  -3.915  1.00 15.80 ? 45  PHE A CA    1 
ATOM   255  C  C     . PHE A 1 31  ? -16.012 -3.479  -3.449  1.00 13.29 ? 45  PHE A C     1 
ATOM   256  O  O     . PHE A 1 31  ? -17.196 -3.425  -3.798  1.00 15.09 ? 45  PHE A O     1 
ATOM   257  C  CB    . PHE A 1 31  ? -15.371 -1.104  -3.243  1.00 14.26 ? 45  PHE A CB    1 
ATOM   258  C  CG    . PHE A 1 31  ? -15.392 -1.199  -1.734  1.00 12.68 ? 45  PHE A CG    1 
ATOM   259  C  CD1   . PHE A 1 31  ? -14.197 -1.369  -1.011  1.00 13.38 ? 45  PHE A CD1   1 
ATOM   260  C  CD2   . PHE A 1 31  ? -16.595 -1.209  -1.042  1.00 16.48 ? 45  PHE A CD2   1 
ATOM   261  C  CE1   . PHE A 1 31  ? -14.214 -1.551  0.390   1.00 14.04 ? 45  PHE A CE1   1 
ATOM   262  C  CE2   . PHE A 1 31  ? -16.628 -1.391  0.355   1.00 11.66 ? 45  PHE A CE2   1 
ATOM   263  C  CZ    . PHE A 1 31  ? -15.437 -1.565  1.069   1.00 12.74 ? 45  PHE A CZ    1 
ATOM   264  N  N     . HIS A 1 32  ? -15.535 -4.437  -2.665  1.00 13.26 ? 46  HIS A N     1 
ATOM   265  C  CA    . HIS A 1 32  ? -16.414 -5.496  -2.142  1.00 14.19 ? 46  HIS A CA    1 
ATOM   266  C  C     . HIS A 1 32  ? -16.519 -5.376  -0.635  1.00 15.40 ? 46  HIS A C     1 
ATOM   267  O  O     . HIS A 1 32  ? -15.522 -5.478  0.082   1.00 17.39 ? 46  HIS A O     1 
ATOM   268  C  CB    . HIS A 1 32  ? -15.860 -6.873  -2.504  1.00 16.28 ? 46  HIS A CB    1 
ATOM   269  C  CG    . HIS A 1 32  ? -15.729 -7.095  -3.973  1.00 13.20 ? 46  HIS A CG    1 
ATOM   270  N  ND1   . HIS A 1 32  ? -14.760 -7.909  -4.518  1.00 21.14 ? 46  HIS A ND1   1 
ATOM   271  C  CD2   . HIS A 1 32  ? -16.431 -6.594  -5.015  1.00 14.79 ? 46  HIS A CD2   1 
ATOM   272  C  CE1   . HIS A 1 32  ? -14.870 -7.898  -5.833  1.00 16.69 ? 46  HIS A CE1   1 
ATOM   273  N  NE2   . HIS A 1 32  ? -15.875 -7.110  -6.161  1.00 20.43 ? 46  HIS A NE2   1 
ATOM   274  N  N     . GLU A 1 33  ? -17.734 -5.138  -0.158  1.00 19.00 ? 47  GLU A N     1 
ATOM   275  C  CA    . GLU A 1 33  ? -17.993 -5.005  1.273   1.00 17.93 ? 47  GLU A CA    1 
ATOM   276  C  C     . GLU A 1 33  ? -17.602 -6.321  1.949   1.00 17.47 ? 47  GLU A C     1 
ATOM   277  O  O     . GLU A 1 33  ? -17.186 -6.350  3.107   1.00 16.87 ? 47  GLU A O     1 
ATOM   278  C  CB    . GLU A 1 33  ? -19.487 -4.721  1.480   1.00 19.57 ? 47  GLU A CB    1 
ATOM   279  C  CG    . GLU A 1 33  ? -19.898 -4.229  2.869   1.00 26.81 ? 47  GLU A CG    1 
ATOM   280  C  CD    . GLU A 1 33  ? -19.144 -2.999  3.318   1.00 30.91 ? 47  GLU A CD    1 
ATOM   281  O  OE1   . GLU A 1 33  ? -18.339 -3.125  4.273   1.00 41.46 ? 47  GLU A OE1   1 
ATOM   282  O  OE2   . GLU A 1 33  ? -19.343 -1.914  2.724   1.00 36.95 ? 47  GLU A OE2   1 
ATOM   283  N  N     . PHE A 1 34  ? -17.721 -7.413  1.198   1.00 20.61 ? 48  PHE A N     1 
ATOM   284  C  CA    . PHE A 1 34  ? -17.423 -8.741  1.727   1.00 18.78 ? 48  PHE A CA    1 
ATOM   285  C  C     . PHE A 1 34  ? -16.254 -9.320  0.957   1.00 26.77 ? 48  PHE A C     1 
ATOM   286  O  O     . PHE A 1 34  ? -16.409 -9.748  -0.178  1.00 28.14 ? 48  PHE A O     1 
ATOM   287  C  CB    . PHE A 1 34  ? -18.672 -9.617  1.588   1.00 17.62 ? 48  PHE A CB    1 
ATOM   288  C  CG    . PHE A 1 34  ? -19.941 -8.903  1.983   1.00 15.07 ? 48  PHE A CG    1 
ATOM   289  C  CD1   . PHE A 1 34  ? -20.806 -8.396  1.013   1.00 17.51 ? 48  PHE A CD1   1 
ATOM   290  C  CD2   . PHE A 1 34  ? -20.249 -8.702  3.319   1.00 19.42 ? 48  PHE A CD2   1 
ATOM   291  C  CE1   . PHE A 1 34  ? -21.953 -7.695  1.374   1.00 20.59 ? 48  PHE A CE1   1 
ATOM   292  C  CE2   . PHE A 1 34  ? -21.397 -8.006  3.691   1.00 19.16 ? 48  PHE A CE2   1 
ATOM   293  C  CZ    . PHE A 1 34  ? -22.251 -7.501  2.716   1.00 22.13 ? 48  PHE A CZ    1 
ATOM   294  N  N     . GLN A 1 35  ? -15.082 -9.286  1.577   1.00 31.76 ? 49  GLN A N     1 
ATOM   295  C  CA    . GLN A 1 35  ? -13.846 -9.777  0.965   1.00 33.73 ? 49  GLN A CA    1 
ATOM   296  C  C     . GLN A 1 35  ? -13.313 -10.988 1.714   1.00 32.55 ? 49  GLN A C     1 
ATOM   297  O  O     . GLN A 1 35  ? -13.227 -10.979 2.937   1.00 39.60 ? 49  GLN A O     1 
ATOM   298  C  CB    . GLN A 1 35  ? -12.781 -8.668  0.978   1.00 36.70 ? 49  GLN A CB    1 
ATOM   299  C  CG    . GLN A 1 35  ? -12.925 -7.621  -0.114  1.00 36.75 ? 49  GLN A CG    1 
ATOM   300  C  CD    . GLN A 1 35  ? -12.293 -8.059  -1.434  1.00 40.56 ? 49  GLN A CD    1 
ATOM   301  O  OE1   . GLN A 1 35  ? -12.447 -7.399  -2.455  1.00 39.99 ? 49  GLN A OE1   1 
ATOM   302  N  NE2   . GLN A 1 35  ? -11.573 -9.177  -1.407  1.00 42.73 ? 49  GLN A NE2   1 
ATOM   303  N  N     . GLU A 1 36  ? -12.962 -12.033 0.976   1.00 29.99 ? 50  GLU A N     1 
ATOM   304  C  CA    . GLU A 1 36  ? -12.401 -13.229 1.596   1.00 30.90 ? 50  GLU A CA    1 
ATOM   305  C  C     . GLU A 1 36  ? -10.963 -12.888 1.953   1.00 26.71 ? 50  GLU A C     1 
ATOM   306  O  O     . GLU A 1 36  ? -10.276 -12.220 1.176   1.00 28.33 ? 50  GLU A O     1 
ATOM   307  C  CB    . GLU A 1 36  ? -12.431 -14.410 0.613   1.00 38.28 ? 50  GLU A CB    1 
ATOM   308  C  CG    . GLU A 1 36  ? -13.638 -15.347 0.781   1.00 42.49 ? 50  GLU A CG    1 
ATOM   309  C  CD    . GLU A 1 36  ? -13.651 -16.024 2.147   1.00 45.74 ? 50  GLU A CD    1 
ATOM   310  O  OE1   . GLU A 1 36  ? -12.582 -16.523 2.561   1.00 51.16 ? 50  GLU A OE1   1 
ATOM   311  O  OE2   . GLU A 1 36  ? -14.719 -16.062 2.805   1.00 48.37 ? 50  GLU A OE2   1 
ATOM   312  N  N     . SER A 1 37  ? -10.513 -13.319 3.127   1.00 28.00 ? 51  SER A N     1 
ATOM   313  C  CA    . SER A 1 37  ? -9.137  -13.058 3.548   1.00 27.41 ? 51  SER A CA    1 
ATOM   314  C  C     . SER A 1 37  ? -8.172  -13.626 2.509   1.00 23.56 ? 51  SER A C     1 
ATOM   315  O  O     . SER A 1 37  ? -8.382  -14.720 1.987   1.00 23.12 ? 51  SER A O     1 
ATOM   316  C  CB    . SER A 1 37  ? -8.862  -13.723 4.901   1.00 26.54 ? 51  SER A CB    1 
ATOM   317  O  OG    . SER A 1 37  ? -9.696  -13.177 5.898   1.00 40.93 ? 51  SER A OG    1 
ATOM   318  N  N     . THR A 1 38  ? -7.112  -12.884 2.212   1.00 18.02 ? 52  THR A N     1 
ATOM   319  C  CA    . THR A 1 38  ? -6.124  -13.331 1.240   1.00 15.08 ? 52  THR A CA    1 
ATOM   320  C  C     . THR A 1 38  ? -5.340  -14.503 1.823   1.00 16.34 ? 52  THR A C     1 
ATOM   321  O  O     . THR A 1 38  ? -5.024  -14.515 3.010   1.00 19.03 ? 52  THR A O     1 
ATOM   322  C  CB    . THR A 1 38  ? -5.154  -12.171 0.907   1.00 13.49 ? 52  THR A CB    1 
ATOM   323  O  OG1   . THR A 1 38  ? -5.932  -11.055 0.482   1.00 10.92 ? 52  THR A OG1   1 
ATOM   324  C  CG2   . THR A 1 38  ? -4.162  -12.555 -0.193  1.00 18.58 ? 52  THR A CG2   1 
ATOM   325  N  N     . ILE A 1 39  ? -5.057  -15.497 0.984   1.00 19.47 ? 53  ILE A N     1 
ATOM   326  C  CA    . ILE A 1 39  ? -4.293  -16.663 1.402   1.00 22.96 ? 53  ILE A CA    1 
ATOM   327  C  C     . ILE A 1 39  ? -2.905  -16.581 0.781   1.00 20.75 ? 53  ILE A C     1 
ATOM   328  O  O     . ILE A 1 39  ? -2.744  -16.777 -0.417  1.00 21.92 ? 53  ILE A O     1 
ATOM   329  C  CB    . ILE A 1 39  ? -4.980  -17.969 0.947   1.00 27.23 ? 53  ILE A CB    1 
ATOM   330  C  CG1   . ILE A 1 39  ? -6.309  -18.143 1.692   1.00 26.70 ? 53  ILE A CG1   1 
ATOM   331  C  CG2   . ILE A 1 39  ? -4.054  -19.154 1.187   1.00 24.00 ? 53  ILE A CG2   1 
ATOM   332  C  CD1   . ILE A 1 39  ? -7.089  -19.407 1.286   1.00 29.59 ? 53  ILE A CD1   1 
ATOM   333  N  N     . GLY A 1 40  ? -1.905  -16.282 1.602   1.00 22.35 ? 54  GLY A N     1 
ATOM   334  C  CA    . GLY A 1 40  ? -0.549  -16.174 1.093   1.00 22.70 ? 54  GLY A CA    1 
ATOM   335  C  C     . GLY A 1 40  ? -0.302  -14.839 0.411   1.00 25.17 ? 54  GLY A C     1 
ATOM   336  O  O     . GLY A 1 40  ? 0.267   -13.921 1.010   1.00 27.52 ? 54  GLY A O     1 
ATOM   337  N  N     . ALA A 1 41  ? -0.720  -14.738 -0.852  1.00 17.71 ? 55  ALA A N     1 
ATOM   338  C  CA    . ALA A 1 41  ? -0.563  -13.513 -1.623  1.00 14.94 ? 55  ALA A CA    1 
ATOM   339  C  C     . ALA A 1 41  ? -1.341  -13.648 -2.927  1.00 15.56 ? 55  ALA A C     1 
ATOM   340  O  O     . ALA A 1 41  ? -1.647  -14.756 -3.370  1.00 17.64 ? 55  ALA A O     1 
ATOM   341  C  CB    . ALA A 1 41  ? 0.915   -13.230 -1.929  1.00 16.79 ? 55  ALA A CB    1 
ATOM   342  N  N     . ALA A 1 42  ? -1.665  -12.503 -3.517  1.00 13.79 ? 56  ALA A N     1 
ATOM   343  C  CA    . ALA A 1 42  ? -2.403  -12.439 -4.760  1.00 14.41 ? 56  ALA A CA    1 
ATOM   344  C  C     . ALA A 1 42  ? -1.615  -11.491 -5.649  1.00 13.37 ? 56  ALA A C     1 
ATOM   345  O  O     . ALA A 1 42  ? -0.931  -10.584 -5.166  1.00 13.77 ? 56  ALA A O     1 
ATOM   346  C  CB    . ALA A 1 42  ? -3.821  -11.912 -4.522  1.00 18.03 ? 56  ALA A CB    1 
ATOM   347  N  N     . PHE A 1 43  ? -1.690  -11.723 -6.953  1.00 14.86 ? 57  PHE A N     1 
ATOM   348  C  CA    . PHE A 1 43  ? -0.956  -10.913 -7.915  1.00 16.17 ? 57  PHE A CA    1 
ATOM   349  C  C     . PHE A 1 43  ? -1.905  -10.189 -8.859  1.00 17.59 ? 57  PHE A C     1 
ATOM   350  O  O     . PHE A 1 43  ? -2.833  -10.792 -9.405  1.00 17.90 ? 57  PHE A O     1 
ATOM   351  C  CB    . PHE A 1 43  ? -0.043  -11.803 -8.741  1.00 18.48 ? 57  PHE A CB    1 
ATOM   352  C  CG    . PHE A 1 43  ? 0.805   -11.047 -9.703  1.00 20.40 ? 57  PHE A CG    1 
ATOM   353  C  CD1   . PHE A 1 43  ? 1.957   -10.419 -9.270  1.00 17.55 ? 57  PHE A CD1   1 
ATOM   354  C  CD2   . PHE A 1 43  ? 0.457   -10.965 -11.050 1.00 20.34 ? 57  PHE A CD2   1 
ATOM   355  C  CE1   . PHE A 1 43  ? 2.767   -9.720  -10.158 1.00 24.15 ? 57  PHE A CE1   1 
ATOM   356  C  CE2   . PHE A 1 43  ? 1.256   -10.269 -11.944 1.00 20.34 ? 57  PHE A CE2   1 
ATOM   357  C  CZ    . PHE A 1 43  ? 2.415   -9.647  -11.497 1.00 21.62 ? 57  PHE A CZ    1 
ATOM   358  N  N     . LEU A 1 44  ? -1.666  -8.901  -9.066  1.00 13.97 ? 58  LEU A N     1 
ATOM   359  C  CA    . LEU A 1 44  ? -2.513  -8.131  -9.965  1.00 12.98 ? 58  LEU A CA    1 
ATOM   360  C  C     . LEU A 1 44  ? -1.677  -7.154  -10.772 1.00 14.37 ? 58  LEU A C     1 
ATOM   361  O  O     . LEU A 1 44  ? -0.575  -6.777  -10.386 1.00 14.49 ? 58  LEU A O     1 
ATOM   362  C  CB    . LEU A 1 44  ? -3.570  -7.344  -9.174  1.00 18.37 ? 58  LEU A CB    1 
ATOM   363  C  CG    . LEU A 1 44  ? -4.531  -8.114  -8.261  1.00 22.43 ? 58  LEU A CG    1 
ATOM   364  C  CD1   . LEU A 1 44  ? -3.883  -8.334  -6.888  1.00 22.88 ? 58  LEU A CD1   1 
ATOM   365  C  CD2   . LEU A 1 44  ? -5.826  -7.307  -8.100  1.00 26.14 ? 58  LEU A CD2   1 
ATOM   366  N  N     . THR A 1 45  ? -2.219  -6.718  -11.898 1.00 16.63 ? 59  THR A N     1 
ATOM   367  C  CA    . THR A 1 45  ? -1.494  -5.769  -12.706 1.00 14.23 ? 59  THR A CA    1 
ATOM   368  C  C     . THR A 1 45  ? -2.446  -4.674  -13.180 1.00 12.49 ? 59  THR A C     1 
ATOM   369  O  O     . THR A 1 45  ? -3.657  -4.887  -13.270 1.00 15.50 ? 59  THR A O     1 
ATOM   370  C  CB    A THR A 1 45  ? -0.879  -6.454  -13.957 0.25 13.07 ? 59  THR A CB    1 
ATOM   371  C  CB    B THR A 1 45  ? -0.855  -6.461  -13.918 0.50 10.91 ? 59  THR A CB    1 
ATOM   372  O  OG1   A THR A 1 45  ? -1.919  -7.086  -14.714 0.25 17.03 ? 59  THR A OG1   1 
ATOM   373  O  OG1   B THR A 1 45  ? -0.004  -5.530  -14.588 0.50 19.17 ? 59  THR A OG1   1 
ATOM   374  C  CG2   A THR A 1 45  ? 0.150   -7.495  -13.558 0.25 4.52  ? 59  THR A CG2   1 
ATOM   375  C  CG2   B THR A 1 45  ? -1.924  -6.944  -14.880 0.50 15.30 ? 59  THR A CG2   1 
ATOM   376  N  N     . GLN A 1 46  ? -1.887  -3.490  -13.436 1.00 13.68 ? 60  GLN A N     1 
ATOM   377  C  CA    . GLN A 1 46  ? -2.651  -2.366  -13.946 1.00 14.68 ? 60  GLN A CA    1 
ATOM   378  C  C     . GLN A 1 46  ? -1.685  -1.527  -14.763 1.00 13.61 ? 60  GLN A C     1 
ATOM   379  O  O     . GLN A 1 46  ? -0.510  -1.421  -14.427 1.00 14.99 ? 60  GLN A O     1 
ATOM   380  C  CB    . GLN A 1 46  ? -3.262  -1.544  -12.796 1.00 13.14 ? 60  GLN A CB    1 
ATOM   381  C  CG    . GLN A 1 46  ? -3.958  -0.239  -13.203 1.00 15.22 ? 60  GLN A CG    1 
ATOM   382  C  CD    . GLN A 1 46  ? -5.111  -0.422  -14.182 1.00 20.64 ? 60  GLN A CD    1 
ATOM   383  O  OE1   . GLN A 1 46  ? -4.939  -0.956  -15.265 1.00 18.49 ? 60  GLN A OE1   1 
ATOM   384  N  NE2   . GLN A 1 46  ? -6.295  0.036   -13.795 1.00 22.56 ? 60  GLN A NE2   1 
ATOM   385  N  N     . THR A 1 47  ? -2.194  -0.953  -15.848 1.00 14.26 ? 61  THR A N     1 
ATOM   386  C  CA    . THR A 1 47  ? -1.393  -0.131  -16.744 1.00 14.96 ? 61  THR A CA    1 
ATOM   387  C  C     . THR A 1 47  ? -2.036  1.237   -16.834 1.00 19.67 ? 61  THR A C     1 
ATOM   388  O  O     . THR A 1 47  ? -3.245  1.341   -17.044 1.00 19.51 ? 61  THR A O     1 
ATOM   389  C  CB    . THR A 1 47  ? -1.295  -0.792  -18.136 1.00 13.54 ? 61  THR A CB    1 
ATOM   390  O  OG1   . THR A 1 47  ? -0.647  -2.070  -18.010 1.00 17.21 ? 61  THR A OG1   1 
ATOM   391  C  CG2   . THR A 1 47  ? -0.447  0.090   -19.076 1.00 14.85 ? 61  THR A CG2   1 
ATOM   392  N  N     . VAL A 1 48  ? -1.241  2.287   -16.648 1.00 18.55 ? 62  VAL A N     1 
ATOM   393  C  CA    . VAL A 1 48  ? -1.777  3.643   -16.665 1.00 21.04 ? 62  VAL A CA    1 
ATOM   394  C  C     . VAL A 1 48  ? -0.958  4.607   -17.496 1.00 18.35 ? 62  VAL A C     1 
ATOM   395  O  O     . VAL A 1 48  ? 0.110   4.263   -18.009 1.00 19.03 ? 62  VAL A O     1 
ATOM   396  C  CB    . VAL A 1 48  ? -1.855  4.211   -15.236 1.00 19.67 ? 62  VAL A CB    1 
ATOM   397  C  CG1   . VAL A 1 48  ? -2.590  3.235   -14.331 1.00 23.94 ? 62  VAL A CG1   1 
ATOM   398  C  CG2   . VAL A 1 48  ? -0.442  4.460   -14.701 1.00 23.09 ? 62  VAL A CG2   1 
ATOM   399  N  N     . CYS A 1 49  ? -1.492  5.820   -17.643 1.00 16.60 ? 63  CYS A N     1 
ATOM   400  C  CA    . CYS A 1 49  ? -0.806  6.867   -18.388 1.00 19.13 ? 63  CYS A CA    1 
ATOM   401  C  C     . CYS A 1 49  ? -0.249  7.878   -17.388 1.00 23.17 ? 63  CYS A C     1 
ATOM   402  O  O     . CYS A 1 49  ? -1.002  8.427   -16.578 1.00 23.95 ? 63  CYS A O     1 
ATOM   403  C  CB    . CYS A 1 49  ? -1.780  7.576   -19.336 1.00 19.83 ? 63  CYS A CB    1 
ATOM   404  S  SG    . CYS A 1 49  ? -0.989  8.974   -20.209 1.00 25.76 ? 63  CYS A SG    1 
ATOM   405  N  N     . LEU A 1 50  ? 1.063   8.104   -17.438 1.00 23.91 ? 64  LEU A N     1 
ATOM   406  C  CA    . LEU A 1 50  ? 1.714   9.078   -16.569 1.00 28.49 ? 64  LEU A CA    1 
ATOM   407  C  C     . LEU A 1 50  ? 2.480   10.048  -17.460 1.00 27.75 ? 64  LEU A C     1 
ATOM   408  O  O     . LEU A 1 50  ? 3.607   9.780   -17.881 1.00 30.38 ? 64  LEU A O     1 
ATOM   409  C  CB    . LEU A 1 50  ? 2.672   8.396   -15.576 1.00 28.36 ? 64  LEU A CB    1 
ATOM   410  C  CG    . LEU A 1 50  ? 3.480   9.383   -14.715 1.00 34.12 ? 64  LEU A CG    1 
ATOM   411  C  CD1   . LEU A 1 50  ? 2.530   10.240  -13.902 1.00 36.72 ? 64  LEU A CD1   1 
ATOM   412  C  CD2   . LEU A 1 50  ? 4.445   8.646   -13.798 1.00 34.45 ? 64  LEU A CD2   1 
ATOM   413  N  N     . ASP A 1 51  ? 1.839   11.171  -17.753 1.00 29.93 ? 65  ASP A N     1 
ATOM   414  C  CA    . ASP A 1 51  ? 2.421   12.193  -18.605 1.00 36.01 ? 65  ASP A CA    1 
ATOM   415  C  C     . ASP A 1 51  ? 2.716   11.625  -19.990 1.00 36.66 ? 65  ASP A C     1 
ATOM   416  O  O     . ASP A 1 51  ? 1.793   11.372  -20.772 1.00 41.12 ? 65  ASP A O     1 
ATOM   417  C  CB    . ASP A 1 51  ? 3.693   12.762  -17.968 1.00 39.89 ? 65  ASP A CB    1 
ATOM   418  C  CG    . ASP A 1 51  ? 3.415   13.460  -16.643 1.00 44.68 ? 65  ASP A CG    1 
ATOM   419  O  OD1   . ASP A 1 51  ? 2.437   14.241  -16.579 1.00 51.60 ? 65  ASP A OD1   1 
ATOM   420  O  OD2   . ASP A 1 51  ? 4.173   13.233  -15.671 1.00 49.27 ? 65  ASP A OD2   1 
ATOM   421  N  N     . ASP A 1 52  ? 3.986   11.407  -20.296 1.00 36.17 ? 66  ASP A N     1 
ATOM   422  C  CA    . ASP A 1 52  ? 4.335   10.879  -21.606 1.00 36.47 ? 66  ASP A CA    1 
ATOM   423  C  C     . ASP A 1 52  ? 4.777   9.427   -21.538 1.00 31.04 ? 66  ASP A C     1 
ATOM   424  O  O     . ASP A 1 52  ? 5.357   8.912   -22.491 1.00 31.38 ? 66  ASP A O     1 
ATOM   425  C  CB    . ASP A 1 52  ? 5.444   11.728  -22.227 1.00 42.92 ? 66  ASP A CB    1 
ATOM   426  C  CG    . ASP A 1 52  ? 6.761   11.592  -21.486 1.00 48.23 ? 66  ASP A CG    1 
ATOM   427  O  OD1   . ASP A 1 52  ? 6.746   11.688  -20.238 1.00 55.63 ? 66  ASP A OD1   1 
ATOM   428  O  OD2   . ASP A 1 52  ? 7.807   11.393  -22.140 1.00 50.59 ? 66  ASP A OD2   1 
ATOM   429  N  N     . THR A 1 53  ? 4.484   8.761   -20.423 1.00 24.91 ? 67  THR A N     1 
ATOM   430  C  CA    . THR A 1 53  ? 4.885   7.366   -20.235 1.00 22.29 ? 67  THR A CA    1 
ATOM   431  C  C     . THR A 1 53  ? 3.742   6.390   -19.901 1.00 18.80 ? 67  THR A C     1 
ATOM   432  O  O     . THR A 1 53  ? 2.828   6.722   -19.142 1.00 21.33 ? 67  THR A O     1 
ATOM   433  C  CB    . THR A 1 53  ? 5.931   7.248   -19.088 1.00 23.85 ? 67  THR A CB    1 
ATOM   434  O  OG1   . THR A 1 53  ? 6.994   8.187   -19.301 1.00 27.22 ? 67  THR A OG1   1 
ATOM   435  C  CG2   . THR A 1 53  ? 6.509   5.851   -19.032 1.00 21.31 ? 67  THR A CG2   1 
ATOM   436  N  N     . THR A 1 54  ? 3.806   5.190   -20.466 1.00 22.77 ? 68  THR A N     1 
ATOM   437  C  CA    . THR A 1 54  ? 2.816   4.143   -20.176 1.00 18.64 ? 68  THR A CA    1 
ATOM   438  C  C     . THR A 1 54  ? 3.481   3.310   -19.082 1.00 19.72 ? 68  THR A C     1 
ATOM   439  O  O     . THR A 1 54  ? 4.519   2.677   -19.306 1.00 22.17 ? 68  THR A O     1 
ATOM   440  C  CB    . THR A 1 54  ? 2.526   3.266   -21.405 1.00 23.24 ? 68  THR A CB    1 
ATOM   441  O  OG1   . THR A 1 54  ? 1.754   4.022   -22.343 1.00 23.70 ? 68  THR A OG1   1 
ATOM   442  C  CG2   . THR A 1 54  ? 1.740   2.016   -21.015 1.00 23.46 ? 68  THR A CG2   1 
ATOM   443  N  N     . VAL A 1 55  ? 2.880   3.334   -17.895 1.00 20.90 ? 69  VAL A N     1 
ATOM   444  C  CA    . VAL A 1 55  ? 3.429   2.626   -16.737 1.00 16.62 ? 69  VAL A CA    1 
ATOM   445  C  C     . VAL A 1 55  ? 2.606   1.402   -16.352 1.00 17.53 ? 69  VAL A C     1 
ATOM   446  O  O     . VAL A 1 55  ? 1.414   1.506   -16.087 1.00 16.85 ? 69  VAL A O     1 
ATOM   447  C  CB    . VAL A 1 55  ? 3.486   3.559   -15.511 1.00 19.94 ? 69  VAL A CB    1 
ATOM   448  C  CG1   . VAL A 1 55  ? 4.123   2.817   -14.335 1.00 18.90 ? 69  VAL A CG1   1 
ATOM   449  C  CG2   . VAL A 1 55  ? 4.282   4.817   -15.835 1.00 20.87 ? 69  VAL A CG2   1 
ATOM   450  N  N     . LYS A 1 56  ? 3.268   0.253   -16.321 1.00 14.71 ? 70  LYS A N     1 
ATOM   451  C  CA    . LYS A 1 56  ? 2.630   -0.995  -15.947 1.00 16.26 ? 70  LYS A CA    1 
ATOM   452  C  C     . LYS A 1 56  ? 3.095   -1.373  -14.548 1.00 17.86 ? 70  LYS A C     1 
ATOM   453  O  O     . LYS A 1 56  ? 4.297   -1.432  -14.287 1.00 17.48 ? 70  LYS A O     1 
ATOM   454  C  CB    . LYS A 1 56  ? 3.004   -2.110  -16.927 1.00 16.95 ? 70  LYS A CB    1 
ATOM   455  C  CG    . LYS A 1 56  ? 2.405   -3.471  -16.557 1.00 17.40 ? 70  LYS A CG    1 
ATOM   456  C  CD    . LYS A 1 56  ? 2.604   -4.510  -17.655 1.00 18.78 ? 70  LYS A CD    1 
ATOM   457  C  CE    . LYS A 1 56  ? 1.872   -5.801  -17.323 1.00 24.60 ? 70  LYS A CE    1 
ATOM   458  N  NZ    . LYS A 1 56  ? 2.067   -6.880  -18.352 1.00 23.37 ? 70  LYS A NZ    1 
ATOM   459  N  N     . PHE A 1 57  ? 2.135   -1.610  -13.659 1.00 14.09 ? 71  PHE A N     1 
ATOM   460  C  CA    . PHE A 1 57  ? 2.397   -2.003  -12.266 1.00 12.98 ? 71  PHE A CA    1 
ATOM   461  C  C     . PHE A 1 57  ? 2.219   -3.491  -12.077 1.00 11.95 ? 71  PHE A C     1 
ATOM   462  O  O     . PHE A 1 57  ? 1.182   -4.025  -12.453 1.00 15.65 ? 71  PHE A O     1 
ATOM   463  C  CB    . PHE A 1 57  ? 1.372   -1.372  -11.301 1.00 12.42 ? 71  PHE A CB    1 
ATOM   464  C  CG    . PHE A 1 57  ? 1.373   0.129   -11.252 1.00 22.85 ? 71  PHE A CG    1 
ATOM   465  C  CD1   . PHE A 1 57  ? 1.563   0.785   -10.039 1.00 27.03 ? 71  PHE A CD1   1 
ATOM   466  C  CD2   . PHE A 1 57  ? 1.096   0.886   -12.382 1.00 23.39 ? 71  PHE A CD2   1 
ATOM   467  C  CE1   . PHE A 1 57  ? 1.475   2.171   -9.957  1.00 24.55 ? 71  PHE A CE1   1 
ATOM   468  C  CE2   . PHE A 1 57  ? 1.007   2.273   -12.304 1.00 22.79 ? 71  PHE A CE2   1 
ATOM   469  C  CZ    . PHE A 1 57  ? 1.198   2.913   -11.088 1.00 22.35 ? 71  PHE A CZ    1 
ATOM   470  N  N     . GLU A 1 58  ? 3.222   -4.161  -11.500 1.00 11.32 ? 72  GLU A N     1 
ATOM   471  C  CA    . GLU A 1 58  ? 3.113   -5.584  -11.162 1.00 12.33 ? 72  GLU A CA    1 
ATOM   472  C  C     . GLU A 1 58  ? 2.957   -5.506  -9.646  1.00 13.42 ? 72  GLU A C     1 
ATOM   473  O  O     . GLU A 1 58  ? 3.882   -5.120  -8.952  1.00 17.69 ? 72  GLU A O     1 
ATOM   474  C  CB    . GLU A 1 58  ? 4.382   -6.335  -11.514 1.00 16.86 ? 72  GLU A CB    1 
ATOM   475  C  CG    . GLU A 1 58  ? 4.499   -6.627  -12.991 1.00 21.38 ? 72  GLU A CG    1 
ATOM   476  C  CD    . GLU A 1 58  ? 5.416   -7.813  -13.273 1.00 30.52 ? 72  GLU A CD    1 
ATOM   477  O  OE1   . GLU A 1 58  ? 5.106   -8.559  -14.224 1.00 29.67 ? 72  GLU A OE1   1 
ATOM   478  O  OE2   . GLU A 1 58  ? 6.438   -8.000  -12.554 1.00 30.42 ? 72  GLU A OE2   1 
ATOM   479  N  N     . ILE A 1 59  ? 1.800   -5.921  -9.153  1.00 12.83 ? 73  ILE A N     1 
ATOM   480  C  CA    . ILE A 1 59  ? 1.449   -5.782  -7.742  1.00 11.45 ? 73  ILE A CA    1 
ATOM   481  C  C     . ILE A 1 59  ? 1.231   -7.036  -6.918  1.00 10.59 ? 73  ILE A C     1 
ATOM   482  O  O     . ILE A 1 59  ? 0.372   -7.860  -7.227  1.00 13.05 ? 73  ILE A O     1 
ATOM   483  C  CB    . ILE A 1 59  ? 0.174   -4.943  -7.627  1.00 11.42 ? 73  ILE A CB    1 
ATOM   484  C  CG1   . ILE A 1 59  ? 0.304   -3.689  -8.494  1.00 13.03 ? 73  ILE A CG1   1 
ATOM   485  C  CG2   . ILE A 1 59  ? -0.078  -4.566  -6.180  1.00 13.15 ? 73  ILE A CG2   1 
ATOM   486  C  CD1   . ILE A 1 59  ? -1.005  -2.935  -8.710  1.00 14.36 ? 73  ILE A CD1   1 
ATOM   487  N  N     . TRP A 1 60  ? 2.027   -7.165  -5.857  1.00 11.67 ? 74  TRP A N     1 
ATOM   488  C  CA    . TRP A 1 60  ? 1.875   -8.287  -4.950  1.00 10.75 ? 74  TRP A CA    1 
ATOM   489  C  C     . TRP A 1 60  ? 1.086   -7.835  -3.733  1.00 12.49 ? 74  TRP A C     1 
ATOM   490  O  O     . TRP A 1 60  ? 1.546   -7.000  -2.969  1.00 14.24 ? 74  TRP A O     1 
ATOM   491  C  CB    . TRP A 1 60  ? 3.231   -8.839  -4.502  1.00 13.89 ? 74  TRP A CB    1 
ATOM   492  C  CG    . TRP A 1 60  ? 3.857   -9.786  -5.484  1.00 13.59 ? 74  TRP A CG    1 
ATOM   493  C  CD1   . TRP A 1 60  ? 4.986   -9.573  -6.221  1.00 18.60 ? 74  TRP A CD1   1 
ATOM   494  C  CD2   . TRP A 1 60  ? 3.428   -11.118 -5.782  1.00 12.95 ? 74  TRP A CD2   1 
ATOM   495  N  NE1   . TRP A 1 60  ? 5.294   -10.695 -6.958  1.00 23.84 ? 74  TRP A NE1   1 
ATOM   496  C  CE2   . TRP A 1 60  ? 4.355   -11.658 -6.709  1.00 18.23 ? 74  TRP A CE2   1 
ATOM   497  C  CE3   . TRP A 1 60  ? 2.354   -11.916 -5.356  1.00 16.88 ? 74  TRP A CE3   1 
ATOM   498  C  CZ2   . TRP A 1 60  ? 4.240   -12.957 -7.210  1.00 14.46 ? 74  TRP A CZ2   1 
ATOM   499  C  CZ3   . TRP A 1 60  ? 2.240   -13.206 -5.854  1.00 19.27 ? 74  TRP A CZ3   1 
ATOM   500  C  CH2   . TRP A 1 60  ? 3.186   -13.715 -6.777  1.00 17.17 ? 74  TRP A CH2   1 
ATOM   501  N  N     . ASP A 1 61  ? -0.103  -8.410  -3.582  1.00 9.92  ? 75  ASP A N     1 
ATOM   502  C  CA    . ASP A 1 61  ? -1.020  -8.141  -2.481  1.00 11.58 ? 75  ASP A CA    1 
ATOM   503  C  C     . ASP A 1 61  ? -0.803  -9.262  -1.460  1.00 10.94 ? 75  ASP A C     1 
ATOM   504  O  O     . ASP A 1 61  ? -1.348  -10.347 -1.601  1.00 15.28 ? 75  ASP A O     1 
ATOM   505  C  CB    . ASP A 1 61  ? -2.459  -8.194  -3.006  1.00 11.47 ? 75  ASP A CB    1 
ATOM   506  C  CG    . ASP A 1 61  ? -3.479  -8.082  -1.914  1.00 11.57 ? 75  ASP A CG    1 
ATOM   507  O  OD1   . ASP A 1 61  ? -3.123  -7.635  -0.804  1.00 12.83 ? 75  ASP A OD1   1 
ATOM   508  O  OD2   . ASP A 1 61  ? -4.636  -8.445  -2.169  1.00 11.08 ? 75  ASP A OD2   1 
ATOM   509  N  N     . THR A 1 62  ? -0.019  -8.997  -0.427  1.00 10.37 ? 76  THR A N     1 
ATOM   510  C  CA    . THR A 1 62  ? 0.285   -10.026 0.550   1.00 11.75 ? 76  THR A CA    1 
ATOM   511  C  C     . THR A 1 62  ? -0.791  -10.259 1.606   1.00 10.92 ? 76  THR A C     1 
ATOM   512  O  O     . THR A 1 62  ? -1.556  -9.352  1.949   1.00 12.95 ? 76  THR A O     1 
ATOM   513  C  CB    . THR A 1 62  ? 1.601   -9.719  1.296   1.00 14.09 ? 76  THR A CB    1 
ATOM   514  O  OG1   . THR A 1 62  ? 1.434   -8.537  2.094   1.00 12.37 ? 76  THR A OG1   1 
ATOM   515  C  CG2   . THR A 1 62  ? 2.736   -9.497  0.309   1.00 14.05 ? 76  THR A CG2   1 
ATOM   516  N  N     . ALA A 1 63  ? -0.857  -11.503 2.096   1.00 13.57 ? 77  ALA A N     1 
ATOM   517  C  CA    . ALA A 1 63  ? -1.776  -11.830 3.171   1.00 13.26 ? 77  ALA A CA    1 
ATOM   518  C  C     . ALA A 1 63  ? -1.054  -11.234 4.390   1.00 12.89 ? 77  ALA A C     1 
ATOM   519  O  O     . ALA A 1 63  ? 0.160   -11.411 4.550   1.00 15.99 ? 77  ALA A O     1 
ATOM   520  C  CB    . ALA A 1 63  ? -1.928  -13.346 3.314   1.00 14.25 ? 77  ALA A CB    1 
ATOM   521  N  N     . GLY A 1 64  ? -1.788  -10.519 5.235   1.00 14.89 ? 78  GLY A N     1 
ATOM   522  C  CA    . GLY A 1 64  ? -1.172  -9.866  6.373   1.00 14.88 ? 78  GLY A CA    1 
ATOM   523  C  C     . GLY A 1 64  ? -1.038  -10.593 7.695   1.00 17.32 ? 78  GLY A C     1 
ATOM   524  O  O     . GLY A 1 64  ? -0.371  -10.088 8.602   1.00 18.07 ? 78  GLY A O     1 
ATOM   525  N  N     . GLN A 1 65  ? -1.657  -11.765 7.818   1.00 18.61 ? 79  GLN A N     1 
ATOM   526  C  CA    . GLN A 1 65  ? -1.570  -12.530 9.062   1.00 20.64 ? 79  GLN A CA    1 
ATOM   527  C  C     . GLN A 1 65  ? -0.124  -12.829 9.400   1.00 19.61 ? 79  GLN A C     1 
ATOM   528  O  O     . GLN A 1 65  ? 0.697   -13.063 8.508   1.00 18.14 ? 79  GLN A O     1 
ATOM   529  C  CB    . GLN A 1 65  ? -2.302  -13.864 8.941   1.00 21.99 ? 79  GLN A CB    1 
ATOM   530  C  CG    . GLN A 1 65  ? -3.822  -13.688 9.058   1.00 29.90 ? 79  GLN A CG    1 
ATOM   531  C  CD    . GLN A 1 65  ? -4.456  -13.481 7.711   1.00 30.47 ? 79  GLN A CD    1 
ATOM   532  O  OE1   . GLN A 1 65  ? -3.815  -13.000 6.769   1.00 29.38 ? 79  GLN A OE1   1 
ATOM   533  N  NE2   . GLN A 1 65  ? -5.746  -13.825 7.611   1.00 33.43 ? 79  GLN A NE2   1 
ATOM   534  N  N     . GLU A 1 66  ? 0.177   -12.863 10.693  1.00 19.27 ? 80  GLU A N     1 
ATOM   535  C  CA    . GLU A 1 66  ? 1.536   -13.128 11.143  1.00 20.98 ? 80  GLU A CA    1 
ATOM   536  C  C     . GLU A 1 66  ? 2.121   -14.454 10.646  1.00 18.39 ? 80  GLU A C     1 
ATOM   537  O  O     . GLU A 1 66  ? 3.333   -14.560 10.478  1.00 18.85 ? 80  GLU A O     1 
ATOM   538  C  CB    . GLU A 1 66  ? 1.607   -13.072 12.676  1.00 26.90 ? 80  GLU A CB    1 
ATOM   539  C  CG    . GLU A 1 66  ? 3.037   -13.158 13.220  1.00 27.36 ? 80  GLU A CG    1 
ATOM   540  C  CD    . GLU A 1 66  ? 3.873   -11.925 12.885  1.00 34.72 ? 80  GLU A CD    1 
ATOM   541  O  OE1   . GLU A 1 66  ? 5.113   -12.058 12.713  1.00 32.54 ? 80  GLU A OE1   1 
ATOM   542  O  OE2   . GLU A 1 66  ? 3.296   -10.813 12.808  1.00 42.08 ? 80  GLU A OE2   1 
ATOM   543  N  N     . ARG A 1 67  ? 1.280   -15.468 10.411  1.00 17.09 ? 81  ARG A N     1 
ATOM   544  C  CA    . ARG A 1 67  ? 1.800   -16.754 9.937   1.00 14.69 ? 81  ARG A CA    1 
ATOM   545  C  C     . ARG A 1 67  ? 2.376   -16.648 8.520   1.00 18.88 ? 81  ARG A C     1 
ATOM   546  O  O     . ARG A 1 67  ? 3.006   -17.575 8.027   1.00 19.94 ? 81  ARG A O     1 
ATOM   547  C  CB    . ARG A 1 67  ? 0.704   -17.830 9.961   1.00 17.26 ? 81  ARG A CB    1 
ATOM   548  C  CG    . ARG A 1 67  ? -0.511  -17.541 9.082   1.00 22.13 ? 81  ARG A CG    1 
ATOM   549  C  CD    . ARG A 1 67  ? -1.482  -18.722 9.096   1.00 24.35 ? 81  ARG A CD    1 
ATOM   550  N  NE    . ARG A 1 67  ? -2.618  -18.549 8.181   1.00 28.89 ? 81  ARG A NE    1 
ATOM   551  C  CZ    . ARG A 1 67  ? -3.698  -17.802 8.430   1.00 27.99 ? 81  ARG A CZ    1 
ATOM   552  N  NH1   . ARG A 1 67  ? -3.818  -17.140 9.576   1.00 25.94 ? 81  ARG A NH1   1 
ATOM   553  N  NH2   . ARG A 1 67  ? -4.668  -17.719 7.525   1.00 33.19 ? 81  ARG A NH2   1 
ATOM   554  N  N     . TYR A 1 68  ? 2.152   -15.517 7.855   1.00 16.25 ? 82  TYR A N     1 
ATOM   555  C  CA    . TYR A 1 68  ? 2.669   -15.343 6.508   1.00 16.23 ? 82  TYR A CA    1 
ATOM   556  C  C     . TYR A 1 68  ? 3.870   -14.420 6.519   1.00 14.19 ? 82  TYR A C     1 
ATOM   557  O  O     . TYR A 1 68  ? 4.460   -14.147 5.468   1.00 14.78 ? 82  TYR A O     1 
ATOM   558  C  CB    . TYR A 1 68  ? 1.626   -14.718 5.585   1.00 15.66 ? 82  TYR A CB    1 
ATOM   559  C  CG    . TYR A 1 68  ? 0.387   -15.553 5.379   1.00 20.38 ? 82  TYR A CG    1 
ATOM   560  C  CD1   . TYR A 1 68  ? -0.830  -15.163 5.943   1.00 19.90 ? 82  TYR A CD1   1 
ATOM   561  C  CD2   . TYR A 1 68  ? 0.429   -16.735 4.636   1.00 22.92 ? 82  TYR A CD2   1 
ATOM   562  C  CE1   . TYR A 1 68  ? -1.981  -15.934 5.770   1.00 25.86 ? 82  TYR A CE1   1 
ATOM   563  C  CE2   . TYR A 1 68  ? -0.718  -17.517 4.460   1.00 28.18 ? 82  TYR A CE2   1 
ATOM   564  C  CZ    . TYR A 1 68  ? -1.916  -17.108 5.030   1.00 30.46 ? 82  TYR A CZ    1 
ATOM   565  O  OH    . TYR A 1 68  ? -3.051  -17.877 4.881   1.00 36.55 ? 82  TYR A OH    1 
ATOM   566  N  N     . HIS A 1 69  ? 4.227   -13.921 7.694   1.00 15.55 ? 83  HIS A N     1 
ATOM   567  C  CA    . HIS A 1 69  ? 5.352   -12.995 7.789   1.00 12.44 ? 83  HIS A CA    1 
ATOM   568  C  C     . HIS A 1 69  ? 6.634   -13.531 7.143   1.00 15.05 ? 83  HIS A C     1 
ATOM   569  O  O     . HIS A 1 69  ? 7.333   -12.810 6.414   1.00 14.56 ? 83  HIS A O     1 
ATOM   570  C  CB    . HIS A 1 69  ? 5.607   -12.655 9.265   1.00 15.59 ? 83  HIS A CB    1 
ATOM   571  C  CG    . HIS A 1 69  ? 6.578   -11.530 9.478   1.00 18.29 ? 83  HIS A CG    1 
ATOM   572  N  ND1   . HIS A 1 69  ? 6.915   -11.076 10.736  1.00 27.00 ? 83  HIS A ND1   1 
ATOM   573  C  CD2   . HIS A 1 69  ? 7.278   -10.768 8.604   1.00 16.06 ? 83  HIS A CD2   1 
ATOM   574  C  CE1   . HIS A 1 69  ? 7.782   -10.082 10.625  1.00 28.24 ? 83  HIS A CE1   1 
ATOM   575  N  NE2   . HIS A 1 69  ? 8.019   -9.877  9.340   1.00 16.55 ? 83  HIS A NE2   1 
ATOM   576  N  N     . SER A 1 70  ? 6.951   -14.797 7.387   1.00 13.43 ? 84  SER A N     1 
ATOM   577  C  CA    . SER A 1 70  ? 8.170   -15.357 6.815   1.00 14.37 ? 84  SER A CA    1 
ATOM   578  C  C     . SER A 1 70  ? 8.209   -15.416 5.283   1.00 15.12 ? 84  SER A C     1 
ATOM   579  O  O     . SER A 1 70  ? 9.282   -15.583 4.695   1.00 15.43 ? 84  SER A O     1 
ATOM   580  C  CB    . SER A 1 70  ? 8.436   -16.746 7.406   1.00 19.01 ? 84  SER A CB    1 
ATOM   581  O  OG    . SER A 1 70  ? 7.456   -17.675 6.984   1.00 18.27 ? 84  SER A OG    1 
ATOM   582  N  N     . LEU A 1 71  ? 7.057   -15.265 4.628   1.00 12.44 ? 85  LEU A N     1 
ATOM   583  C  CA    . LEU A 1 71  ? 7.012   -15.277 3.163   1.00 11.80 ? 85  LEU A CA    1 
ATOM   584  C  C     . LEU A 1 71  ? 7.178   -13.864 2.572   1.00 14.07 ? 85  LEU A C     1 
ATOM   585  O  O     . LEU A 1 71  ? 7.462   -13.707 1.397   1.00 14.14 ? 85  LEU A O     1 
ATOM   586  C  CB    . LEU A 1 71  ? 5.672   -15.852 2.682   1.00 17.11 ? 85  LEU A CB    1 
ATOM   587  C  CG    . LEU A 1 71  ? 5.347   -17.222 3.286   1.00 24.82 ? 85  LEU A CG    1 
ATOM   588  C  CD1   . LEU A 1 71  ? 3.972   -17.696 2.821   1.00 29.80 ? 85  LEU A CD1   1 
ATOM   589  C  CD2   . LEU A 1 71  ? 6.429   -18.216 2.889   1.00 25.86 ? 85  LEU A CD2   1 
ATOM   590  N  N     . ALA A 1 72  ? 7.030   -12.835 3.396   1.00 11.28 ? 86  ALA A N     1 
ATOM   591  C  CA    . ALA A 1 72  ? 7.108   -11.468 2.887   1.00 13.58 ? 86  ALA A CA    1 
ATOM   592  C  C     . ALA A 1 72  ? 8.326   -11.120 2.024   1.00 12.26 ? 86  ALA A C     1 
ATOM   593  O  O     . ALA A 1 72  ? 8.189   -10.424 1.006   1.00 11.35 ? 86  ALA A O     1 
ATOM   594  C  CB    . ALA A 1 72  ? 6.974   -10.469 4.055   1.00 13.89 ? 86  ALA A CB    1 
ATOM   595  N  N     . PRO A 1 73  ? 9.532   -11.588 2.398   1.00 13.03 ? 87  PRO A N     1 
ATOM   596  C  CA    . PRO A 1 73  ? 10.705  -11.258 1.576   1.00 13.38 ? 87  PRO A CA    1 
ATOM   597  C  C     . PRO A 1 73  ? 10.595  -11.773 0.127   1.00 9.62  ? 87  PRO A C     1 
ATOM   598  O  O     . PRO A 1 73  ? 11.235  -11.228 -0.787  1.00 13.00 ? 87  PRO A O     1 
ATOM   599  C  CB    . PRO A 1 73  ? 11.858  -11.908 2.338   1.00 12.73 ? 87  PRO A CB    1 
ATOM   600  C  CG    . PRO A 1 73  ? 11.387  -11.867 3.766   1.00 14.60 ? 87  PRO A CG    1 
ATOM   601  C  CD    . PRO A 1 73  ? 9.930   -12.245 3.656   1.00 13.19 ? 87  PRO A CD    1 
ATOM   602  N  N     . MET A 1 74  ? 9.822   -12.836 -0.086  1.00 11.57 ? 88  MET A N     1 
ATOM   603  C  CA    . MET A 1 74  ? 9.652   -13.367 -1.447  1.00 10.22 ? 88  MET A CA    1 
ATOM   604  C  C     . MET A 1 74  ? 9.019   -12.317 -2.328  1.00 14.79 ? 88  MET A C     1 
ATOM   605  O  O     . MET A 1 74  ? 9.272   -12.261 -3.540  1.00 15.12 ? 88  MET A O     1 
ATOM   606  C  CB    . MET A 1 74  ? 8.761   -14.619 -1.473  1.00 12.97 ? 88  MET A CB    1 
ATOM   607  C  CG    . MET A 1 74  ? 9.312   -15.787 -0.715  1.00 19.86 ? 88  MET A CG    1 
ATOM   608  S  SD    . MET A 1 74  ? 10.823  -16.399 -1.504  1.00 31.27 ? 88  MET A SD    1 
ATOM   609  C  CE    . MET A 1 74  ? 10.121  -17.106 -3.038  1.00 22.80 ? 88  MET A CE    1 
ATOM   610  N  N     . TYR A 1 75  ? 8.209   -11.462 -1.711  1.00 12.50 ? 89  TYR A N     1 
ATOM   611  C  CA    . TYR A 1 75  ? 7.494   -10.414 -2.442  1.00 12.02 ? 89  TYR A CA    1 
ATOM   612  C  C     . TYR A 1 75  ? 8.133   -9.050  -2.409  1.00 13.60 ? 89  TYR A C     1 
ATOM   613  O  O     . TYR A 1 75  ? 7.962   -8.265  -3.354  1.00 14.20 ? 89  TYR A O     1 
ATOM   614  C  CB    . TYR A 1 75  ? 6.054   -10.334 -1.924  1.00 12.52 ? 89  TYR A CB    1 
ATOM   615  C  CG    . TYR A 1 75  ? 5.393   -11.687 -1.926  1.00 11.42 ? 89  TYR A CG    1 
ATOM   616  C  CD1   . TYR A 1 75  ? 5.022   -12.292 -0.735  1.00 11.72 ? 89  TYR A CD1   1 
ATOM   617  C  CD2   . TYR A 1 75  ? 5.192   -12.383 -3.119  1.00 13.43 ? 89  TYR A CD2   1 
ATOM   618  C  CE1   . TYR A 1 75  ? 4.466   -13.564 -0.721  1.00 14.45 ? 89  TYR A CE1   1 
ATOM   619  C  CE2   . TYR A 1 75  ? 4.634   -13.660 -3.119  1.00 12.89 ? 89  TYR A CE2   1 
ATOM   620  C  CZ    . TYR A 1 75  ? 4.275   -14.234 -1.908  1.00 11.25 ? 89  TYR A CZ    1 
ATOM   621  O  OH    . TYR A 1 75  ? 3.724   -15.498 -1.874  1.00 18.34 ? 89  TYR A OH    1 
ATOM   622  N  N     . TYR A 1 76  ? 8.880   -8.737  -1.350  1.00 11.51 ? 90  TYR A N     1 
ATOM   623  C  CA    . TYR A 1 76  ? 9.516   -7.419  -1.329  1.00 11.47 ? 90  TYR A CA    1 
ATOM   624  C  C     . TYR A 1 76  ? 10.958  -7.372  -1.781  1.00 11.07 ? 90  TYR A C     1 
ATOM   625  O  O     . TYR A 1 76  ? 11.462  -6.298  -2.098  1.00 13.11 ? 90  TYR A O     1 
ATOM   626  C  CB    . TYR A 1 76  ? 9.370   -6.707  0.047   1.00 9.54  ? 90  TYR A CB    1 
ATOM   627  C  CG    . TYR A 1 76  ? 10.105  -7.283  1.254   1.00 8.93  ? 90  TYR A CG    1 
ATOM   628  C  CD1   . TYR A 1 76  ? 11.504  -7.302  1.320   1.00 10.19 ? 90  TYR A CD1   1 
ATOM   629  C  CD2   . TYR A 1 76  ? 9.385   -7.722  2.371   1.00 10.29 ? 90  TYR A CD2   1 
ATOM   630  C  CE1   . TYR A 1 76  ? 12.162  -7.743  2.481   1.00 8.65  ? 90  TYR A CE1   1 
ATOM   631  C  CE2   . TYR A 1 76  ? 10.025  -8.161  3.535   1.00 10.85 ? 90  TYR A CE2   1 
ATOM   632  C  CZ    . TYR A 1 76  ? 11.421  -8.161  3.574   1.00 10.17 ? 90  TYR A CZ    1 
ATOM   633  O  OH    . TYR A 1 76  ? 12.068  -8.563  4.712   1.00 10.95 ? 90  TYR A OH    1 
ATOM   634  N  N     . ARG A 1 77  ? 11.618  -8.528  -1.855  1.00 12.89 ? 91  ARG A N     1 
ATOM   635  C  CA    . ARG A 1 77  ? 13.016  -8.533  -2.241  1.00 15.59 ? 91  ARG A CA    1 
ATOM   636  C  C     . ARG A 1 77  ? 13.279  -7.830  -3.571  1.00 20.99 ? 91  ARG A C     1 
ATOM   637  O  O     . ARG A 1 77  ? 14.206  -7.022  -3.680  1.00 22.39 ? 91  ARG A O     1 
ATOM   638  C  CB    . ARG A 1 77  ? 13.520  -9.981  -2.288  1.00 16.82 ? 91  ARG A CB    1 
ATOM   639  C  CG    . ARG A 1 77  ? 14.920  -10.144 -2.845  1.00 28.34 ? 91  ARG A CG    1 
ATOM   640  C  CD    . ARG A 1 77  ? 15.655  -11.211 -2.057  1.00 24.78 ? 91  ARG A CD    1 
ATOM   641  N  NE    . ARG A 1 77  ? 14.838  -12.403 -1.876  1.00 42.99 ? 91  ARG A NE    1 
ATOM   642  C  CZ    . ARG A 1 77  ? 14.873  -13.168 -0.792  1.00 36.54 ? 91  ARG A CZ    1 
ATOM   643  N  NH1   . ARG A 1 77  ? 15.687  -12.852 0.207   1.00 41.52 ? 91  ARG A NH1   1 
ATOM   644  N  NH2   . ARG A 1 77  ? 14.108  -14.252 -0.715  1.00 45.37 ? 91  ARG A NH2   1 
ATOM   645  N  N     . GLY A 1 78  ? 12.468  -8.114  -4.580  1.00 18.91 ? 92  GLY A N     1 
ATOM   646  C  CA    . GLY A 1 78  ? 12.702  -7.473  -5.870  1.00 15.60 ? 92  GLY A CA    1 
ATOM   647  C  C     . GLY A 1 78  ? 11.815  -6.276  -6.138  1.00 16.73 ? 92  GLY A C     1 
ATOM   648  O  O     . GLY A 1 78  ? 11.743  -5.778  -7.264  1.00 17.35 ? 92  GLY A O     1 
ATOM   649  N  N     . ALA A 1 79  ? 11.167  -5.779  -5.093  1.00 12.73 ? 93  ALA A N     1 
ATOM   650  C  CA    . ALA A 1 79  ? 10.241  -4.663  -5.272  1.00 12.28 ? 93  ALA A CA    1 
ATOM   651  C  C     . ALA A 1 79  ? 10.912  -3.310  -5.440  1.00 12.12 ? 93  ALA A C     1 
ATOM   652  O  O     . ALA A 1 79  ? 11.901  -3.024  -4.792  1.00 13.63 ? 93  ALA A O     1 
ATOM   653  C  CB    . ALA A 1 79  ? 9.287   -4.611  -4.103  1.00 11.76 ? 93  ALA A CB    1 
ATOM   654  N  N     . GLN A 1 80  ? 10.355  -2.484  -6.331  1.00 12.26 ? 94  GLN A N     1 
ATOM   655  C  CA    . GLN A 1 80  ? 10.871  -1.140  -6.542  1.00 11.83 ? 94  GLN A CA    1 
ATOM   656  C  C     . GLN A 1 80  ? 10.124  -0.160  -5.652  1.00 12.88 ? 94  GLN A C     1 
ATOM   657  O  O     . GLN A 1 80  ? 10.609  0.941   -5.367  1.00 14.18 ? 94  GLN A O     1 
ATOM   658  C  CB    . GLN A 1 80  ? 10.740  -0.760  -8.014  1.00 14.29 ? 94  GLN A CB    1 
ATOM   659  C  CG    . GLN A 1 80  ? 11.833  -1.414  -8.815  1.00 14.44 ? 94  GLN A CG    1 
ATOM   660  C  CD    . GLN A 1 80  ? 11.472  -1.641  -10.250 1.00 27.06 ? 94  GLN A CD    1 
ATOM   661  O  OE1   . GLN A 1 80  ? 10.496  -2.329  -10.556 1.00 27.44 ? 94  GLN A OE1   1 
ATOM   662  N  NE2   . GLN A 1 80  ? 12.277  -1.076  -11.157 1.00 33.76 ? 94  GLN A NE2   1 
ATOM   663  N  N     . ALA A 1 81  ? 8.948   -0.580  -5.183  1.00 10.28 ? 95  ALA A N     1 
ATOM   664  C  CA    . ALA A 1 81  ? 8.133   0.252   -4.301  1.00 10.13 ? 95  ALA A CA    1 
ATOM   665  C  C     . ALA A 1 81  ? 7.273   -0.613  -3.411  1.00 11.06 ? 95  ALA A C     1 
ATOM   666  O  O     . ALA A 1 81  ? 7.005   -1.773  -3.728  1.00 10.09 ? 95  ALA A O     1 
ATOM   667  C  CB    . ALA A 1 81  ? 7.224   1.160   -5.139  1.00 13.65 ? 95  ALA A CB    1 
ATOM   668  N  N     . ALA A 1 82  ? 6.847   -0.034  -2.294  1.00 11.54 ? 96  ALA A N     1 
ATOM   669  C  CA    . ALA A 1 82  ? 5.962   -0.751  -1.372  1.00 9.81  ? 96  ALA A CA    1 
ATOM   670  C  C     . ALA A 1 82  ? 4.912   0.218   -0.871  1.00 9.23  ? 96  ALA A C     1 
ATOM   671  O  O     . ALA A 1 82  ? 5.167   1.414   -0.807  1.00 12.72 ? 96  ALA A O     1 
ATOM   672  C  CB    . ALA A 1 82  ? 6.748   -1.274  -0.148  1.00 8.08  ? 96  ALA A CB    1 
ATOM   673  N  N     . ILE A 1 83  ? 3.734   -0.303  -0.541  1.00 9.03  ? 97  ILE A N     1 
ATOM   674  C  CA    . ILE A 1 83  ? 2.747   0.526   0.125   1.00 9.27  ? 97  ILE A CA    1 
ATOM   675  C  C     . ILE A 1 83  ? 2.501   -0.262  1.417   1.00 8.45  ? 97  ILE A C     1 
ATOM   676  O  O     . ILE A 1 83  ? 2.058   -1.419  1.390   1.00 11.01 ? 97  ILE A O     1 
ATOM   677  C  CB    . ILE A 1 83  ? 1.405   0.676   -0.609  1.00 7.63  ? 97  ILE A CB    1 
ATOM   678  C  CG1   . ILE A 1 83  ? 1.614   1.284   -1.988  1.00 9.23  ? 97  ILE A CG1   1 
ATOM   679  C  CG2   . ILE A 1 83  ? 0.461   1.552   0.253   1.00 11.84 ? 97  ILE A CG2   1 
ATOM   680  C  CD1   . ILE A 1 83  ? 0.304   1.451   -2.808  1.00 10.86 ? 97  ILE A CD1   1 
ATOM   681  N  N     . VAL A 1 84  ? 2.838   0.354   2.541   1.00 8.70  ? 98  VAL A N     1 
ATOM   682  C  CA    . VAL A 1 84  ? 2.572   -0.262  3.835   1.00 8.24  ? 98  VAL A CA    1 
ATOM   683  C  C     . VAL A 1 84  ? 1.212   0.333   4.237   1.00 9.54  ? 98  VAL A C     1 
ATOM   684  O  O     . VAL A 1 84  ? 1.064   1.557   4.288   1.00 10.71 ? 98  VAL A O     1 
ATOM   685  C  CB    . VAL A 1 84  ? 3.675   0.113   4.842   1.00 9.04  ? 98  VAL A CB    1 
ATOM   686  C  CG1   . VAL A 1 84  ? 3.350   -0.504  6.203   1.00 7.48  ? 98  VAL A CG1   1 
ATOM   687  C  CG2   . VAL A 1 84  ? 5.036   -0.393  4.330   1.00 8.85  ? 98  VAL A CG2   1 
ATOM   688  N  N     . VAL A 1 85  ? 0.227   -0.533  4.481   1.00 8.78  ? 99  VAL A N     1 
ATOM   689  C  CA    . VAL A 1 85  ? -1.129  -0.080  4.801   1.00 8.29  ? 99  VAL A CA    1 
ATOM   690  C  C     . VAL A 1 85  ? -1.526  -0.272  6.256   1.00 8.65  ? 99  VAL A C     1 
ATOM   691  O  O     . VAL A 1 85  ? -1.172  -1.270  6.868   1.00 9.93  ? 99  VAL A O     1 
ATOM   692  C  CB    . VAL A 1 85  ? -2.171  -0.857  3.942   1.00 10.12 ? 99  VAL A CB    1 
ATOM   693  C  CG1   . VAL A 1 85  ? -3.549  -0.287  4.120   1.00 13.98 ? 99  VAL A CG1   1 
ATOM   694  C  CG2   . VAL A 1 85  ? -1.781  -0.801  2.458   1.00 9.65  ? 99  VAL A CG2   1 
ATOM   695  N  N     . TYR A 1 86  ? -2.211  0.725   6.816   1.00 8.13  ? 100 TYR A N     1 
ATOM   696  C  CA    . TYR A 1 86  ? -2.795  0.553   8.146   1.00 9.03  ? 100 TYR A CA    1 
ATOM   697  C  C     . TYR A 1 86  ? -4.248  1.028   8.024   1.00 8.57  ? 100 TYR A C     1 
ATOM   698  O  O     . TYR A 1 86  ? -4.669  1.476   6.974   1.00 9.68  ? 100 TYR A O     1 
ATOM   699  C  CB    . TYR A 1 86  ? -2.035  1.302   9.263   1.00 9.20  ? 100 TYR A CB    1 
ATOM   700  C  CG    . TYR A 1 86  ? -2.067  2.809   9.222   1.00 10.07 ? 100 TYR A CG    1 
ATOM   701  C  CD1   . TYR A 1 86  ? -3.011  3.530   9.963   1.00 9.38  ? 100 TYR A CD1   1 
ATOM   702  C  CD2   . TYR A 1 86  ? -1.163  3.512   8.444   1.00 9.89  ? 100 TYR A CD2   1 
ATOM   703  C  CE1   . TYR A 1 86  ? -3.035  4.926   9.913   1.00 7.70  ? 100 TYR A CE1   1 
ATOM   704  C  CE2   . TYR A 1 86  ? -1.178  4.879   8.383   1.00 9.55  ? 100 TYR A CE2   1 
ATOM   705  C  CZ    . TYR A 1 86  ? -2.125  5.581   9.122   1.00 9.00  ? 100 TYR A CZ    1 
ATOM   706  O  OH    . TYR A 1 86  ? -2.150  6.950   9.042   1.00 11.11 ? 100 TYR A OH    1 
ATOM   707  N  N     . ASP A 1 87  ? -5.018  0.875   9.097   1.00 8.64  ? 101 ASP A N     1 
ATOM   708  C  CA    . ASP A 1 87  ? -6.450  1.258   9.136   1.00 7.60  ? 101 ASP A CA    1 
ATOM   709  C  C     . ASP A 1 87  ? -6.508  2.436   10.113  1.00 9.16  ? 101 ASP A C     1 
ATOM   710  O  O     . ASP A 1 87  ? -6.071  2.300   11.260  1.00 11.13 ? 101 ASP A O     1 
ATOM   711  C  CB    . ASP A 1 87  ? -7.212  0.011   9.632   1.00 11.04 ? 101 ASP A CB    1 
ATOM   712  C  CG    . ASP A 1 87  ? -8.669  0.263   10.002  1.00 11.63 ? 101 ASP A CG    1 
ATOM   713  O  OD1   . ASP A 1 87  ? -9.359  -0.751  10.225  1.00 14.99 ? 101 ASP A OD1   1 
ATOM   714  O  OD2   . ASP A 1 87  ? -9.140  1.410   10.075  1.00 10.61 ? 101 ASP A OD2   1 
ATOM   715  N  N     . ILE A 1 88  ? -6.994  3.600   9.672   1.00 9.81  ? 102 ILE A N     1 
ATOM   716  C  CA    . ILE A 1 88  ? -7.010  4.760   10.571  1.00 7.73  ? 102 ILE A CA    1 
ATOM   717  C  C     . ILE A 1 88  ? -7.854  4.625   11.820  1.00 10.11 ? 102 ILE A C     1 
ATOM   718  O  O     . ILE A 1 88  ? -7.745  5.454   12.733  1.00 10.55 ? 102 ILE A O     1 
ATOM   719  C  CB    . ILE A 1 88  ? -7.400  6.085   9.862   1.00 9.33  ? 102 ILE A CB    1 
ATOM   720  C  CG1   . ILE A 1 88  ? -8.910  6.123   9.539   1.00 9.42  ? 102 ILE A CG1   1 
ATOM   721  C  CG2   . ILE A 1 88  ? -6.551  6.255   8.613   1.00 10.00 ? 102 ILE A CG2   1 
ATOM   722  C  CD1   . ILE A 1 88  ? -9.452  7.591   9.364   1.00 10.93 ? 102 ILE A CD1   1 
ATOM   723  N  N     . THR A 1 89  ? -8.658  3.570   11.891  1.00 10.13 ? 103 THR A N     1 
ATOM   724  C  CA    . THR A 1 89  ? -9.492  3.349   13.079  1.00 9.49  ? 103 THR A CA    1 
ATOM   725  C  C     . THR A 1 89  ? -8.844  2.363   14.040  1.00 10.38 ? 103 THR A C     1 
ATOM   726  O  O     . THR A 1 89  ? -9.429  2.033   15.072  1.00 10.95 ? 103 THR A O     1 
ATOM   727  C  CB    . THR A 1 89  ? -10.874 2.741   12.701  1.00 10.71 ? 103 THR A CB    1 
ATOM   728  O  OG1   . THR A 1 89  ? -10.714 1.371   12.313  1.00 11.24 ? 103 THR A OG1   1 
ATOM   729  C  CG2   . THR A 1 89  ? -11.506 3.517   11.550  1.00 11.02 ? 103 THR A CG2   1 
ATOM   730  N  N     . ASN A 1 90  ? -7.635  1.911   13.717  1.00 9.77  ? 104 ASN A N     1 
ATOM   731  C  CA    . ASN A 1 90  ? -6.965  0.876   14.507  1.00 12.55 ? 104 ASN A CA    1 
ATOM   732  C  C     . ASN A 1 90  ? -5.507  1.229   14.762  1.00 10.53 ? 104 ASN A C     1 
ATOM   733  O  O     . ASN A 1 90  ? -4.646  1.031   13.900  1.00 10.42 ? 104 ASN A O     1 
ATOM   734  C  CB    . ASN A 1 90  ? -7.103  -0.435  13.717  1.00 11.03 ? 104 ASN A CB    1 
ATOM   735  C  CG    . ASN A 1 90  ? -6.435  -1.629  14.392  1.00 14.46 ? 104 ASN A CG    1 
ATOM   736  O  OD1   . ASN A 1 90  ? -5.683  -1.495  15.339  1.00 17.48 ? 104 ASN A OD1   1 
ATOM   737  N  ND2   . ASN A 1 90  ? -6.708  -2.814  13.857  1.00 22.98 ? 104 ASN A ND2   1 
ATOM   738  N  N     . GLU A 1 91  ? -5.230  1.763   15.952  1.00 9.35  ? 105 GLU A N     1 
ATOM   739  C  CA    . GLU A 1 91  ? -3.870  2.168   16.290  1.00 11.53 ? 105 GLU A CA    1 
ATOM   740  C  C     . GLU A 1 91  ? -2.880  1.009   16.259  1.00 12.22 ? 105 GLU A C     1 
ATOM   741  O  O     . GLU A 1 91  ? -1.718  1.186   15.879  1.00 11.36 ? 105 GLU A O     1 
ATOM   742  C  CB    . GLU A 1 91  ? -3.834  2.826   17.680  1.00 10.78 ? 105 GLU A CB    1 
ATOM   743  C  CG    . GLU A 1 91  ? -2.433  3.231   18.101  1.00 15.11 ? 105 GLU A CG    1 
ATOM   744  C  CD    . GLU A 1 91  ? -2.420  3.931   19.434  1.00 18.00 ? 105 GLU A CD    1 
ATOM   745  O  OE1   . GLU A 1 91  ? -2.308  5.172   19.449  1.00 20.91 ? 105 GLU A OE1   1 
ATOM   746  O  OE2   . GLU A 1 91  ? -2.533  3.240   20.464  1.00 21.21 ? 105 GLU A OE2   1 
ATOM   747  N  N     . GLU A 1 92  ? -3.324  -0.181  16.659  1.00 11.44 ? 106 GLU A N     1 
ATOM   748  C  CA    . GLU A 1 92  ? -2.424  -1.325  16.628  1.00 11.86 ? 106 GLU A CA    1 
ATOM   749  C  C     . GLU A 1 92  ? -1.933  -1.588  15.193  1.00 11.85 ? 106 GLU A C     1 
ATOM   750  O  O     . GLU A 1 92  ? -0.765  -1.954  14.974  1.00 10.80 ? 106 GLU A O     1 
ATOM   751  C  CB    A GLU A 1 92  ? -3.127  -2.586  17.138  0.40 15.30 ? 106 GLU A CB    1 
ATOM   752  C  CB    B GLU A 1 92  ? -3.146  -2.531  17.235  0.60 15.64 ? 106 GLU A CB    1 
ATOM   753  C  CG    A GLU A 1 92  ? -3.414  -2.605  18.625  0.40 16.91 ? 106 GLU A CG    1 
ATOM   754  C  CG    B GLU A 1 92  ? -2.302  -3.755  17.435  0.60 20.93 ? 106 GLU A CG    1 
ATOM   755  C  CD    A GLU A 1 92  ? -4.264  -3.801  19.035  0.40 25.55 ? 106 GLU A CD    1 
ATOM   756  C  CD    B GLU A 1 92  ? -1.960  -4.391  16.124  0.60 23.17 ? 106 GLU A CD    1 
ATOM   757  O  OE1   A GLU A 1 92  ? -4.040  -4.906  18.497  0.40 27.26 ? 106 GLU A OE1   1 
ATOM   758  O  OE1   B GLU A 1 92  ? -2.830  -4.349  15.231  0.60 20.16 ? 106 GLU A OE1   1 
ATOM   759  O  OE2   A GLU A 1 92  ? -5.149  -3.637  19.901  0.40 30.95 ? 106 GLU A OE2   1 
ATOM   760  O  OE2   B GLU A 1 92  ? -0.843  -4.940  15.989  0.60 28.03 ? 106 GLU A OE2   1 
ATOM   761  N  N     . SER A 1 93  ? -2.805  -1.394  14.211  1.00 9.85  ? 107 SER A N     1 
ATOM   762  C  CA    . SER A 1 93  ? -2.388  -1.626  12.831  1.00 8.98  ? 107 SER A CA    1 
ATOM   763  C  C     . SER A 1 93  ? -1.358  -0.584  12.378  1.00 8.79  ? 107 SER A C     1 
ATOM   764  O  O     . SER A 1 93  ? -0.526  -0.892  11.518  1.00 10.26 ? 107 SER A O     1 
ATOM   765  C  CB    . SER A 1 93  ? -3.594  -1.633  11.887  1.00 10.15 ? 107 SER A CB    1 
ATOM   766  O  OG    . SER A 1 93  ? -4.130  -0.337  11.656  1.00 10.69 ? 107 SER A OG    1 
ATOM   767  N  N     . PHE A 1 94  ? -1.436  0.627   12.942  1.00 9.03  ? 108 PHE A N     1 
ATOM   768  C  CA    . PHE A 1 94  ? -0.501  1.720   12.646  1.00 8.92  ? 108 PHE A CA    1 
ATOM   769  C  C     . PHE A 1 94  ? 0.871   1.345   13.225  1.00 11.71 ? 108 PHE A C     1 
ATOM   770  O  O     . PHE A 1 94  ? 1.906   1.496   12.564  1.00 9.61  ? 108 PHE A O     1 
ATOM   771  C  CB    . PHE A 1 94  ? -1.046  3.033   13.235  1.00 9.52  ? 108 PHE A CB    1 
ATOM   772  C  CG    . PHE A 1 94  ? -0.135  4.226   13.075  1.00 9.63  ? 108 PHE A CG    1 
ATOM   773  C  CD1   . PHE A 1 94  ? 0.354   4.610   11.830  1.00 12.44 ? 108 PHE A CD1   1 
ATOM   774  C  CD2   . PHE A 1 94  ? 0.145   5.025   14.174  1.00 8.39  ? 108 PHE A CD2   1 
ATOM   775  C  CE1   . PHE A 1 94  ? 1.109   5.800   11.692  1.00 11.79 ? 108 PHE A CE1   1 
ATOM   776  C  CE2   . PHE A 1 94  ? 0.897   6.214   14.055  1.00 8.70  ? 108 PHE A CE2   1 
ATOM   777  C  CZ    . PHE A 1 94  ? 1.372   6.597   12.816  1.00 9.83  ? 108 PHE A CZ    1 
ATOM   778  N  N     . ALA A 1 95  ? 0.883   0.806   14.443  1.00 10.20 ? 109 ALA A N     1 
ATOM   779  C  CA    . ALA A 1 95  ? 2.152   0.374   15.039  1.00 9.36  ? 109 ALA A CA    1 
ATOM   780  C  C     . ALA A 1 95  ? 2.751   -0.769  14.198  1.00 9.62  ? 109 ALA A C     1 
ATOM   781  O  O     . ALA A 1 95  ? 3.973   -0.812  13.938  1.00 8.99  ? 109 ALA A O     1 
ATOM   782  C  CB    . ALA A 1 95  ? 1.893   -0.084  16.507  1.00 9.66  ? 109 ALA A CB    1 
ATOM   783  N  N     . ARG A 1 96  ? 1.897   -1.686  13.738  1.00 8.54  ? 110 ARG A N     1 
ATOM   784  C  CA    . ARG A 1 96  ? 2.399   -2.798  12.929  1.00 9.50  ? 110 ARG A CA    1 
ATOM   785  C  C     . ARG A 1 96  ? 3.003   -2.258  11.626  1.00 10.17 ? 110 ARG A C     1 
ATOM   786  O  O     . ARG A 1 96  ? 4.016   -2.767  11.122  1.00 9.82  ? 110 ARG A O     1 
ATOM   787  C  CB    . ARG A 1 96  ? 1.272   -3.799  12.623  1.00 10.40 ? 110 ARG A CB    1 
ATOM   788  C  CG    . ARG A 1 96  ? 1.710   -4.993  11.750  1.00 12.70 ? 110 ARG A CG    1 
ATOM   789  C  CD    . ARG A 1 96  ? 2.660   -5.882  12.544  1.00 17.04 ? 110 ARG A CD    1 
ATOM   790  N  NE    . ARG A 1 96  ? 3.309   -6.952  11.780  1.00 21.72 ? 110 ARG A NE    1 
ATOM   791  C  CZ    . ARG A 1 96  ? 4.427   -6.800  11.068  1.00 21.99 ? 110 ARG A CZ    1 
ATOM   792  N  NH1   . ARG A 1 96  ? 5.026   -5.622  10.994  1.00 19.19 ? 110 ARG A NH1   1 
ATOM   793  N  NH2   . ARG A 1 96  ? 4.988   -7.849  10.483  1.00 21.99 ? 110 ARG A NH2   1 
ATOM   794  N  N     . ALA A 1 97  ? 2.373   -1.235  11.068  1.00 8.77  ? 111 ALA A N     1 
ATOM   795  C  CA    . ALA A 1 97  ? 2.887   -0.654  9.825   1.00 9.06  ? 111 ALA A CA    1 
ATOM   796  C  C     . ALA A 1 97  ? 4.292   -0.079  10.030  1.00 9.04  ? 111 ALA A C     1 
ATOM   797  O  O     . ALA A 1 97  ? 5.140   -0.189  9.145   1.00 10.13 ? 111 ALA A O     1 
ATOM   798  C  CB    . ALA A 1 97  ? 1.935   0.434   9.322   1.00 9.67  ? 111 ALA A CB    1 
ATOM   799  N  N     . LYS A 1 98  ? 4.540   0.536   11.179  1.00 9.52  ? 112 LYS A N     1 
ATOM   800  C  CA    . LYS A 1 98  ? 5.875   1.086   11.430  1.00 10.02 ? 112 LYS A CA    1 
ATOM   801  C  C     . LYS A 1 98  ? 6.904   -0.040  11.469  1.00 11.98 ? 112 LYS A C     1 
ATOM   802  O  O     . LYS A 1 98  ? 8.047   0.128   11.039  1.00 10.15 ? 112 LYS A O     1 
ATOM   803  C  CB    . LYS A 1 98  ? 5.912   1.861   12.759  1.00 10.78 ? 112 LYS A CB    1 
ATOM   804  C  CG    . LYS A 1 98  ? 4.977   3.048   12.814  1.00 8.36  ? 112 LYS A CG    1 
ATOM   805  C  CD    . LYS A 1 98  ? 5.179   3.848   14.088  1.00 8.38  ? 112 LYS A CD    1 
ATOM   806  C  CE    . LYS A 1 98  ? 4.153   4.973   14.194  1.00 10.83 ? 112 LYS A CE    1 
ATOM   807  N  NZ    . LYS A 1 98  ? 4.288   5.678   15.516  1.00 12.38 ? 112 LYS A NZ    1 
ATOM   808  N  N     . ASN A 1 99  ? 6.500   -1.204  11.966  1.00 11.18 ? 113 ASN A N     1 
ATOM   809  C  CA    . ASN A 1 99  ? 7.451   -2.314  12.009  1.00 10.37 ? 113 ASN A CA    1 
ATOM   810  C  C     . ASN A 1 99  ? 7.715   -2.853  10.594  1.00 11.70 ? 113 ASN A C     1 
ATOM   811  O  O     . ASN A 1 99  ? 8.835   -3.268  10.299  1.00 10.05 ? 113 ASN A O     1 
ATOM   812  C  CB    . ASN A 1 99  ? 6.959   -3.369  12.995  1.00 11.51 ? 113 ASN A CB    1 
ATOM   813  C  CG    . ASN A 1 99  ? 7.091   -2.873  14.424  1.00 14.90 ? 113 ASN A CG    1 
ATOM   814  O  OD1   . ASN A 1 99  ? 8.047   -2.166  14.725  1.00 18.95 ? 113 ASN A OD1   1 
ATOM   815  N  ND2   . ASN A 1 99  ? 6.156   -3.227  15.293  1.00 15.56 ? 113 ASN A ND2   1 
ATOM   816  N  N     . TRP A 1 100 ? 6.702   -2.816  9.723   1.00 10.89 ? 114 TRP A N     1 
ATOM   817  C  CA    . TRP A 1 100 ? 6.912   -3.217  8.339   1.00 7.89  ? 114 TRP A CA    1 
ATOM   818  C  C     . TRP A 1 100 ? 7.884   -2.226  7.676   1.00 9.90  ? 114 TRP A C     1 
ATOM   819  O  O     . TRP A 1 100 ? 8.752   -2.619  6.910   1.00 11.72 ? 114 TRP A O     1 
ATOM   820  C  CB    . TRP A 1 100 ? 5.600   -3.217  7.552   1.00 7.92  ? 114 TRP A CB    1 
ATOM   821  C  CG    . TRP A 1 100 ? 4.834   -4.502  7.681   1.00 8.87  ? 114 TRP A CG    1 
ATOM   822  C  CD1   . TRP A 1 100 ? 3.591   -4.667  8.219   1.00 10.17 ? 114 TRP A CD1   1 
ATOM   823  C  CD2   . TRP A 1 100 ? 5.257   -5.802  7.237   1.00 11.73 ? 114 TRP A CD2   1 
ATOM   824  N  NE1   . TRP A 1 100 ? 3.212   -5.991  8.142   1.00 11.68 ? 114 TRP A NE1   1 
ATOM   825  C  CE2   . TRP A 1 100 ? 4.212   -6.706  7.537   1.00 11.42 ? 114 TRP A CE2   1 
ATOM   826  C  CE3   . TRP A 1 100 ? 6.415   -6.287  6.614   1.00 12.08 ? 114 TRP A CE3   1 
ATOM   827  C  CZ2   . TRP A 1 100 ? 4.289   -8.070  7.241   1.00 15.59 ? 114 TRP A CZ2   1 
ATOM   828  C  CZ3   . TRP A 1 100 ? 6.495   -7.661  6.318   1.00 12.02 ? 114 TRP A CZ3   1 
ATOM   829  C  CH2   . TRP A 1 100 ? 5.431   -8.529  6.633   1.00 12.74 ? 114 TRP A CH2   1 
ATOM   830  N  N     . VAL A 1 101 ? 7.728   -0.942  7.968   1.00 10.45 ? 115 VAL A N     1 
ATOM   831  C  CA    . VAL A 1 101 ? 8.626   0.043   7.389   1.00 9.81  ? 115 VAL A CA    1 
ATOM   832  C  C     . VAL A 1 101 ? 10.061  -0.218  7.825   1.00 11.83 ? 115 VAL A C     1 
ATOM   833  O  O     . VAL A 1 101 ? 10.991  -0.145  7.020   1.00 11.09 ? 115 VAL A O     1 
ATOM   834  C  CB    . VAL A 1 101 ? 8.192   1.476   7.773   1.00 9.26  ? 115 VAL A CB    1 
ATOM   835  C  CG1   . VAL A 1 101 ? 9.297   2.489   7.424   1.00 10.59 ? 115 VAL A CG1   1 
ATOM   836  C  CG2   . VAL A 1 101 ? 6.908   1.822   7.020   1.00 10.93 ? 115 VAL A CG2   1 
ATOM   837  N  N     . LYS A 1 102 ? 10.242  -0.528  9.100   1.00 13.02 ? 116 LYS A N     1 
ATOM   838  C  CA    . LYS A 1 102 ? 11.579  -0.827  9.613   1.00 9.98  ? 116 LYS A CA    1 
ATOM   839  C  C     . LYS A 1 102 ? 12.165  -2.019  8.889   1.00 12.07 ? 116 LYS A C     1 
ATOM   840  O  O     . LYS A 1 102 ? 13.338  -2.018  8.514   1.00 11.73 ? 116 LYS A O     1 
ATOM   841  C  CB    . LYS A 1 102 ? 11.518  -1.152  11.096  1.00 18.42 ? 116 LYS A CB    1 
ATOM   842  C  CG    . LYS A 1 102 ? 11.149  0.012   11.980  1.00 25.49 ? 116 LYS A CG    1 
ATOM   843  C  CD    . LYS A 1 102 ? 12.252  0.232   12.991  1.00 40.56 ? 116 LYS A CD    1 
ATOM   844  C  CE    . LYS A 1 102 ? 11.792  1.032   14.190  1.00 40.72 ? 116 LYS A CE    1 
ATOM   845  N  NZ    . LYS A 1 102 ? 12.921  1.315   15.128  1.00 47.20 ? 116 LYS A NZ    1 
ATOM   846  N  N     . GLU A 1 103 ? 11.349  -3.054  8.701   1.00 11.84 ? 117 GLU A N     1 
ATOM   847  C  CA    . GLU A 1 103 ? 11.831  -4.256  8.019   1.00 10.52 ? 117 GLU A CA    1 
ATOM   848  C  C     . GLU A 1 103 ? 12.242  -3.937  6.582   1.00 13.06 ? 117 GLU A C     1 
ATOM   849  O  O     . GLU A 1 103 ? 13.276  -4.418  6.089   1.00 12.46 ? 117 GLU A O     1 
ATOM   850  C  CB    . GLU A 1 103 ? 10.755  -5.364  8.047   1.00 10.21 ? 117 GLU A CB    1 
ATOM   851  C  CG    . GLU A 1 103 ? 11.177  -6.594  7.228   1.00 10.70 ? 117 GLU A CG    1 
ATOM   852  C  CD    . GLU A 1 103 ? 10.355  -7.829  7.521   1.00 10.07 ? 117 GLU A CD    1 
ATOM   853  O  OE1   . GLU A 1 103 ? 10.421  -8.789  6.714   1.00 12.14 ? 117 GLU A OE1   1 
ATOM   854  O  OE2   . GLU A 1 103 ? 9.655   -7.846  8.554   1.00 14.15 ? 117 GLU A OE2   1 
ATOM   855  N  N     . LEU A 1 104 ? 11.452  -3.115  5.898   1.00 9.43  ? 118 LEU A N     1 
ATOM   856  C  CA    . LEU A 1 104 ? 11.797  -2.763  4.527   1.00 8.56  ? 118 LEU A CA    1 
ATOM   857  C  C     . LEU A 1 104 ? 13.084  -1.950  4.499   1.00 12.43 ? 118 LEU A C     1 
ATOM   858  O  O     . LEU A 1 104 ? 13.942  -2.168  3.646   1.00 13.43 ? 118 LEU A O     1 
ATOM   859  C  CB    . LEU A 1 104 ? 10.688  -1.941  3.873   1.00 11.41 ? 118 LEU A CB    1 
ATOM   860  C  CG    . LEU A 1 104 ? 9.396   -2.682  3.541   1.00 10.29 ? 118 LEU A CG    1 
ATOM   861  C  CD1   . LEU A 1 104 ? 8.392   -1.675  3.021   1.00 13.87 ? 118 LEU A CD1   1 
ATOM   862  C  CD2   . LEU A 1 104 ? 9.652   -3.768  2.478   1.00 12.46 ? 118 LEU A CD2   1 
ATOM   863  N  N     . GLN A 1 105 ? 13.210  -0.995  5.405   1.00 12.96 ? 119 GLN A N     1 
ATOM   864  C  CA    . GLN A 1 105 ? 14.412  -0.164  5.407   1.00 12.69 ? 119 GLN A CA    1 
ATOM   865  C  C     . GLN A 1 105 ? 15.679  -0.967  5.658   1.00 11.04 ? 119 GLN A C     1 
ATOM   866  O  O     . GLN A 1 105 ? 16.749  -0.597  5.178   1.00 17.33 ? 119 GLN A O     1 
ATOM   867  C  CB    . GLN A 1 105 ? 14.293  0.939   6.457   1.00 16.42 ? 119 GLN A CB    1 
ATOM   868  C  CG    . GLN A 1 105 ? 13.234  1.955   6.147   1.00 16.12 ? 119 GLN A CG    1 
ATOM   869  C  CD    . GLN A 1 105 ? 13.020  2.898   7.299   1.00 16.92 ? 119 GLN A CD    1 
ATOM   870  O  OE1   . GLN A 1 105 ? 13.119  2.501   8.467   1.00 22.17 ? 119 GLN A OE1   1 
ATOM   871  N  NE2   . GLN A 1 105 ? 12.697  4.134   6.989   1.00 21.27 ? 119 GLN A NE2   1 
ATOM   872  N  N     . ARG A 1 106 ? 15.557  -2.067  6.388   1.00 13.72 ? 120 ARG A N     1 
ATOM   873  C  CA    . ARG A 1 106 ? 16.723  -2.888  6.695   1.00 13.54 ? 120 ARG A CA    1 
ATOM   874  C  C     . ARG A 1 106 ? 16.983  -4.057  5.760   1.00 17.48 ? 120 ARG A C     1 
ATOM   875  O  O     . ARG A 1 106 ? 18.136  -4.460  5.587   1.00 17.72 ? 120 ARG A O     1 
ATOM   876  C  CB    . ARG A 1 106 ? 16.607  -3.439  8.113   1.00 16.54 ? 120 ARG A CB    1 
ATOM   877  C  CG    . ARG A 1 106 ? 16.563  -2.359  9.168   1.00 31.48 ? 120 ARG A CG    1 
ATOM   878  C  CD    . ARG A 1 106 ? 16.202  -2.921  10.518  1.00 33.43 ? 120 ARG A CD    1 
ATOM   879  N  NE    . ARG A 1 106 ? 15.898  -1.857  11.473  1.00 39.93 ? 120 ARG A NE    1 
ATOM   880  C  CZ    . ARG A 1 106 ? 15.418  -2.074  12.692  1.00 45.14 ? 120 ARG A CZ    1 
ATOM   881  N  NH1   . ARG A 1 106 ? 15.198  -3.319  13.095  1.00 44.51 ? 120 ARG A NH1   1 
ATOM   882  N  NH2   . ARG A 1 106 ? 15.144  -1.054  13.500  1.00 48.13 ? 120 ARG A NH2   1 
ATOM   883  N  N     . GLN A 1 107 ? 15.924  -4.592  5.151   1.00 12.39 ? 121 GLN A N     1 
ATOM   884  C  CA    . GLN A 1 107 ? 16.055  -5.787  4.337   1.00 15.44 ? 121 GLN A CA    1 
ATOM   885  C  C     . GLN A 1 107 ? 15.665  -5.755  2.876   1.00 14.57 ? 121 GLN A C     1 
ATOM   886  O  O     . GLN A 1 107 ? 15.967  -6.708  2.155   1.00 17.08 ? 121 GLN A O     1 
ATOM   887  C  CB    . GLN A 1 107 ? 15.292  -6.949  4.994   1.00 14.04 ? 121 GLN A CB    1 
ATOM   888  C  CG    . GLN A 1 107 ? 15.695  -7.266  6.425   1.00 17.68 ? 121 GLN A CG    1 
ATOM   889  C  CD    . GLN A 1 107 ? 17.175  -7.602  6.574   1.00 28.57 ? 121 GLN A CD    1 
ATOM   890  O  OE1   . GLN A 1 107 ? 17.793  -8.217  5.694   1.00 31.98 ? 121 GLN A OE1   1 
ATOM   891  N  NE2   . GLN A 1 107 ? 17.746  -7.212  7.702   1.00 31.17 ? 121 GLN A NE2   1 
ATOM   892  N  N     . ALA A 1 108 ? 14.994  -4.699  2.426   1.00 12.70 ? 122 ALA A N     1 
ATOM   893  C  CA    . ALA A 1 108 ? 14.603  -4.623  1.028   1.00 9.54  ? 122 ALA A CA    1 
ATOM   894  C  C     . ALA A 1 108 ? 15.656  -3.785  0.312   1.00 10.91 ? 122 ALA A C     1 
ATOM   895  O  O     . ALA A 1 108 ? 16.651  -3.373  0.917   1.00 13.26 ? 122 ALA A O     1 
ATOM   896  C  CB    . ALA A 1 108 ? 13.198  -3.959  0.898   1.00 10.34 ? 122 ALA A CB    1 
ATOM   897  N  N     . SER A 1 109 ? 15.429  -3.522  -0.962  1.00 11.51 ? 123 SER A N     1 
ATOM   898  C  CA    . SER A 1 109 ? 16.376  -2.714  -1.741  1.00 17.83 ? 123 SER A CA    1 
ATOM   899  C  C     . SER A 1 109 ? 16.567  -1.370  -1.073  1.00 19.56 ? 123 SER A C     1 
ATOM   900  O  O     . SER A 1 109 ? 15.609  -0.747  -0.626  1.00 15.91 ? 123 SER A O     1 
ATOM   901  C  CB    . SER A 1 109 ? 15.858  -2.481  -3.146  1.00 17.91 ? 123 SER A CB    1 
ATOM   902  O  OG    . SER A 1 109 ? 16.621  -1.448  -3.761  1.00 28.99 ? 123 SER A OG    1 
ATOM   903  N  N     . PRO A 1 110 ? 17.815  -0.893  -1.002  1.00 18.64 ? 124 PRO A N     1 
ATOM   904  C  CA    . PRO A 1 110 ? 18.073  0.397   -0.372  1.00 22.22 ? 124 PRO A CA    1 
ATOM   905  C  C     . PRO A 1 110 ? 17.374  1.560   -1.094  1.00 21.08 ? 124 PRO A C     1 
ATOM   906  O  O     . PRO A 1 110 ? 17.118  2.599   -0.488  1.00 23.08 ? 124 PRO A O     1 
ATOM   907  C  CB    . PRO A 1 110 ? 19.605  0.492   -0.404  1.00 26.41 ? 124 PRO A CB    1 
ATOM   908  C  CG    . PRO A 1 110 ? 19.975  -0.261  -1.628  1.00 28.78 ? 124 PRO A CG    1 
ATOM   909  C  CD    . PRO A 1 110 ? 19.049  -1.477  -1.557  1.00 24.51 ? 124 PRO A CD    1 
ATOM   910  N  N     . ASN A 1 111 ? 17.054  1.382   -2.372  1.00 15.38 ? 125 ASN A N     1 
ATOM   911  C  CA    . ASN A 1 111 ? 16.383  2.451   -3.118  1.00 19.75 ? 125 ASN A CA    1 
ATOM   912  C  C     . ASN A 1 111 ? 14.865  2.283   -3.260  1.00 15.49 ? 125 ASN A C     1 
ATOM   913  O  O     . ASN A 1 111 ? 14.217  2.996   -4.038  1.00 16.37 ? 125 ASN A O     1 
ATOM   914  C  CB    . ASN A 1 111 ? 17.020  2.605   -4.501  1.00 20.84 ? 125 ASN A CB    1 
ATOM   915  C  CG    . ASN A 1 111 ? 18.484  3.036   -4.421  1.00 26.13 ? 125 ASN A CG    1 
ATOM   916  O  OD1   . ASN A 1 111 ? 19.349  2.459   -5.076  1.00 33.93 ? 125 ASN A OD1   1 
ATOM   917  N  ND2   . ASN A 1 111 ? 18.756  4.056   -3.615  1.00 27.71 ? 125 ASN A ND2   1 
ATOM   918  N  N     . ILE A 1 112 ? 14.285  1.348   -2.516  1.00 14.56 ? 126 ILE A N     1 
ATOM   919  C  CA    . ILE A 1 112 ? 12.835  1.152   -2.610  1.00 12.60 ? 126 ILE A CA    1 
ATOM   920  C  C     . ILE A 1 112 ? 12.091  2.430   -2.193  1.00 13.76 ? 126 ILE A C     1 
ATOM   921  O  O     . ILE A 1 112 ? 12.527  3.153   -1.278  1.00 16.36 ? 126 ILE A O     1 
ATOM   922  C  CB    . ILE A 1 112 ? 12.392  -0.059  -1.722  1.00 12.53 ? 126 ILE A CB    1 
ATOM   923  C  CG1   . ILE A 1 112 ? 10.929  -0.443  -2.005  1.00 11.08 ? 126 ILE A CG1   1 
ATOM   924  C  CG2   . ILE A 1 112 ? 12.556  0.272   -0.245  1.00 14.68 ? 126 ILE A CG2   1 
ATOM   925  C  CD1   . ILE A 1 112 ? 10.555  -1.761  -1.313  1.00 15.40 ? 126 ILE A CD1   1 
ATOM   926  N  N     . VAL A 1 113 ? 10.996  2.727   -2.892  1.00 10.52 ? 127 VAL A N     1 
ATOM   927  C  CA    . VAL A 1 113 ? 10.172  3.888   -2.570  1.00 13.29 ? 127 VAL A CA    1 
ATOM   928  C  C     . VAL A 1 113 ? 9.081   3.323   -1.666  1.00 14.40 ? 127 VAL A C     1 
ATOM   929  O  O     . VAL A 1 113 ? 8.393   2.380   -2.059  1.00 14.15 ? 127 VAL A O     1 
ATOM   930  C  CB    . VAL A 1 113 ? 9.534   4.495   -3.849  1.00 11.74 ? 127 VAL A CB    1 
ATOM   931  C  CG1   . VAL A 1 113 ? 8.462   5.534   -3.467  1.00 16.11 ? 127 VAL A CG1   1 
ATOM   932  C  CG2   . VAL A 1 113 ? 10.633  5.156   -4.692  1.00 17.46 ? 127 VAL A CG2   1 
ATOM   933  N  N     . ILE A 1 114 ? 8.923   3.878   -0.469  1.00 11.10 ? 128 ILE A N     1 
ATOM   934  C  CA    . ILE A 1 114 ? 7.928   3.344   0.469   1.00 9.41  ? 128 ILE A CA    1 
ATOM   935  C  C     . ILE A 1 114 ? 6.814   4.346   0.700   1.00 12.38 ? 128 ILE A C     1 
ATOM   936  O  O     . ILE A 1 114 ? 7.071   5.498   1.088   1.00 13.57 ? 128 ILE A O     1 
ATOM   937  C  CB    . ILE A 1 114 ? 8.562   3.030   1.832   1.00 9.70  ? 128 ILE A CB    1 
ATOM   938  C  CG1   . ILE A 1 114 ? 9.754   2.084   1.677   1.00 11.82 ? 128 ILE A CG1   1 
ATOM   939  C  CG2   . ILE A 1 114 ? 7.490   2.397   2.748   1.00 11.97 ? 128 ILE A CG2   1 
ATOM   940  C  CD1   . ILE A 1 114 ? 10.507  1.842   2.990   1.00 15.26 ? 128 ILE A CD1   1 
ATOM   941  N  N     . ALA A 1 115 ? 5.588   3.910   0.426   1.00 11.46 ? 129 ALA A N     1 
ATOM   942  C  CA    . ALA A 1 115 ? 4.406   4.748   0.640   1.00 10.62 ? 129 ALA A CA    1 
ATOM   943  C  C     . ALA A 1 115 ? 3.692   4.182   1.867   1.00 10.18 ? 129 ALA A C     1 
ATOM   944  O  O     . ALA A 1 115 ? 3.855   3.018   2.202   1.00 12.23 ? 129 ALA A O     1 
ATOM   945  C  CB    . ALA A 1 115 ? 3.495   4.717   -0.583  1.00 12.48 ? 129 ALA A CB    1 
ATOM   946  N  N     . LEU A 1 116 ? 2.946   5.037   2.553   1.00 9.27  ? 130 LEU A N     1 
ATOM   947  C  CA    . LEU A 1 116 ? 2.215   4.644   3.754   1.00 10.48 ? 130 LEU A CA    1 
ATOM   948  C  C     . LEU A 1 116 ? 0.778   5.056   3.493   1.00 9.48  ? 130 LEU A C     1 
ATOM   949  O  O     . LEU A 1 116 ? 0.517   6.230   3.222   1.00 9.57  ? 130 LEU A O     1 
ATOM   950  C  CB    . LEU A 1 116 ? 2.760   5.413   4.953   1.00 9.07  ? 130 LEU A CB    1 
ATOM   951  C  CG    . LEU A 1 116 ? 2.083   5.189   6.308   1.00 8.88  ? 130 LEU A CG    1 
ATOM   952  C  CD1   . LEU A 1 116 ? 2.380   3.769   6.774   1.00 10.27 ? 130 LEU A CD1   1 
ATOM   953  C  CD2   . LEU A 1 116 ? 2.604   6.181   7.325   1.00 11.67 ? 130 LEU A CD2   1 
ATOM   954  N  N     . SER A 1 117 ? -0.150  4.086   3.533   1.00 7.36  ? 131 SER A N     1 
ATOM   955  C  CA    . SER A 1 117 ? -1.572  4.366   3.320   1.00 8.01  ? 131 SER A CA    1 
ATOM   956  C  C     . SER A 1 117 ? -2.341  4.254   4.618   1.00 6.72  ? 131 SER A C     1 
ATOM   957  O  O     . SER A 1 117 ? -2.332  3.196   5.231   1.00 9.30  ? 131 SER A O     1 
ATOM   958  C  CB    . SER A 1 117 ? -2.178  3.354   2.334   1.00 12.04 ? 131 SER A CB    1 
ATOM   959  O  OG    . SER A 1 117 ? -3.612  3.254   2.474   1.00 10.88 ? 131 SER A OG    1 
ATOM   960  N  N     . GLY A 1 118 ? -2.986  5.347   5.035   1.00 8.28  ? 132 GLY A N     1 
ATOM   961  C  CA    . GLY A 1 118 ? -3.842  5.286   6.218   1.00 12.24 ? 132 GLY A CA    1 
ATOM   962  C  C     . GLY A 1 118 ? -5.196  4.997   5.581   1.00 7.83  ? 132 GLY A C     1 
ATOM   963  O  O     . GLY A 1 118 ? -5.891  5.921   5.146   1.00 10.06 ? 132 GLY A O     1 
ATOM   964  N  N     . ASN A 1 119 ? -5.578  3.717   5.501   1.00 10.08 ? 133 ASN A N     1 
ATOM   965  C  CA    . ASN A 1 119 ? -6.823  3.339   4.840   1.00 9.95  ? 133 ASN A CA    1 
ATOM   966  C  C     . ASN A 1 119 ? -8.083  3.426   5.709   1.00 9.61  ? 133 ASN A C     1 
ATOM   967  O  O     . ASN A 1 119 ? -8.024  3.593   6.925   1.00 9.85  ? 133 ASN A O     1 
ATOM   968  C  CB    . ASN A 1 119 ? -6.654  1.941   4.248   1.00 13.28 ? 133 ASN A CB    1 
ATOM   969  C  CG    . ASN A 1 119 ? -7.689  1.622   3.164   1.00 13.08 ? 133 ASN A CG    1 
ATOM   970  O  OD1   . ASN A 1 119 ? -7.990  2.458   2.280   1.00 11.52 ? 133 ASN A OD1   1 
ATOM   971  N  ND2   . ASN A 1 119 ? -8.237  0.406   3.217   1.00 14.39 ? 133 ASN A ND2   1 
ATOM   972  N  N     . LYS A 1 120 ? -9.224  3.309   5.038   1.00 9.52  ? 134 LYS A N     1 
ATOM   973  C  CA    . LYS A 1 120 ? -10.563 3.409   5.637   1.00 10.14 ? 134 LYS A CA    1 
ATOM   974  C  C     . LYS A 1 120 ? -10.794 4.812   6.144   1.00 12.73 ? 134 LYS A C     1 
ATOM   975  O  O     . LYS A 1 120 ? -11.407 5.007   7.188   1.00 11.42 ? 134 LYS A O     1 
ATOM   976  C  CB    . LYS A 1 120 ? -10.755 2.397   6.777   1.00 10.28 ? 134 LYS A CB    1 
ATOM   977  C  CG    . LYS A 1 120 ? -10.473 0.947   6.368   1.00 12.09 ? 134 LYS A CG    1 
ATOM   978  C  CD    . LYS A 1 120 ? -11.239 -0.015  7.265   1.00 11.36 ? 134 LYS A CD    1 
ATOM   979  C  CE    . LYS A 1 120 ? -10.880 -1.456  6.993   1.00 12.67 ? 134 LYS A CE    1 
ATOM   980  N  NZ    . LYS A 1 120 ? -11.703 -2.356  7.875   1.00 16.52 ? 134 LYS A NZ    1 
ATOM   981  N  N     . ALA A 1 121 ? -10.316 5.800   5.382   1.00 11.96 ? 135 ALA A N     1 
ATOM   982  C  CA    . ALA A 1 121 ? -10.458 7.199   5.778   1.00 13.06 ? 135 ALA A CA    1 
ATOM   983  C  C     . ALA A 1 121 ? -11.909 7.643   5.828   1.00 10.68 ? 135 ALA A C     1 
ATOM   984  O  O     . ALA A 1 121 ? -12.234 8.690   6.416   1.00 12.45 ? 135 ALA A O     1 
ATOM   985  C  CB    . ALA A 1 121 ? -9.676  8.084   4.818   1.00 13.75 ? 135 ALA A CB    1 
ATOM   986  N  N     . ASP A 1 122 ? -12.779 6.851   5.212   1.00 11.13 ? 136 ASP A N     1 
ATOM   987  C  CA    . ASP A 1 122 ? -14.217 7.169   5.209   1.00 9.20  ? 136 ASP A CA    1 
ATOM   988  C  C     . ASP A 1 122 ? -14.807 6.926   6.597   1.00 11.05 ? 136 ASP A C     1 
ATOM   989  O  O     . ASP A 1 122 ? -15.923 7.379   6.884   1.00 13.09 ? 136 ASP A O     1 
ATOM   990  C  CB    . ASP A 1 122 ? -14.957 6.315   4.167   1.00 11.68 ? 136 ASP A CB    1 
ATOM   991  C  CG    . ASP A 1 122 ? -14.727 4.835   4.368   1.00 13.22 ? 136 ASP A CG    1 
ATOM   992  O  OD1   . ASP A 1 122 ? -13.601 4.369   4.098   1.00 10.61 ? 136 ASP A OD1   1 
ATOM   993  O  OD2   . ASP A 1 122 ? -15.665 4.143   4.813   1.00 12.17 ? 136 ASP A OD2   1 
ATOM   994  N  N     . LEU A 1 123 ? -14.054 6.225   7.454   1.00 10.18 ? 137 LEU A N     1 
ATOM   995  C  CA    . LEU A 1 123 ? -14.475 5.919   8.829   1.00 11.75 ? 137 LEU A CA    1 
ATOM   996  C  C     . LEU A 1 123 ? -13.823 6.899   9.813   1.00 9.61  ? 137 LEU A C     1 
ATOM   997  O  O     . LEU A 1 123 ? -13.482 6.533   10.941  1.00 12.60 ? 137 LEU A O     1 
ATOM   998  C  CB    . LEU A 1 123 ? -14.081 4.473   9.201   1.00 9.22  ? 137 LEU A CB    1 
ATOM   999  C  CG    . LEU A 1 123 ? -14.666 3.373   8.305   1.00 9.93  ? 137 LEU A CG    1 
ATOM   1000 C  CD1   . LEU A 1 123 ? -14.258 2.004   8.857   1.00 12.34 ? 137 LEU A CD1   1 
ATOM   1001 C  CD2   . LEU A 1 123 ? -16.186 3.510   8.234   1.00 15.22 ? 137 LEU A CD2   1 
ATOM   1002 N  N     . ALA A 1 124 ? -13.675 8.152   9.397   1.00 10.97 ? 138 ALA A N     1 
ATOM   1003 C  CA    . ALA A 1 124 ? -13.046 9.148   10.262  1.00 10.22 ? 138 ALA A CA    1 
ATOM   1004 C  C     . ALA A 1 124 ? -13.820 9.374   11.562  1.00 12.55 ? 138 ALA A C     1 
ATOM   1005 O  O     . ALA A 1 124 ? -13.242 9.836   12.553  1.00 11.74 ? 138 ALA A O     1 
ATOM   1006 C  CB    . ALA A 1 124 ? -12.846 10.457  9.510   1.00 15.81 ? 138 ALA A CB    1 
ATOM   1007 N  N     . ASN A 1 125 ? -15.106 9.018   11.584  1.00 12.36 ? 139 ASN A N     1 
ATOM   1008 C  CA    . ASN A 1 125 ? -15.901 9.166   12.807  1.00 13.66 ? 139 ASN A CA    1 
ATOM   1009 C  C     . ASN A 1 125 ? -15.430 8.174   13.894  1.00 13.82 ? 139 ASN A C     1 
ATOM   1010 O  O     . ASN A 1 125 ? -15.847 8.243   15.060  1.00 12.62 ? 139 ASN A O     1 
ATOM   1011 C  CB    . ASN A 1 125 ? -17.393 8.901   12.508  1.00 14.88 ? 139 ASN A CB    1 
ATOM   1012 C  CG    . ASN A 1 125 ? -17.667 7.444   12.202  1.00 24.42 ? 139 ASN A CG    1 
ATOM   1013 O  OD1   . ASN A 1 125 ? -18.274 6.733   12.990  1.00 40.74 ? 139 ASN A OD1   1 
ATOM   1014 N  ND2   . ASN A 1 125 ? -17.202 6.988   11.049  1.00 35.63 ? 139 ASN A ND2   1 
ATOM   1015 N  N     . LYS A 1 126 ? -14.583 7.234   13.483  1.00 11.52 ? 140 LYS A N     1 
ATOM   1016 C  CA    . LYS A 1 126 ? -14.012 6.222   14.368  1.00 11.44 ? 140 LYS A CA    1 
ATOM   1017 C  C     . LYS A 1 126 ? -12.481 6.294   14.375  1.00 8.72  ? 140 LYS A C     1 
ATOM   1018 O  O     . LYS A 1 126 ? -11.798 5.326   14.751  1.00 10.74 ? 140 LYS A O     1 
ATOM   1019 C  CB    . LYS A 1 126 ? -14.439 4.820   13.922  1.00 15.03 ? 140 LYS A CB    1 
ATOM   1020 C  CG    . LYS A 1 126 ? -15.934 4.585   13.979  1.00 20.72 ? 140 LYS A CG    1 
ATOM   1021 C  CD    . LYS A 1 126 ? -16.299 3.217   13.442  1.00 26.92 ? 140 LYS A CD    1 
ATOM   1022 C  CE    . LYS A 1 126 ? -17.818 3.079   13.340  1.00 36.64 ? 140 LYS A CE    1 
ATOM   1023 N  NZ    . LYS A 1 126 ? -18.201 1.666   13.101  1.00 39.54 ? 140 LYS A NZ    1 
ATOM   1024 N  N     . ARG A 1 127 ? -11.938 7.435   13.970  1.00 9.54  ? 141 ARG A N     1 
ATOM   1025 C  CA    . ARG A 1 127 ? -10.490 7.616   13.930  1.00 10.27 ? 141 ARG A CA    1 
ATOM   1026 C  C     . ARG A 1 127 ? -9.757  7.273   15.232  1.00 12.42 ? 141 ARG A C     1 
ATOM   1027 O  O     . ARG A 1 127 ? -10.194 7.637   16.328  1.00 12.15 ? 141 ARG A O     1 
ATOM   1028 C  CB    . ARG A 1 127 ? -10.169 9.062   13.527  1.00 9.65  ? 141 ARG A CB    1 
ATOM   1029 C  CG    . ARG A 1 127 ? -8.684  9.393   13.454  1.00 8.66  ? 141 ARG A CG    1 
ATOM   1030 C  CD    . ARG A 1 127 ? -8.445  10.853  13.066  1.00 10.70 ? 141 ARG A CD    1 
ATOM   1031 N  NE    . ARG A 1 127 ? -8.921  11.181  11.722  1.00 9.78  ? 141 ARG A NE    1 
ATOM   1032 C  CZ    . ARG A 1 127 ? -8.244  10.933  10.605  1.00 10.02 ? 141 ARG A CZ    1 
ATOM   1033 N  NH1   . ARG A 1 127 ? -7.053  10.342  10.667  1.00 9.70  ? 141 ARG A NH1   1 
ATOM   1034 N  NH2   . ARG A 1 127 ? -8.744  11.284  9.421   1.00 11.81 ? 141 ARG A NH2   1 
ATOM   1035 N  N     . ALA A 1 128 ? -8.641  6.559   15.102  1.00 11.88 ? 142 ALA A N     1 
ATOM   1036 C  CA    . ALA A 1 128 ? -7.788  6.225   16.255  1.00 10.89 ? 142 ALA A CA    1 
ATOM   1037 C  C     . ALA A 1 128 ? -6.357  6.724   15.984  1.00 14.81 ? 142 ALA A C     1 
ATOM   1038 O  O     . ALA A 1 128 ? -5.540  6.783   16.900  1.00 14.76 ? 142 ALA A O     1 
ATOM   1039 C  CB    . ALA A 1 128 ? -7.770  4.716   16.498  1.00 12.07 ? 142 ALA A CB    1 
ATOM   1040 N  N     . VAL A 1 129 ? -6.045  7.049   14.726  1.00 9.85  ? 143 VAL A N     1 
ATOM   1041 C  CA    . VAL A 1 129 ? -4.709  7.549   14.380  1.00 9.81  ? 143 VAL A CA    1 
ATOM   1042 C  C     . VAL A 1 129 ? -4.822  8.946   13.792  1.00 10.22 ? 143 VAL A C     1 
ATOM   1043 O  O     . VAL A 1 129 ? -5.435  9.143   12.760  1.00 11.42 ? 143 VAL A O     1 
ATOM   1044 C  CB    . VAL A 1 129 ? -3.993  6.637   13.365  1.00 9.76  ? 143 VAL A CB    1 
ATOM   1045 C  CG1   . VAL A 1 129 ? -2.599  7.183   13.074  1.00 10.82 ? 143 VAL A CG1   1 
ATOM   1046 C  CG2   . VAL A 1 129 ? -3.874  5.225   13.921  1.00 13.99 ? 143 VAL A CG2   1 
ATOM   1047 N  N     . ASP A 1 130 ? -4.226  9.911   14.476  1.00 12.02 ? 144 ASP A N     1 
ATOM   1048 C  CA    . ASP A 1 130 ? -4.242  11.319  14.066  1.00 10.18 ? 144 ASP A CA    1 
ATOM   1049 C  C     . ASP A 1 130 ? -3.537  11.489  12.717  1.00 12.01 ? 144 ASP A C     1 
ATOM   1050 O  O     . ASP A 1 130 ? -2.440  10.983  12.527  1.00 12.08 ? 144 ASP A O     1 
ATOM   1051 C  CB    . ASP A 1 130 ? -3.507  12.121  15.158  1.00 14.45 ? 144 ASP A CB    1 
ATOM   1052 C  CG    . ASP A 1 130 ? -3.502  13.603  14.926  1.00 25.12 ? 144 ASP A CG    1 
ATOM   1053 O  OD1   . ASP A 1 130 ? -2.559  14.096  14.270  1.00 28.46 ? 144 ASP A OD1   1 
ATOM   1054 O  OD2   . ASP A 1 130 ? -4.430  14.287  15.421  1.00 24.10 ? 144 ASP A OD2   1 
ATOM   1055 N  N     . PHE A 1 131 ? -4.158  12.221  11.792  1.00 10.61 ? 145 PHE A N     1 
ATOM   1056 C  CA    . PHE A 1 131 ? -3.571  12.441  10.469  1.00 9.56  ? 145 PHE A CA    1 
ATOM   1057 C  C     . PHE A 1 131 ? -2.204  13.121  10.590  1.00 11.40 ? 145 PHE A C     1 
ATOM   1058 O  O     . PHE A 1 131 ? -1.218  12.685  9.987   1.00 12.60 ? 145 PHE A O     1 
ATOM   1059 C  CB    . PHE A 1 131 ? -4.490  13.340  9.626   1.00 10.85 ? 145 PHE A CB    1 
ATOM   1060 C  CG    . PHE A 1 131 ? -3.897  13.737  8.302   1.00 13.85 ? 145 PHE A CG    1 
ATOM   1061 C  CD1   . PHE A 1 131 ? -4.038  12.916  7.190   1.00 15.55 ? 145 PHE A CD1   1 
ATOM   1062 C  CD2   . PHE A 1 131 ? -3.164  14.910  8.176   1.00 17.67 ? 145 PHE A CD2   1 
ATOM   1063 C  CE1   . PHE A 1 131 ? -3.459  13.253  5.976   1.00 17.94 ? 145 PHE A CE1   1 
ATOM   1064 C  CE2   . PHE A 1 131 ? -2.579  15.249  6.960   1.00 21.57 ? 145 PHE A CE2   1 
ATOM   1065 C  CZ    . PHE A 1 131 ? -2.730  14.411  5.863   1.00 17.13 ? 145 PHE A CZ    1 
ATOM   1066 N  N     . GLN A 1 132 ? -2.142  14.190  11.378  1.00 13.91 ? 146 GLN A N     1 
ATOM   1067 C  CA    . GLN A 1 132 ? -0.886  14.918  11.515  1.00 13.09 ? 146 GLN A CA    1 
ATOM   1068 C  C     . GLN A 1 132 ? 0.219   14.081  12.138  1.00 13.73 ? 146 GLN A C     1 
ATOM   1069 O  O     . GLN A 1 132 ? 1.384   14.248  11.798  1.00 15.36 ? 146 GLN A O     1 
ATOM   1070 C  CB    A GLN A 1 132 ? -1.091  16.184  12.355  0.40 15.47 ? 146 GLN A CB    1 
ATOM   1071 C  CB    B GLN A 1 132 ? -1.102  16.198  12.334  0.60 13.19 ? 146 GLN A CB    1 
ATOM   1072 C  CG    A GLN A 1 132 ? -1.985  17.234  11.717  0.40 21.02 ? 146 GLN A CG    1 
ATOM   1073 C  CG    B GLN A 1 132 ? 0.109   17.106  12.371  0.60 18.85 ? 146 GLN A CG    1 
ATOM   1074 C  CD    A GLN A 1 132 ? -1.495  17.681  10.351  0.40 28.23 ? 146 GLN A CD    1 
ATOM   1075 C  CD    B GLN A 1 132 ? 0.704   17.361  10.994  0.60 24.16 ? 146 GLN A CD    1 
ATOM   1076 O  OE1   A GLN A 1 132 ? -0.295  17.674  10.072  0.40 30.98 ? 146 GLN A OE1   1 
ATOM   1077 O  OE1   B GLN A 1 132 ? 0.012   17.804  10.072  0.60 28.52 ? 146 GLN A OE1   1 
ATOM   1078 N  NE2   A GLN A 1 132 ? -2.427  18.092  9.496   0.40 28.99 ? 146 GLN A NE2   1 
ATOM   1079 N  NE2   B GLN A 1 132 ? 1.998   17.081  10.848  0.60 19.50 ? 146 GLN A NE2   1 
ATOM   1080 N  N     . GLU A 1 133 ? -0.137  13.186  13.050  1.00 12.63 ? 147 GLU A N     1 
ATOM   1081 C  CA    . GLU A 1 133 ? 0.875   12.343  13.687  1.00 12.14 ? 147 GLU A CA    1 
ATOM   1082 C  C     . GLU A 1 133 ? 1.429   11.387  12.642  1.00 13.01 ? 147 GLU A C     1 
ATOM   1083 O  O     . GLU A 1 133 ? 2.634   11.150  12.582  1.00 13.81 ? 147 GLU A O     1 
ATOM   1084 C  CB    A GLU A 1 133 ? 0.260   11.564  14.853  0.40 16.59 ? 147 GLU A CB    1 
ATOM   1085 C  CB    B GLU A 1 133 ? 0.236   11.564  14.833  0.60 14.83 ? 147 GLU A CB    1 
ATOM   1086 C  CG    A GLU A 1 133 ? 0.088   12.402  16.109  0.40 20.32 ? 147 GLU A CG    1 
ATOM   1087 C  CG    B GLU A 1 133 ? 1.119   10.529  15.470  0.60 13.06 ? 147 GLU A CG    1 
ATOM   1088 C  CD    A GLU A 1 133 ? -0.727  11.697  17.179  0.40 26.08 ? 147 GLU A CD    1 
ATOM   1089 C  CD    B GLU A 1 133 ? 0.403   9.812   16.593  0.60 21.38 ? 147 GLU A CD    1 
ATOM   1090 O  OE1   A GLU A 1 133 ? -0.507  10.488  17.393  0.40 25.67 ? 147 GLU A OE1   1 
ATOM   1091 O  OE1   B GLU A 1 133 ? 0.635   8.596   16.791  0.60 22.80 ? 147 GLU A OE1   1 
ATOM   1092 O  OE2   A GLU A 1 133 ? -1.580  12.360  17.810  0.40 24.75 ? 147 GLU A OE2   1 
ATOM   1093 O  OE2   B GLU A 1 133 ? -0.400  10.478  17.286  0.60 22.87 ? 147 GLU A OE2   1 
ATOM   1094 N  N     . ALA A 1 134 ? 0.548   10.835  11.811  1.00 11.86 ? 148 ALA A N     1 
ATOM   1095 C  CA    . ALA A 1 134 ? 0.983   9.918   10.764  1.00 10.07 ? 148 ALA A CA    1 
ATOM   1096 C  C     . ALA A 1 134 ? 1.822   10.661  9.717   1.00 9.41  ? 148 ALA A C     1 
ATOM   1097 O  O     . ALA A 1 134 ? 2.832   10.144  9.211   1.00 11.00 ? 148 ALA A O     1 
ATOM   1098 C  CB    . ALA A 1 134 ? -0.251  9.238   10.109  1.00 11.92 ? 148 ALA A CB    1 
ATOM   1099 N  N     . GLN A 1 135 ? 1.413   11.880  9.399   1.00 11.88 ? 149 GLN A N     1 
ATOM   1100 C  CA    . GLN A 1 135 ? 2.151   12.682  8.435   1.00 11.04 ? 149 GLN A CA    1 
ATOM   1101 C  C     . GLN A 1 135 ? 3.559   12.972  8.943   1.00 10.50 ? 149 GLN A C     1 
ATOM   1102 O  O     . GLN A 1 135 ? 4.529   12.880  8.178   1.00 11.66 ? 149 GLN A O     1 
ATOM   1103 C  CB    . GLN A 1 135 ? 1.423   14.002  8.184   1.00 8.75  ? 149 GLN A CB    1 
ATOM   1104 C  CG    . GLN A 1 135 ? 2.120   14.913  7.133   1.00 11.25 ? 149 GLN A CG    1 
ATOM   1105 C  CD    . GLN A 1 135 ? 2.045   14.321  5.717   1.00 12.47 ? 149 GLN A CD    1 
ATOM   1106 O  OE1   . GLN A 1 135 ? 0.991   14.320  5.087   1.00 13.40 ? 149 GLN A OE1   1 
ATOM   1107 N  NE2   . GLN A 1 135 ? 3.170   13.801  5.226   1.00 14.26 ? 149 GLN A NE2   1 
ATOM   1108 N  N     . SER A 1 136 ? 3.674   13.314  10.228  1.00 11.41 ? 150 SER A N     1 
ATOM   1109 C  CA    . SER A 1 136 ? 4.985   13.609  10.804  1.00 11.43 ? 150 SER A CA    1 
ATOM   1110 C  C     . SER A 1 136 ? 5.853   12.361  10.787  1.00 13.12 ? 150 SER A C     1 
ATOM   1111 O  O     . SER A 1 136 ? 7.033   12.420  10.453  1.00 11.26 ? 150 SER A O     1 
ATOM   1112 C  CB    A SER A 1 136 ? 4.839   14.133  12.232  0.40 15.55 ? 150 SER A CB    1 
ATOM   1113 C  CB    B SER A 1 136 ? 4.849   14.112  12.245  0.60 14.72 ? 150 SER A CB    1 
ATOM   1114 O  OG    A SER A 1 136 ? 4.256   15.422  12.224  0.40 17.29 ? 150 SER A OG    1 
ATOM   1115 O  OG    B SER A 1 136 ? 6.124   14.272  12.847  0.60 18.21 ? 150 SER A OG    1 
ATOM   1116 N  N     . TYR A 1 137 ? 5.268   11.227  11.154  1.00 11.55 ? 151 TYR A N     1 
ATOM   1117 C  CA    . TYR A 1 137 ? 6.012   9.976   11.142  1.00 9.58  ? 151 TYR A CA    1 
ATOM   1118 C  C     . TYR A 1 137 ? 6.507   9.696   9.724   1.00 11.09 ? 151 TYR A C     1 
ATOM   1119 O  O     . TYR A 1 137 ? 7.654   9.312   9.526   1.00 10.46 ? 151 TYR A O     1 
ATOM   1120 C  CB    . TYR A 1 137 ? 5.105   8.833   11.632  1.00 10.50 ? 151 TYR A CB    1 
ATOM   1121 C  CG    . TYR A 1 137 ? 5.638   7.457   11.310  1.00 10.54 ? 151 TYR A CG    1 
ATOM   1122 C  CD1   . TYR A 1 137 ? 6.711   6.915   12.014  1.00 10.08 ? 151 TYR A CD1   1 
ATOM   1123 C  CD2   . TYR A 1 137 ? 5.124   6.741   10.233  1.00 12.11 ? 151 TYR A CD2   1 
ATOM   1124 C  CE1   . TYR A 1 137 ? 7.273   5.695   11.634  1.00 12.11 ? 151 TYR A CE1   1 
ATOM   1125 C  CE2   . TYR A 1 137 ? 5.667   5.529   9.845   1.00 12.13 ? 151 TYR A CE2   1 
ATOM   1126 C  CZ    . TYR A 1 137 ? 6.745   5.008   10.539  1.00 14.06 ? 151 TYR A CZ    1 
ATOM   1127 O  OH    . TYR A 1 137 ? 7.311   3.819   10.131  1.00 14.96 ? 151 TYR A OH    1 
ATOM   1128 N  N     . ALA A 1 138 ? 5.632   9.877   8.736   1.00 9.93  ? 152 ALA A N     1 
ATOM   1129 C  CA    . ALA A 1 138 ? 6.023   9.630   7.346   1.00 6.62  ? 152 ALA A CA    1 
ATOM   1130 C  C     . ALA A 1 138 ? 7.141   10.600  6.903   1.00 9.52  ? 152 ALA A C     1 
ATOM   1131 O  O     . ALA A 1 138 ? 8.111   10.194  6.256   1.00 11.72 ? 152 ALA A O     1 
ATOM   1132 C  CB    . ALA A 1 138 ? 4.803   9.790   6.439   1.00 11.48 ? 152 ALA A CB    1 
ATOM   1133 N  N     . ASP A 1 139 ? 7.009   11.868  7.254   1.00 12.93 ? 153 ASP A N     1 
ATOM   1134 C  CA    . ASP A 1 139 ? 8.023   12.852  6.867   1.00 11.33 ? 153 ASP A CA    1 
ATOM   1135 C  C     . ASP A 1 139 ? 9.360   12.487  7.484   1.00 11.40 ? 153 ASP A C     1 
ATOM   1136 O  O     . ASP A 1 139 ? 10.409  12.509  6.822   1.00 13.99 ? 153 ASP A O     1 
ATOM   1137 C  CB    . ASP A 1 139 ? 7.646   14.260  7.341   1.00 11.73 ? 153 ASP A CB    1 
ATOM   1138 C  CG    . ASP A 1 139 ? 6.460   14.840  6.611   1.00 14.16 ? 153 ASP A CG    1 
ATOM   1139 O  OD1   . ASP A 1 139 ? 6.045   14.304  5.556   1.00 13.37 ? 153 ASP A OD1   1 
ATOM   1140 O  OD2   . ASP A 1 139 ? 5.943   15.876  7.090   1.00 16.60 ? 153 ASP A OD2   1 
ATOM   1141 N  N     . ASP A 1 140 ? 9.342   12.172  8.774   1.00 12.66 ? 154 ASP A N     1 
ATOM   1142 C  CA    . ASP A 1 140 ? 10.594  11.828  9.441   1.00 15.55 ? 154 ASP A CA    1 
ATOM   1143 C  C     . ASP A 1 140 ? 11.258  10.565  8.880   1.00 14.08 ? 154 ASP A C     1 
ATOM   1144 O  O     . ASP A 1 140 ? 12.491  10.418  8.951   1.00 16.95 ? 154 ASP A O     1 
ATOM   1145 C  CB    . ASP A 1 140 ? 10.367  11.665  10.948  1.00 15.52 ? 154 ASP A CB    1 
ATOM   1146 C  CG    . ASP A 1 140 ? 10.001  12.979  11.632  1.00 17.88 ? 154 ASP A CG    1 
ATOM   1147 O  OD1   . ASP A 1 140 ? 10.114  14.051  11.009  1.00 22.64 ? 154 ASP A OD1   1 
ATOM   1148 O  OD2   . ASP A 1 140 ? 9.600   12.930  12.810  1.00 24.02 ? 154 ASP A OD2   1 
ATOM   1149 N  N     . ASN A 1 141 ? 10.467  9.673   8.283   1.00 13.46 ? 155 ASN A N     1 
ATOM   1150 C  CA    . ASN A 1 141 ? 11.013  8.426   7.745   1.00 13.42 ? 155 ASN A CA    1 
ATOM   1151 C  C     . ASN A 1 141 ? 11.057  8.327   6.219   1.00 13.84 ? 155 ASN A C     1 
ATOM   1152 O  O     . ASN A 1 141 ? 11.250  7.232   5.658   1.00 14.23 ? 155 ASN A O     1 
ATOM   1153 C  CB    . ASN A 1 141 ? 10.238  7.244   8.353   1.00 17.93 ? 155 ASN A CB    1 
ATOM   1154 C  CG    . ASN A 1 141 ? 10.576  7.035   9.823   1.00 23.13 ? 155 ASN A CG    1 
ATOM   1155 O  OD1   . ASN A 1 141 ? 11.605  6.432   10.149  1.00 24.85 ? 155 ASN A OD1   1 
ATOM   1156 N  ND2   . ASN A 1 141 ? 9.752   7.568   10.715  1.00 16.84 ? 155 ASN A ND2   1 
ATOM   1157 N  N     . SER A 1 142 ? 10.912  9.482   5.560   1.00 12.08 ? 156 SER A N     1 
ATOM   1158 C  CA    . SER A 1 142 ? 10.918  9.588   4.092   1.00 10.91 ? 156 SER A CA    1 
ATOM   1159 C  C     . SER A 1 142 ? 9.923   8.625   3.439   1.00 12.44 ? 156 SER A C     1 
ATOM   1160 O  O     . SER A 1 142 ? 10.273  7.859   2.543   1.00 15.17 ? 156 SER A O     1 
ATOM   1161 C  CB    . SER A 1 142 ? 12.326  9.313   3.528   1.00 15.60 ? 156 SER A CB    1 
ATOM   1162 O  OG    . SER A 1 142 ? 13.281  10.208  4.083   1.00 22.95 ? 156 SER A OG    1 
ATOM   1163 N  N     . LEU A 1 143 ? 8.676   8.677   3.888   1.00 10.79 ? 157 LEU A N     1 
ATOM   1164 C  CA    . LEU A 1 143 ? 7.627   7.832   3.329   1.00 9.59  ? 157 LEU A CA    1 
ATOM   1165 C  C     . LEU A 1 143 ? 6.583   8.718   2.660   1.00 10.64 ? 157 LEU A C     1 
ATOM   1166 O  O     . LEU A 1 143 ? 6.297   9.811   3.146   1.00 10.87 ? 157 LEU A O     1 
ATOM   1167 C  CB    . LEU A 1 143 ? 6.922   7.026   4.437   1.00 11.79 ? 157 LEU A CB    1 
ATOM   1168 C  CG    . LEU A 1 143 ? 7.795   6.314   5.472   1.00 11.01 ? 157 LEU A CG    1 
ATOM   1169 C  CD1   . LEU A 1 143 ? 6.851   5.647   6.501   1.00 11.58 ? 157 LEU A CD1   1 
ATOM   1170 C  CD2   . LEU A 1 143 ? 8.704   5.255   4.837   1.00 11.64 ? 157 LEU A CD2   1 
ATOM   1171 N  N     . LEU A 1 144 ? 6.016   8.231   1.560   1.00 11.03 ? 158 LEU A N     1 
ATOM   1172 C  CA    . LEU A 1 144 ? 4.981   8.940   0.817   1.00 9.33  ? 158 LEU A CA    1 
ATOM   1173 C  C     . LEU A 1 144 ? 3.639   8.578   1.477   1.00 14.30 ? 158 LEU A C     1 
ATOM   1174 O  O     . LEU A 1 144 ? 3.090   7.497   1.253   1.00 13.40 ? 158 LEU A O     1 
ATOM   1175 C  CB    . LEU A 1 144 ? 5.013   8.482   -0.656  1.00 12.59 ? 158 LEU A CB    1 
ATOM   1176 C  CG    . LEU A 1 144 ? 4.204   9.237   -1.722  1.00 18.34 ? 158 LEU A CG    1 
ATOM   1177 C  CD1   . LEU A 1 144 ? 4.623   8.802   -3.129  1.00 17.34 ? 158 LEU A CD1   1 
ATOM   1178 C  CD2   . LEU A 1 144 ? 2.732   8.963   -1.515  1.00 19.80 ? 158 LEU A CD2   1 
ATOM   1179 N  N     . PHE A 1 145 ? 3.092   9.499   2.256   1.00 12.26 ? 159 PHE A N     1 
ATOM   1180 C  CA    . PHE A 1 145 ? 1.840   9.252   2.987   1.00 12.91 ? 159 PHE A CA    1 
ATOM   1181 C  C     . PHE A 1 145 ? 0.558   9.870   2.427   1.00 10.91 ? 159 PHE A C     1 
ATOM   1182 O  O     . PHE A 1 145 ? 0.539   11.025  1.996   1.00 10.39 ? 159 PHE A O     1 
ATOM   1183 C  CB    . PHE A 1 145 ? 2.026   9.756   4.451   1.00 12.69 ? 159 PHE A CB    1 
ATOM   1184 C  CG    . PHE A 1 145 ? 0.765   9.745   5.285   1.00 13.22 ? 159 PHE A CG    1 
ATOM   1185 C  CD1   . PHE A 1 145 ? 0.143   8.540   5.589   1.00 12.89 ? 159 PHE A CD1   1 
ATOM   1186 C  CD2   . PHE A 1 145 ? 0.202   10.939  5.773   1.00 12.22 ? 159 PHE A CD2   1 
ATOM   1187 C  CE1   . PHE A 1 145 ? -1.022  8.504   6.364   1.00 11.28 ? 159 PHE A CE1   1 
ATOM   1188 C  CE2   . PHE A 1 145 ? -0.969  10.926  6.556   1.00 10.47 ? 159 PHE A CE2   1 
ATOM   1189 C  CZ    . PHE A 1 145 ? -1.584  9.703   6.852   1.00 11.18 ? 159 PHE A CZ    1 
ATOM   1190 N  N     . MET A 1 146 ? -0.520  9.088   2.454   1.00 10.45 ? 160 MET A N     1 
ATOM   1191 C  CA    . MET A 1 146 ? -1.852  9.578   2.074   1.00 8.99  ? 160 MET A CA    1 
ATOM   1192 C  C     . MET A 1 146 ? -2.883  8.754   2.815   1.00 9.64  ? 160 MET A C     1 
ATOM   1193 O  O     . MET A 1 146 ? -2.671  7.557   3.055   1.00 10.34 ? 160 MET A O     1 
ATOM   1194 C  CB    . MET A 1 146 ? -2.168  9.397   0.581   1.00 13.13 ? 160 MET A CB    1 
ATOM   1195 C  CG    . MET A 1 146 ? -1.388  10.257  -0.336  1.00 12.44 ? 160 MET A CG    1 
ATOM   1196 S  SD    . MET A 1 146 ? -2.071  10.136  -2.009  1.00 13.80 ? 160 MET A SD    1 
ATOM   1197 C  CE    . MET A 1 146 ? -0.779  10.953  -2.959  1.00 15.31 ? 160 MET A CE    1 
ATOM   1198 N  N     . GLU A 1 147 ? -3.980  9.395   3.214   1.00 9.93  ? 161 GLU A N     1 
ATOM   1199 C  CA    . GLU A 1 147 ? -5.078  8.629   3.795   1.00 9.11  ? 161 GLU A CA    1 
ATOM   1200 C  C     . GLU A 1 147 ? -5.892  8.270   2.561   1.00 9.28  ? 161 GLU A C     1 
ATOM   1201 O  O     . GLU A 1 147 ? -6.025  9.068   1.621   1.00 11.88 ? 161 GLU A O     1 
ATOM   1202 C  CB    . GLU A 1 147 ? -5.889  9.454   4.800   1.00 11.41 ? 161 GLU A CB    1 
ATOM   1203 C  CG    . GLU A 1 147 ? -5.181  9.472   6.148   1.00 9.11  ? 161 GLU A CG    1 
ATOM   1204 C  CD    . GLU A 1 147 ? -6.015  10.010  7.291   1.00 10.41 ? 161 GLU A CD    1 
ATOM   1205 O  OE1   . GLU A 1 147 ? -7.124  10.539  7.042   1.00 12.59 ? 161 GLU A OE1   1 
ATOM   1206 O  OE2   . GLU A 1 147 ? -5.514  9.901   8.443   1.00 11.53 ? 161 GLU A OE2   1 
ATOM   1207 N  N     . THR A 1 148 ? -6.408  7.046   2.553   1.00 9.22  ? 162 THR A N     1 
ATOM   1208 C  CA    . THR A 1 148 ? -7.154  6.539   1.409   1.00 7.97  ? 162 THR A CA    1 
ATOM   1209 C  C     . THR A 1 148 ? -8.455  5.863   1.820   1.00 9.69  ? 162 THR A C     1 
ATOM   1210 O  O     . THR A 1 148 ? -8.661  5.550   2.992   1.00 9.57  ? 162 THR A O     1 
ATOM   1211 C  CB    . THR A 1 148 ? -6.305  5.461   0.659   1.00 8.44  ? 162 THR A CB    1 
ATOM   1212 O  OG1   . THR A 1 148 ? -6.039  4.362   1.546   1.00 11.72 ? 162 THR A OG1   1 
ATOM   1213 C  CG2   . THR A 1 148 ? -4.969  6.035   0.209   1.00 9.57  ? 162 THR A CG2   1 
ATOM   1214 N  N     . SER A 1 149 ? -9.356  5.692   0.855   1.00 9.56  ? 163 SER A N     1 
ATOM   1215 C  CA    . SER A 1 149 ? -10.568 4.933   1.123   1.00 9.40  ? 163 SER A CA    1 
ATOM   1216 C  C     . SER A 1 149 ? -10.850 4.062   -0.082  1.00 11.00 ? 163 SER A C     1 
ATOM   1217 O  O     . SER A 1 149 ? -11.245 4.563   -1.139  1.00 11.22 ? 163 SER A O     1 
ATOM   1218 C  CB    . SER A 1 149 ? -11.792 5.825   1.362   1.00 8.90  ? 163 SER A CB    1 
ATOM   1219 O  OG    . SER A 1 149 ? -12.925 4.967   1.518   1.00 9.72  ? 163 SER A OG    1 
ATOM   1220 N  N     . ALA A 1 150 ? -10.614 2.760   0.053   1.00 7.52  ? 164 ALA A N     1 
ATOM   1221 C  CA    . ALA A 1 150 ? -10.949 1.858   -1.042  1.00 9.70  ? 164 ALA A CA    1 
ATOM   1222 C  C     . ALA A 1 150 ? -12.469 1.900   -1.238  1.00 12.98 ? 164 ALA A C     1 
ATOM   1223 O  O     . ALA A 1 150 ? -12.969 1.715   -2.345  1.00 10.67 ? 164 ALA A O     1 
ATOM   1224 C  CB    . ALA A 1 150 ? -10.511 0.419   -0.701  1.00 11.03 ? 164 ALA A CB    1 
ATOM   1225 N  N     . LYS A 1 151 ? -13.205 2.150   -0.161  1.00 10.41 ? 165 LYS A N     1 
ATOM   1226 C  CA    . LYS A 1 151 ? -14.655 2.175   -0.263  1.00 10.73 ? 165 LYS A CA    1 
ATOM   1227 C  C     . LYS A 1 151 ? -15.201 3.338   -1.111  1.00 12.79 ? 165 LYS A C     1 
ATOM   1228 O  O     . LYS A 1 151 ? -16.126 3.155   -1.910  1.00 13.57 ? 165 LYS A O     1 
ATOM   1229 C  CB    . LYS A 1 151 ? -15.275 2.207   1.142   1.00 10.86 ? 165 LYS A CB    1 
ATOM   1230 C  CG    . LYS A 1 151 ? -16.797 2.161   1.100   1.00 12.99 ? 165 LYS A CG    1 
ATOM   1231 C  CD    . LYS A 1 151 ? -17.392 1.984   2.469   1.00 14.76 ? 165 LYS A CD    1 
ATOM   1232 C  CE    . LYS A 1 151 ? -18.916 2.031   2.409   1.00 17.62 ? 165 LYS A CE    1 
ATOM   1233 N  NZ    . LYS A 1 151 ? -19.478 1.511   3.704   1.00 24.53 ? 165 LYS A NZ    1 
ATOM   1234 N  N     . THR A 1 152 ? -14.637 4.528   -0.955  1.00 11.53 ? 166 THR A N     1 
ATOM   1235 C  CA    . THR A 1 152 ? -15.135 5.657   -1.735  1.00 13.70 ? 166 THR A CA    1 
ATOM   1236 C  C     . THR A 1 152 ? -14.296 5.989   -2.972  1.00 11.62 ? 166 THR A C     1 
ATOM   1237 O  O     . THR A 1 152 ? -14.776 6.686   -3.854  1.00 11.26 ? 166 THR A O     1 
ATOM   1238 C  CB    . THR A 1 152 ? -15.190 6.966   -0.912  1.00 11.43 ? 166 THR A CB    1 
ATOM   1239 O  OG1   . THR A 1 152 ? -13.858 7.459   -0.748  1.00 11.29 ? 166 THR A OG1   1 
ATOM   1240 C  CG2   . THR A 1 152 ? -15.802 6.723   0.467   1.00 10.99 ? 166 THR A CG2   1 
ATOM   1241 N  N     . SER A 1 153 ? -13.054 5.496   -2.981  1.00 11.71 ? 167 SER A N     1 
ATOM   1242 C  CA    . SER A 1 153 ? -12.023 5.699   -4.001  1.00 10.63 ? 167 SER A CA    1 
ATOM   1243 C  C     . SER A 1 153 ? -11.086 6.847   -3.626  1.00 10.85 ? 167 SER A C     1 
ATOM   1244 O  O     . SER A 1 153 ? -10.089 7.092   -4.313  1.00 12.44 ? 167 SER A O     1 
ATOM   1245 C  CB    . SER A 1 153 ? -12.611 5.926   -5.419  1.00 12.32 ? 167 SER A CB    1 
ATOM   1246 O  OG    . SER A 1 153 ? -13.022 7.270   -5.639  1.00 13.77 ? 167 SER A OG    1 
ATOM   1247 N  N     . MET A 1 154 ? -11.364 7.527   -2.519  1.00 11.08 ? 168 MET A N     1 
ATOM   1248 C  CA    . MET A 1 154 ? -10.513 8.660   -2.111  1.00 12.61 ? 168 MET A CA    1 
ATOM   1249 C  C     . MET A 1 154 ? -9.027  8.330   -2.101  1.00 12.89 ? 168 MET A C     1 
ATOM   1250 O  O     . MET A 1 154 ? -8.581  7.409   -1.422  1.00 10.54 ? 168 MET A O     1 
ATOM   1251 C  CB    . MET A 1 154 ? -10.896 9.180   -0.726  1.00 14.01 ? 168 MET A CB    1 
ATOM   1252 C  CG    . MET A 1 154 ? -10.159 10.461  -0.360  1.00 19.51 ? 168 MET A CG    1 
ATOM   1253 S  SD    . MET A 1 154 ? -10.428 10.876  1.355   1.00 29.08 ? 168 MET A SD    1 
ATOM   1254 C  CE    . MET A 1 154 ? -9.071  10.063  2.053   1.00 29.63 ? 168 MET A CE    1 
ATOM   1255 N  N     . ASN A 1 155 ? -8.277  9.122   -2.863  1.00 12.98 ? 169 ASN A N     1 
ATOM   1256 C  CA    . ASN A 1 155 ? -6.831  9.009   -2.999  1.00 12.25 ? 169 ASN A CA    1 
ATOM   1257 C  C     . ASN A 1 155 ? -6.280  7.675   -3.429  1.00 11.75 ? 169 ASN A C     1 
ATOM   1258 O  O     . ASN A 1 155 ? -5.082  7.472   -3.326  1.00 11.64 ? 169 ASN A O     1 
ATOM   1259 C  CB    . ASN A 1 155 ? -6.117  9.454   -1.706  1.00 14.78 ? 169 ASN A CB    1 
ATOM   1260 C  CG    . ASN A 1 155 ? -6.216  10.938  -1.473  1.00 16.82 ? 169 ASN A CG    1 
ATOM   1261 O  OD1   . ASN A 1 155 ? -6.455  11.713  -2.406  1.00 16.81 ? 169 ASN A OD1   1 
ATOM   1262 N  ND2   . ASN A 1 155 ? -6.030  11.352  -0.232  1.00 14.10 ? 169 ASN A ND2   1 
ATOM   1263 N  N     . VAL A 1 156 ? -7.119  6.779   -3.942  1.00 10.17 ? 170 VAL A N     1 
ATOM   1264 C  CA    . VAL A 1 156 ? -6.612  5.472   -4.372  1.00 11.99 ? 170 VAL A CA    1 
ATOM   1265 C  C     . VAL A 1 156 ? -5.758  5.577   -5.619  1.00 10.94 ? 170 VAL A C     1 
ATOM   1266 O  O     . VAL A 1 156 ? -4.593  5.161   -5.615  1.00 11.02 ? 170 VAL A O     1 
ATOM   1267 C  CB    . VAL A 1 156 ? -7.753  4.475   -4.608  1.00 12.57 ? 170 VAL A CB    1 
ATOM   1268 C  CG1   . VAL A 1 156 ? -7.211  3.186   -5.233  1.00 15.04 ? 170 VAL A CG1   1 
ATOM   1269 C  CG2   . VAL A 1 156 ? -8.412  4.167   -3.272  1.00 14.92 ? 170 VAL A CG2   1 
ATOM   1270 N  N     . ASN A 1 157 ? -6.302  6.145   -6.693  1.00 13.53 ? 171 ASN A N     1 
ATOM   1271 C  CA    . ASN A 1 157 ? -5.478  6.275   -7.881  1.00 13.99 ? 171 ASN A CA    1 
ATOM   1272 C  C     . ASN A 1 157 ? -4.318  7.221   -7.558  1.00 12.21 ? 171 ASN A C     1 
ATOM   1273 O  O     . ASN A 1 157 ? -3.192  7.000   -8.018  1.00 13.49 ? 171 ASN A O     1 
ATOM   1274 C  CB    A ASN A 1 157 ? -6.281  6.830   -9.066  0.50 14.12 ? 171 ASN A CB    1 
ATOM   1275 C  CB    B ASN A 1 157 ? -6.318  6.834   -9.034  0.30 16.12 ? 171 ASN A CB    1 
ATOM   1276 C  CG    A ASN A 1 157 ? -7.228  5.803   -9.667  0.50 24.00 ? 171 ASN A CG    1 
ATOM   1277 C  CG    B ASN A 1 157 ? -5.515  7.036   -10.301 0.30 23.66 ? 171 ASN A CG    1 
ATOM   1278 O  OD1   A ASN A 1 157 ? -7.135  4.605   -9.389  0.50 20.31 ? 171 ASN A OD1   1 
ATOM   1279 O  OD1   B ASN A 1 157 ? -5.119  8.155   -10.630 0.30 25.29 ? 171 ASN A OD1   1 
ATOM   1280 N  ND2   A ASN A 1 157 ? -8.139  6.270   -10.514 0.50 22.29 ? 171 ASN A ND2   1 
ATOM   1281 N  ND2   B ASN A 1 157 ? -5.264  5.950   -11.020 0.30 27.48 ? 171 ASN A ND2   1 
ATOM   1282 N  N     . GLU A 1 158 ? -4.573  8.242   -6.730  1.00 11.35 ? 172 GLU A N     1 
ATOM   1283 C  CA    . GLU A 1 158 ? -3.530  9.205   -6.388  1.00 12.18 ? 172 GLU A CA    1 
ATOM   1284 C  C     . GLU A 1 158 ? -2.295  8.621   -5.712  1.00 13.17 ? 172 GLU A C     1 
ATOM   1285 O  O     . GLU A 1 158 ? -1.168  8.986   -6.059  1.00 12.62 ? 172 GLU A O     1 
ATOM   1286 C  CB    . GLU A 1 158 ? -4.071  10.325  -5.501  1.00 12.15 ? 172 GLU A CB    1 
ATOM   1287 C  CG    . GLU A 1 158 ? -4.993  11.348  -6.202  1.00 13.64 ? 172 GLU A CG    1 
ATOM   1288 C  CD    . GLU A 1 158 ? -6.423  10.872  -6.458  1.00 22.35 ? 172 GLU A CD    1 
ATOM   1289 O  OE1   . GLU A 1 158 ? -6.791  9.725   -6.128  1.00 15.91 ? 172 GLU A OE1   1 
ATOM   1290 O  OE2   . GLU A 1 158 ? -7.205  11.679  -7.001  1.00 26.87 ? 172 GLU A OE2   1 
ATOM   1291 N  N     . ILE A 1 159 ? -2.475  7.716   -4.754  1.00 11.21 ? 173 ILE A N     1 
ATOM   1292 C  CA    . ILE A 1 159 ? -1.300  7.174   -4.091  1.00 11.15 ? 173 ILE A CA    1 
ATOM   1293 C  C     . ILE A 1 159 ? -0.473  6.304   -5.048  1.00 14.93 ? 173 ILE A C     1 
ATOM   1294 O  O     . ILE A 1 159 ? 0.755   6.359   -5.023  1.00 11.71 ? 173 ILE A O     1 
ATOM   1295 C  CB    . ILE A 1 159 ? -1.678  6.409   -2.775  1.00 9.85  ? 173 ILE A CB    1 
ATOM   1296 C  CG1   . ILE A 1 159 ? -0.430  6.301   -1.883  1.00 12.44 ? 173 ILE A CG1   1 
ATOM   1297 C  CG2   . ILE A 1 159 ? -2.275  5.013   -3.099  1.00 12.97 ? 173 ILE A CG2   1 
ATOM   1298 C  CD1   . ILE A 1 159 ? -0.705  5.742   -0.460  1.00 13.10 ? 173 ILE A CD1   1 
ATOM   1299 N  N     . PHE A 1 160 ? -1.132  5.537   -5.918  1.00 11.80 ? 174 PHE A N     1 
ATOM   1300 C  CA    . PHE A 1 160 ? -0.404  4.708   -6.869  1.00 14.82 ? 174 PHE A CA    1 
ATOM   1301 C  C     . PHE A 1 160 ? 0.314   5.590   -7.889  1.00 16.64 ? 174 PHE A C     1 
ATOM   1302 O  O     . PHE A 1 160 ? 1.477   5.356   -8.208  1.00 15.30 ? 174 PHE A O     1 
ATOM   1303 C  CB    . PHE A 1 160 ? -1.364  3.732   -7.570  1.00 15.38 ? 174 PHE A CB    1 
ATOM   1304 C  CG    . PHE A 1 160 ? -1.719  2.524   -6.733  1.00 11.92 ? 174 PHE A CG    1 
ATOM   1305 C  CD1   . PHE A 1 160 ? -0.912  1.380   -6.755  1.00 16.64 ? 174 PHE A CD1   1 
ATOM   1306 C  CD2   . PHE A 1 160 ? -2.842  2.530   -5.916  1.00 15.05 ? 174 PHE A CD2   1 
ATOM   1307 C  CE1   . PHE A 1 160 ? -1.224  0.263   -5.969  1.00 12.97 ? 174 PHE A CE1   1 
ATOM   1308 C  CE2   . PHE A 1 160 ? -3.163  1.413   -5.123  1.00 15.79 ? 174 PHE A CE2   1 
ATOM   1309 C  CZ    . PHE A 1 160 ? -2.342  0.273   -5.158  1.00 17.21 ? 174 PHE A CZ    1 
ATOM   1310 N  N     . MET A 1 161 ? -0.362  6.625   -8.386  1.00 13.56 ? 175 MET A N     1 
ATOM   1311 C  CA    . MET A 1 161 ? 0.270   7.503   -9.357  1.00 15.30 ? 175 MET A CA    1 
ATOM   1312 C  C     . MET A 1 161 ? 1.419   8.292   -8.739  1.00 17.77 ? 175 MET A C     1 
ATOM   1313 O  O     . MET A 1 161 ? 2.430   8.552   -9.403  1.00 15.55 ? 175 MET A O     1 
ATOM   1314 C  CB    . MET A 1 161 ? -0.780  8.436   -9.963  1.00 16.38 ? 175 MET A CB    1 
ATOM   1315 C  CG    . MET A 1 161 ? -1.884  7.676   -10.686 1.00 17.04 ? 175 MET A CG    1 
ATOM   1316 S  SD    . MET A 1 161 ? -1.194  6.711   -12.072 1.00 22.68 ? 175 MET A SD    1 
ATOM   1317 C  CE    . MET A 1 161 ? -0.985  7.999   -13.234 1.00 25.04 ? 175 MET A CE    1 
ATOM   1318 N  N     . ALA A 1 162 ? 1.292   8.669   -7.470  1.00 12.33 ? 176 ALA A N     1 
ATOM   1319 C  CA    . ALA A 1 162 ? 2.375   9.425   -6.820  1.00 12.30 ? 176 ALA A CA    1 
ATOM   1320 C  C     . ALA A 1 162 ? 3.628   8.570   -6.699  1.00 14.44 ? 176 ALA A C     1 
ATOM   1321 O  O     . ALA A 1 162 ? 4.762   9.066   -6.809  1.00 15.48 ? 176 ALA A O     1 
ATOM   1322 C  CB    . ALA A 1 162 ? 1.934   9.909   -5.455  1.00 16.01 ? 176 ALA A CB    1 
ATOM   1323 N  N     . ILE A 1 163 ? 3.430   7.280   -6.451  1.00 12.11 ? 177 ILE A N     1 
ATOM   1324 C  CA    . ILE A 1 163 ? 4.563   6.357   -6.364  1.00 14.91 ? 177 ILE A CA    1 
ATOM   1325 C  C     . ILE A 1 163 ? 5.236   6.268   -7.736  1.00 18.03 ? 177 ILE A C     1 
ATOM   1326 O  O     . ILE A 1 163 ? 6.465   6.352   -7.847  1.00 18.65 ? 177 ILE A O     1 
ATOM   1327 C  CB    . ILE A 1 163 ? 4.079   4.953   -5.946  1.00 15.21 ? 177 ILE A CB    1 
ATOM   1328 C  CG1   . ILE A 1 163 ? 3.672   4.991   -4.474  1.00 13.54 ? 177 ILE A CG1   1 
ATOM   1329 C  CG2   . ILE A 1 163 ? 5.175   3.912   -6.222  1.00 17.05 ? 177 ILE A CG2   1 
ATOM   1330 C  CD1   . ILE A 1 163 ? 2.885   3.767   -4.016  1.00 15.47 ? 177 ILE A CD1   1 
ATOM   1331 N  N     . ALA A 1 164 ? 4.432   6.088   -8.780  1.00 16.27 ? 178 ALA A N     1 
ATOM   1332 C  CA    . ALA A 1 164 ? 4.980   5.996   -10.138 1.00 17.32 ? 178 ALA A CA    1 
ATOM   1333 C  C     . ALA A 1 164 ? 5.782   7.241   -10.504 1.00 18.64 ? 178 ALA A C     1 
ATOM   1334 O  O     . ALA A 1 164 ? 6.823   7.137   -11.144 1.00 21.20 ? 178 ALA A O     1 
ATOM   1335 C  CB    . ALA A 1 164 ? 3.856   5.798   -11.154 1.00 18.72 ? 178 ALA A CB    1 
ATOM   1336 N  N     . LYS A 1 165 ? 5.309   8.414   -10.088 1.00 16.63 ? 179 LYS A N     1 
ATOM   1337 C  CA    . LYS A 1 165 ? 6.001   9.657   -10.404 1.00 18.51 ? 179 LYS A CA    1 
ATOM   1338 C  C     . LYS A 1 165 ? 7.373   9.746   -9.764  1.00 21.00 ? 179 LYS A C     1 
ATOM   1339 O  O     . LYS A 1 165 ? 8.264   10.392  -10.304 1.00 20.69 ? 179 LYS A O     1 
ATOM   1340 C  CB    . LYS A 1 165 ? 5.174   10.871  -9.966  1.00 20.60 ? 179 LYS A CB    1 
ATOM   1341 C  CG    . LYS A 1 165 ? 3.904   11.064  -10.764 1.00 32.23 ? 179 LYS A CG    1 
ATOM   1342 C  CD    . LYS A 1 165 ? 3.116   12.273  -10.286 1.00 36.36 ? 179 LYS A CD    1 
ATOM   1343 C  CE    . LYS A 1 165 ? 1.792   12.379  -11.029 1.00 39.15 ? 179 LYS A CE    1 
ATOM   1344 N  NZ    . LYS A 1 165 ? 1.033   11.110  -10.911 1.00 42.12 ? 179 LYS A NZ    1 
ATOM   1345 N  N     . LYS A 1 166 ? 7.538   9.088   -8.616  1.00 19.27 ? 180 LYS A N     1 
ATOM   1346 C  CA    . LYS A 1 166 ? 8.795   9.119   -7.879  1.00 18.41 ? 180 LYS A CA    1 
ATOM   1347 C  C     . LYS A 1 166 ? 9.785   8.016   -8.222  1.00 23.82 ? 180 LYS A C     1 
ATOM   1348 O  O     . LYS A 1 166 ? 10.877  7.974   -7.662  1.00 33.30 ? 180 LYS A O     1 
ATOM   1349 C  CB    . LYS A 1 166 ? 8.505   9.112   -6.375  1.00 21.31 ? 180 LYS A CB    1 
ATOM   1350 C  CG    . LYS A 1 166 ? 8.022   10.464  -5.863  1.00 23.16 ? 180 LYS A CG    1 
ATOM   1351 C  CD    . LYS A 1 166 ? 9.138   11.495  -5.924  1.00 31.70 ? 180 LYS A CD    1 
ATOM   1352 C  CE    . LYS A 1 166 ? 8.619   12.886  -5.597  1.00 36.87 ? 180 LYS A CE    1 
ATOM   1353 N  NZ    . LYS A 1 166 ? 7.574   13.319  -6.556  1.00 40.41 ? 180 LYS A NZ    1 
ATOM   1354 N  N     . LEU A 1 167 ? 9.401   7.114   -9.118  1.00 19.95 ? 181 LEU A N     1 
ATOM   1355 C  CA    . LEU A 1 167 ? 10.292  6.032   -9.546  1.00 21.79 ? 181 LEU A CA    1 
ATOM   1356 C  C     . LEU A 1 167 ? 11.004  6.460   -10.830 1.00 31.73 ? 181 LEU A C     1 
ATOM   1357 O  O     . LEU A 1 167 ? 10.444  7.313   -11.551 1.00 31.48 ? 181 LEU A O     1 
ATOM   1358 C  CB    . LEU A 1 167 ? 9.494   4.760   -9.820  1.00 20.87 ? 181 LEU A CB    1 
ATOM   1359 C  CG    . LEU A 1 167 ? 9.032   4.011   -8.578  1.00 28.23 ? 181 LEU A CG    1 
ATOM   1360 C  CD1   . LEU A 1 167 ? 7.923   3.054   -8.932  1.00 30.48 ? 181 LEU A CD1   1 
ATOM   1361 C  CD2   . LEU A 1 167 ? 10.222  3.282   -7.972  1.00 25.63 ? 181 LEU A CD2   1 
HETATM 1362 MG MG    . MG  B 2 .   ? -6.205  -9.202  1.572   1.00 10.92 ? 201 MG  A MG    1 
HETATM 1363 P  PB    . GDP C 3 .   ? -6.967  -7.099  3.932   1.00 10.59 ? 200 GDP A PB    1 
HETATM 1364 O  O1B   . GDP C 3 .   ? -7.238  -8.242  4.849   1.00 11.61 ? 200 GDP A O1B   1 
HETATM 1365 O  O2B   . GDP C 3 .   ? -5.977  -6.091  4.462   1.00 10.58 ? 200 GDP A O2B   1 
HETATM 1366 O  O3B   . GDP C 3 .   ? -6.660  -7.491  2.517   1.00 8.75  ? 200 GDP A O3B   1 
HETATM 1367 O  O3A   . GDP C 3 .   ? -8.445  -6.299  3.978   1.00 11.53 ? 200 GDP A O3A   1 
HETATM 1368 P  PA    . GDP C 3 .   ? -9.637  -6.468  2.846   1.00 10.42 ? 200 GDP A PA    1 
HETATM 1369 O  O1A   . GDP C 3 .   ? -9.372  -5.712  1.570   1.00 11.72 ? 200 GDP A O1A   1 
HETATM 1370 O  O2A   . GDP C 3 .   ? -9.957  -7.910  2.619   1.00 11.59 ? 200 GDP A O2A   1 
HETATM 1371 O  "O5'" . GDP C 3 .   ? -10.660 -5.649  3.692   1.00 10.40 ? 200 GDP A "O5'" 1 
HETATM 1372 C  "C5'" . GDP C 3 .   ? -11.133 -6.063  4.948   1.00 13.83 ? 200 GDP A "C5'" 1 
HETATM 1373 C  "C4'" . GDP C 3 .   ? -12.511 -5.489  5.152   1.00 14.52 ? 200 GDP A "C4'" 1 
HETATM 1374 O  "O4'" . GDP C 3 .   ? -12.614 -4.014  5.290   1.00 13.40 ? 200 GDP A "O4'" 1 
HETATM 1375 C  "C3'" . GDP C 3 .   ? -13.597 -5.763  4.040   1.00 14.66 ? 200 GDP A "C3'" 1 
HETATM 1376 O  "O3'" . GDP C 3 .   ? -14.849 -6.010  4.723   1.00 15.99 ? 200 GDP A "O3'" 1 
HETATM 1377 C  "C2'" . GDP C 3 .   ? -13.671 -4.480  3.231   1.00 12.31 ? 200 GDP A "C2'" 1 
HETATM 1378 O  "O2'" . GDP C 3 .   ? -14.918 -4.252  2.580   1.00 14.26 ? 200 GDP A "O2'" 1 
HETATM 1379 C  "C1'" . GDP C 3 .   ? -13.329 -3.423  4.244   1.00 12.24 ? 200 GDP A "C1'" 1 
HETATM 1380 N  N9    . GDP C 3 .   ? -12.581 -2.264  3.675   1.00 10.50 ? 200 GDP A N9    1 
HETATM 1381 C  C8    . GDP C 3 .   ? -11.460 -2.200  2.919   1.00 10.28 ? 200 GDP A C8    1 
HETATM 1382 N  N7    . GDP C 3 .   ? -11.102 -0.978  2.609   1.00 9.63  ? 200 GDP A N7    1 
HETATM 1383 C  C5    . GDP C 3 .   ? -12.054 -0.176  3.210   1.00 11.16 ? 200 GDP A C5    1 
HETATM 1384 C  C6    . GDP C 3 .   ? -12.220 1.240   3.243   1.00 10.97 ? 200 GDP A C6    1 
HETATM 1385 O  O6    . GDP C 3 .   ? -11.505 2.059   2.701   1.00 12.04 ? 200 GDP A O6    1 
HETATM 1386 N  N1    . GDP C 3 .   ? -13.366 1.662   4.009   1.00 9.60  ? 200 GDP A N1    1 
HETATM 1387 C  C2    . GDP C 3 .   ? -14.264 0.806   4.673   1.00 10.20 ? 200 GDP A C2    1 
HETATM 1388 N  N2    . GDP C 3 .   ? -15.275 1.376   5.340   1.00 12.92 ? 200 GDP A N2    1 
HETATM 1389 N  N3    . GDP C 3 .   ? -14.116 -0.553  4.634   1.00 12.73 ? 200 GDP A N3    1 
HETATM 1390 C  C4    . GDP C 3 .   ? -12.998 -0.949  3.895   1.00 10.23 ? 200 GDP A C4    1 
HETATM 1391 C  C1    . BME D 4 .   ? 1.722   8.185   -21.976 1.00 34.22 ? 210 BME A C1    1 
HETATM 1392 C  C2    . BME D 4 .   ? 0.482   7.424   -22.405 1.00 30.72 ? 210 BME A C2    1 
HETATM 1393 O  O1    . BME D 4 .   ? 1.881   9.180   -22.972 1.00 29.50 ? 210 BME A O1    1 
HETATM 1394 S  S2    . BME D 4 .   ? -1.023  8.426   -22.172 1.00 25.37 ? 210 BME A S2    1 
HETATM 1395 O  O     . HOH E 5 .   ? -5.964  -10.232 3.456   1.00 15.15 ? 300 HOH A O     1 
HETATM 1396 O  O     . HOH E 5 .   ? -4.142  -8.739  1.342   1.00 12.03 ? 301 HOH A O     1 
HETATM 1397 O  O     . HOH E 5 .   ? -8.228  -9.674  1.629   1.00 11.69 ? 302 HOH A O     1 
HETATM 1398 O  O     . HOH E 5 .   ? -4.856  -12.223 4.630   1.00 24.30 ? 303 HOH A O     1 
HETATM 1399 O  O     . HOH E 5 .   ? -10.892 -9.786  4.215   1.00 26.06 ? 304 HOH A O     1 
HETATM 1400 O  O     . HOH E 5 .   ? -8.066  -11.580 8.570   1.00 42.42 ? 305 HOH A O     1 
HETATM 1401 O  O     . HOH E 5 .   ? 1.668   -7.969  4.879   1.00 12.61 ? 306 HOH A O     1 
HETATM 1402 O  O     . HOH E 5 .   ? -0.420  -2.594  9.216   1.00 12.07 ? 307 HOH A O     1 
HETATM 1403 O  O     . HOH E 5 .   ? -4.164  8.341   10.149  1.00 11.35 ? 308 HOH A O     1 
HETATM 1404 O  O     . HOH E 5 .   ? -11.534 12.185  12.476  1.00 12.48 ? 309 HOH A O     1 
HETATM 1405 O  O     . HOH E 5 .   ? 1.233   -7.839  9.204   1.00 22.69 ? 310 HOH A O     1 
HETATM 1406 O  O     . HOH E 5 .   ? -6.650  13.705  12.484  1.00 13.78 ? 311 HOH A O     1 
HETATM 1407 O  O     . HOH E 5 .   ? -7.218  -11.464 -1.771  1.00 20.58 ? 312 HOH A O     1 
HETATM 1408 O  O     . HOH E 5 .   ? -2.932  0.364   20.343  1.00 15.96 ? 313 HOH A O     1 
HETATM 1409 O  O     . HOH E 5 .   ? -10.795 13.393  9.345   1.00 15.77 ? 314 HOH A O     1 
HETATM 1410 O  O     . HOH E 5 .   ? -4.305  12.132  2.463   1.00 14.83 ? 315 HOH A O     1 
HETATM 1411 O  O     . HOH E 5 .   ? 3.842   12.408  2.537   1.00 13.13 ? 316 HOH A O     1 
HETATM 1412 O  O     . HOH E 5 .   ? 6.496   12.460  3.562   1.00 12.90 ? 317 HOH A O     1 
HETATM 1413 O  O     . HOH E 5 .   ? -12.779 -4.732  -2.066  1.00 15.91 ? 318 HOH A O     1 
HETATM 1414 O  O     . HOH E 5 .   ? 10.686  6.013   0.451   1.00 16.45 ? 319 HOH A O     1 
HETATM 1415 O  O     . HOH E 5 .   ? 13.071  -4.245  -2.550  1.00 15.37 ? 320 HOH A O     1 
HETATM 1416 O  O     . HOH E 5 .   ? -9.448  10.735  -4.942  1.00 16.57 ? 321 HOH A O     1 
HETATM 1417 O  O     . HOH E 5 .   ? -1.956  -4.276  -16.756 1.00 13.25 ? 322 HOH A O     1 
HETATM 1418 O  O     . HOH E 5 .   ? -11.803 -1.516  10.533  1.00 18.86 ? 323 HOH A O     1 
HETATM 1419 O  O     . HOH E 5 .   ? 2.618   -10.543 5.326   1.00 18.41 ? 324 HOH A O     1 
HETATM 1420 O  O     . HOH E 5 .   ? 7.599   -6.483  10.016  1.00 19.43 ? 325 HOH A O     1 
HETATM 1421 O  O     . HOH E 5 .   ? -7.121  1.547   18.098  1.00 18.42 ? 326 HOH A O     1 
HETATM 1422 O  O     . HOH E 5 .   ? 2.611   -11.224 7.968   1.00 21.50 ? 327 HOH A O     1 
HETATM 1423 O  O     . HOH E 5 .   ? 10.419  -11.472 7.282   1.00 17.65 ? 328 HOH A O     1 
HETATM 1424 O  O     . HOH E 5 .   ? -4.598  15.518  12.545  1.00 16.74 ? 329 HOH A O     1 
HETATM 1425 O  O     . HOH E 5 .   ? -2.803  9.244   16.894  1.00 18.19 ? 330 HOH A O     1 
HETATM 1426 O  O     . HOH E 5 .   ? 4.829   11.916  -6.474  1.00 22.20 ? 331 HOH A O     1 
HETATM 1427 O  O     . HOH E 5 .   ? -6.332  -9.622  -3.883  1.00 19.72 ? 332 HOH A O     1 
HETATM 1428 O  O     . HOH E 5 .   ? -14.552 -1.953  7.154   1.00 18.24 ? 333 HOH A O     1 
HETATM 1429 O  O     . HOH E 5 .   ? -1.704  6.736   17.046  1.00 22.69 ? 334 HOH A O     1 
HETATM 1430 O  O     . HOH E 5 .   ? 6.923   6.536   15.781  1.00 18.27 ? 335 HOH A O     1 
HETATM 1431 O  O     . HOH E 5 .   ? -5.456  -0.312  19.044  1.00 25.81 ? 336 HOH A O     1 
HETATM 1432 O  O     . HOH E 5 .   ? -18.190 4.838   5.304   1.00 21.42 ? 337 HOH A O     1 
HETATM 1433 O  O     . HOH E 5 .   ? -5.225  -5.060  15.489  1.00 26.77 ? 338 HOH A O     1 
HETATM 1434 O  O     . HOH E 5 .   ? -18.794 -7.774  -1.485  1.00 17.87 ? 339 HOH A O     1 
HETATM 1435 O  O     . HOH E 5 .   ? 10.543  -4.613  12.099  1.00 21.33 ? 340 HOH A O     1 
HETATM 1436 O  O     . HOH E 5 .   ? -15.174 -9.018  4.599   1.00 21.13 ? 341 HOH A O     1 
HETATM 1437 O  O     . HOH E 5 .   ? -8.275  -3.138  11.078  1.00 18.23 ? 342 HOH A O     1 
HETATM 1438 O  O     . HOH E 5 .   ? 9.291   2.713   11.471  1.00 18.03 ? 343 HOH A O     1 
HETATM 1439 O  O     . HOH E 5 .   ? -11.760 3.099   16.421  1.00 19.13 ? 344 HOH A O     1 
HETATM 1440 O  O     . HOH E 5 .   ? -14.346 10.019  -0.189  1.00 18.02 ? 345 HOH A O     1 
HETATM 1441 O  O     . HOH E 5 .   ? 15.382  -0.227  2.054   1.00 18.31 ? 346 HOH A O     1 
HETATM 1442 O  O     . HOH E 5 .   ? -2.259  -9.409  10.677  1.00 22.03 ? 347 HOH A O     1 
HETATM 1443 O  O     . HOH E 5 .   ? 10.667  12.994  4.023   1.00 20.64 ? 348 HOH A O     1 
HETATM 1444 O  O     . HOH E 5 .   ? -14.286 -12.782 -1.235  1.00 28.68 ? 349 HOH A O     1 
HETATM 1445 O  O     . HOH E 5 .   ? 6.576   17.041  9.359   1.00 24.32 ? 350 HOH A O     1 
HETATM 1446 O  O     . HOH E 5 .   ? 3.858   -12.235 3.535   1.00 26.16 ? 351 HOH A O     1 
HETATM 1447 O  O     . HOH E 5 .   ? 5.733   -16.390 9.519   1.00 24.01 ? 352 HOH A O     1 
HETATM 1448 O  O     . HOH E 5 .   ? -7.169  -13.840 -2.938  1.00 34.63 ? 353 HOH A O     1 
HETATM 1449 O  O     . HOH E 5 .   ? -0.997  11.472  -7.340  1.00 20.28 ? 354 HOH A O     1 
HETATM 1450 O  O     . HOH E 5 .   ? -0.022  13.542  2.892   1.00 23.55 ? 355 HOH A O     1 
HETATM 1451 O  O     . HOH E 5 .   ? -1.495  -16.070 11.896  1.00 23.89 ? 356 HOH A O     1 
HETATM 1452 O  O     . HOH E 5 .   ? 4.433   11.559  14.645  1.00 25.97 ? 357 HOH A O     1 
HETATM 1453 O  O     . HOH E 5 .   ? 3.086   8.124   15.737  1.00 24.35 ? 358 HOH A O     1 
HETATM 1454 O  O     . HOH E 5 .   ? 12.934  1.837   -6.406  1.00 24.41 ? 359 HOH A O     1 
HETATM 1455 O  O     . HOH E 5 .   ? 0.015   16.875  5.159   1.00 25.11 ? 360 HOH A O     1 
HETATM 1456 O  O     . HOH E 5 .   ? 8.530   -15.048 10.766  1.00 22.93 ? 361 HOH A O     1 
HETATM 1457 O  O     . HOH E 5 .   ? -6.468  13.392  3.466   1.00 25.79 ? 362 HOH A O     1 
HETATM 1458 O  O     . HOH E 5 .   ? 10.758  -10.355 -4.929  1.00 20.03 ? 363 HOH A O     1 
HETATM 1459 O  O     . HOH E 5 .   ? 8.908   -6.839  12.491  1.00 32.57 ? 364 HOH A O     1 
HETATM 1460 O  O     . HOH E 5 .   ? 0.920   -3.482  16.868  1.00 29.56 ? 365 HOH A O     1 
HETATM 1461 O  O     . HOH E 5 .   ? -7.006  9.946   16.683  1.00 23.73 ? 366 HOH A O     1 
HETATM 1462 O  O     . HOH E 5 .   ? 4.448   17.827  6.213   1.00 20.20 ? 367 HOH A O     1 
HETATM 1463 O  O     . HOH E 5 .   ? -15.622 -18.445 0.606   1.00 24.77 ? 368 HOH A O     1 
HETATM 1464 O  O     . HOH E 5 .   ? -8.064  12.359  5.498   1.00 29.68 ? 369 HOH A O     1 
HETATM 1465 O  O     . HOH E 5 .   ? -5.707  6.062   19.514  1.00 30.74 ? 370 HOH A O     1 
HETATM 1466 O  O     . HOH E 5 .   ? -18.542 1.935   -2.164  1.00 24.77 ? 371 HOH A O     1 
HETATM 1467 O  O     . HOH E 5 .   ? 13.156  -11.589 -5.790  1.00 23.70 ? 372 HOH A O     1 
HETATM 1468 O  O     . HOH E 5 .   ? 1.487   12.637  -0.173  1.00 28.64 ? 373 HOH A O     1 
HETATM 1469 O  O     . HOH E 5 .   ? 3.357   -9.962  10.651  1.00 31.43 ? 374 HOH A O     1 
HETATM 1470 O  O     . HOH E 5 .   ? -6.943  -10.708 -6.256  1.00 24.67 ? 375 HOH A O     1 
HETATM 1471 O  O     . HOH E 5 .   ? 14.498  -10.351 4.885   1.00 23.21 ? 376 HOH A O     1 
HETATM 1472 O  O     . HOH E 5 .   ? 14.577  -6.169  9.846   1.00 37.06 ? 377 HOH A O     1 
HETATM 1473 O  O     . HOH E 5 .   ? 11.819  3.377   10.643  1.00 27.13 ? 378 HOH A O     1 
HETATM 1474 O  O     . HOH E 5 .   ? -13.071 3.853   -8.900  1.00 28.80 ? 379 HOH A O     1 
HETATM 1475 O  O     . HOH E 5 .   ? 13.939  6.015   8.805   1.00 23.98 ? 380 HOH A O     1 
HETATM 1476 O  O     . HOH E 5 .   ? -10.611 -13.929 -2.387  1.00 35.95 ? 381 HOH A O     1 
HETATM 1477 O  O     . HOH E 5 .   ? -1.360  13.468  -5.305  1.00 29.40 ? 382 HOH A O     1 
HETATM 1478 O  O     . HOH E 5 .   ? 14.290  9.930   6.734   1.00 24.67 ? 383 HOH A O     1 
HETATM 1479 O  O     . HOH E 5 .   ? -6.147  -15.729 -1.593  1.00 30.69 ? 384 HOH A O     1 
HETATM 1480 O  O     . HOH E 5 .   ? -19.935 -4.412  -1.840  1.00 31.38 ? 385 HOH A O     1 
HETATM 1481 O  O     . HOH E 5 .   ? 0.165   -7.168  14.593  1.00 38.64 ? 386 HOH A O     1 
HETATM 1482 O  O     . HOH E 5 .   ? -2.777  11.671  -9.438  1.00 25.40 ? 387 HOH A O     1 
HETATM 1483 O  O     . HOH E 5 .   ? -17.128 -6.778  -8.349  1.00 38.98 ? 388 HOH A O     1 
HETATM 1484 O  O     . HOH E 5 .   ? -15.001 2.271   -10.807 1.00 30.64 ? 389 HOH A O     1 
HETATM 1485 O  O     . HOH E 5 .   ? 10.327  -12.235 10.076  1.00 27.45 ? 390 HOH A O     1 
HETATM 1486 O  O     . HOH E 5 .   ? -5.336  -11.767 -8.251  1.00 28.34 ? 391 HOH A O     1 
HETATM 1487 O  O     . HOH E 5 .   ? -0.441  9.749   20.042  1.00 32.61 ? 392 HOH A O     1 
HETATM 1488 O  O     . HOH E 5 .   ? -24.594 -4.820  2.714   1.00 29.71 ? 393 HOH A O     1 
HETATM 1489 O  O     . HOH E 5 .   ? -9.406  11.775  -8.290  1.00 31.19 ? 394 HOH A O     1 
HETATM 1490 O  O     . HOH E 5 .   ? 18.056  -1.652  2.795   1.00 27.85 ? 395 HOH A O     1 
HETATM 1491 O  O     . HOH E 5 .   ? -13.312 -9.128  -8.680  1.00 36.21 ? 396 HOH A O     1 
HETATM 1492 O  O     . HOH E 5 .   ? -3.414  -13.889 -7.894  1.00 22.03 ? 397 HOH A O     1 
HETATM 1493 O  O     . HOH E 5 .   ? -19.012 6.213   8.022   1.00 36.55 ? 398 HOH A O     1 
HETATM 1494 O  O     . HOH E 5 .   ? 8.083   15.842  11.373  1.00 28.07 ? 399 HOH A O     1 
HETATM 1495 O  O     . HOH E 5 .   ? -17.471 -0.019  6.192   1.00 27.48 ? 400 HOH A O     1 
HETATM 1496 O  O     . HOH E 5 .   ? 15.353  2.310   2.718   1.00 33.50 ? 401 HOH A O     1 
HETATM 1497 O  O     . HOH E 5 .   ? 2.431   18.768  7.929   1.00 42.06 ? 402 HOH A O     1 
HETATM 1498 O  O     . HOH E 5 .   ? 2.628   13.336  -6.909  1.00 31.24 ? 403 HOH A O     1 
HETATM 1499 O  O     . HOH E 5 .   ? -4.209  16.979  14.828  1.00 38.50 ? 404 HOH A O     1 
HETATM 1500 O  O     . HOH E 5 .   ? -4.125  6.249   -16.792 1.00 31.88 ? 405 HOH A O     1 
HETATM 1501 O  O     . HOH E 5 .   ? 13.283  -4.924  11.672  1.00 40.41 ? 406 HOH A O     1 
HETATM 1502 O  O     . HOH E 5 .   ? 14.071  3.584   1.071   1.00 27.77 ? 407 HOH A O     1 
HETATM 1503 O  O     . HOH E 5 .   ? -14.847 -1.222  9.828   1.00 32.22 ? 408 HOH A O     1 
HETATM 1504 O  O     . HOH E 5 .   ? 16.275  -6.720  -2.421  1.00 42.01 ? 409 HOH A O     1 
HETATM 1505 O  O     . HOH E 5 .   ? -13.065 -9.308  5.991   1.00 30.60 ? 410 HOH A O     1 
HETATM 1506 O  O     . HOH E 5 .   ? -6.548  -9.820  -10.826 1.00 42.61 ? 411 HOH A O     1 
HETATM 1507 O  O     . HOH E 5 .   ? -8.953  7.307   -6.751  1.00 17.76 ? 412 HOH A O     1 
HETATM 1508 O  O     . HOH E 5 .   ? -12.250 -5.239  8.596   1.00 31.55 ? 413 HOH A O     1 
HETATM 1509 O  O     . HOH E 5 .   ? -10.837 -0.893  14.037  1.00 23.84 ? 414 HOH A O     1 
HETATM 1510 O  O     . HOH E 5 .   ? -16.975 8.513   9.153   1.00 35.60 ? 415 HOH A O     1 
HETATM 1511 O  O     . HOH E 5 .   ? 10.589  7.264   13.238  1.00 25.78 ? 416 HOH A O     1 
HETATM 1512 O  O     . HOH E 5 .   ? -11.916 -2.209  -3.291  1.00 20.57 ? 417 HOH A O     1 
HETATM 1513 O  O     . HOH E 5 .   ? 17.888  -8.276  2.891   1.00 32.82 ? 418 HOH A O     1 
HETATM 1514 O  O     . HOH E 5 .   ? -6.734  3.779   20.037  1.00 38.54 ? 419 HOH A O     1 
HETATM 1515 O  O     . HOH E 5 .   ? 6.913   9.341   15.096  1.00 22.75 ? 420 HOH A O     1 
HETATM 1516 O  O     . HOH E 5 .   ? -16.149 -13.365 0.193   1.00 33.70 ? 421 HOH A O     1 
HETATM 1517 O  O     . HOH E 5 .   ? -3.421  7.050   20.725  1.00 36.40 ? 422 HOH A O     1 
HETATM 1518 O  O     . HOH E 5 .   ? 7.317   11.350  14.152  1.00 27.75 ? 423 HOH A O     1 
HETATM 1519 O  O     . HOH E 5 .   ? 9.856   -17.545 2.702   1.00 25.02 ? 424 HOH A O     1 
HETATM 1520 O  O     . HOH E 5 .   ? -1.885  -12.493 12.729  1.00 29.13 ? 425 HOH A O     1 
HETATM 1521 O  O     . HOH E 5 .   ? -5.814  -16.007 4.864   1.00 37.19 ? 426 HOH A O     1 
HETATM 1522 O  O     . HOH E 5 .   ? 6.200   -6.429  14.247  1.00 34.47 ? 427 HOH A O     1 
HETATM 1523 O  O     . HOH E 5 .   ? -9.769  4.252   -8.151  1.00 35.52 ? 428 HOH A O     1 
HETATM 1524 O  O     . HOH E 5 .   ? 12.397  5.097   2.908   1.00 34.20 ? 429 HOH A O     1 
HETATM 1525 O  O     . HOH E 5 .   ? -15.697 -10.682 -2.542  1.00 19.76 ? 430 HOH A O     1 
HETATM 1526 O  O     . HOH E 5 .   ? 6.492   -8.506  -9.938  1.00 30.11 ? 431 HOH A O     1 
HETATM 1527 O  O     . HOH E 5 .   ? 13.136  13.651  6.776   1.00 32.92 ? 432 HOH A O     1 
HETATM 1528 O  O     . HOH E 5 .   ? 6.006   -6.894  -7.754  1.00 23.29 ? 433 HOH A O     1 
HETATM 1529 O  O     . HOH E 5 .   ? 14.887  -0.395  -6.128  1.00 37.40 ? 434 HOH A O     1 
HETATM 1530 O  O     . HOH E 5 .   ? -12.200 -14.570 5.314   1.00 38.37 ? 435 HOH A O     1 
HETATM 1531 O  O     . HOH E 5 .   ? -1.437  11.814  -23.389 1.00 33.81 ? 436 HOH A O     1 
HETATM 1532 O  O     . HOH E 5 .   ? 7.883   11.264  -13.343 1.00 41.69 ? 437 HOH A O     1 
HETATM 1533 O  O     . HOH E 5 .   ? -5.074  10.499  -9.721  1.00 33.77 ? 438 HOH A O     1 
HETATM 1534 O  O     . HOH E 5 .   ? 9.118   9.717   14.094  1.00 39.21 ? 439 HOH A O     1 
HETATM 1535 O  O     . HOH E 5 .   ? -1.237  15.741  15.947  1.00 32.81 ? 440 HOH A O     1 
HETATM 1536 O  O     . HOH E 5 .   ? 13.886  5.845   -3.253  1.00 37.50 ? 441 HOH A O     1 
HETATM 1537 O  O     . HOH E 5 .   ? -13.640 0.445   12.184  1.00 30.05 ? 442 HOH A O     1 
HETATM 1538 O  O     . HOH E 5 .   ? -4.852  -0.381  -18.507 1.00 19.66 ? 443 HOH A O     1 
HETATM 1539 O  O     . HOH E 5 .   ? 0.281   -3.263  -20.161 1.00 20.00 ? 444 HOH A O     1 
HETATM 1540 O  O     . HOH E 5 .   ? -4.158  -15.997 -3.702  1.00 25.23 ? 445 HOH A O     1 
HETATM 1541 O  O     . HOH E 5 .   ? 11.956  -10.233 -8.995  1.00 33.66 ? 446 HOH A O     1 
HETATM 1542 O  O     . HOH E 5 .   ? 15.475  -11.634 2.372   1.00 28.55 ? 447 HOH A O     1 
HETATM 1543 O  O     . HOH E 5 .   ? 15.399  -9.860  -6.631  1.00 27.69 ? 448 HOH A O     1 
HETATM 1544 O  O     . HOH E 5 .   ? 10.665  -3.495  14.429  1.00 34.69 ? 449 HOH A O     1 
HETATM 1545 O  O     . HOH E 5 .   ? -4.915  -8.147  -12.252 1.00 26.28 ? 450 HOH A O     1 
HETATM 1546 O  O     . HOH E 5 .   ? 3.754   5.256   -24.004 1.00 25.02 ? 451 HOH A O     1 
HETATM 1547 O  O     . HOH E 5 .   ? -8.398  9.215   -11.332 1.00 33.76 ? 452 HOH A O     1 
HETATM 1548 O  O     . HOH E 5 .   ? -22.436 2.393   2.673   1.00 36.71 ? 453 HOH A O     1 
HETATM 1549 O  O     . HOH E 5 .   ? 11.550  -8.450  10.953  1.00 35.61 ? 454 HOH A O     1 
HETATM 1550 O  O     . HOH E 5 .   ? -7.004  14.697  -5.165  1.00 38.36 ? 455 HOH A O     1 
HETATM 1551 O  O     . HOH E 5 .   ? 9.583   -9.783  -7.306  1.00 28.47 ? 456 HOH A O     1 
HETATM 1552 O  O     . HOH E 5 .   ? -21.507 5.027   11.470  1.00 39.60 ? 457 HOH A O     1 
HETATM 1553 O  O     . HOH E 5 .   ? -13.353 0.870   15.592  1.00 47.16 ? 458 HOH A O     1 
HETATM 1554 O  O     . HOH E 5 .   ? -4.482  3.788   22.256  1.00 32.76 ? 459 HOH A O     1 
HETATM 1555 O  O     . HOH E 5 .   ? 3.109   -12.192 -13.870 1.00 38.75 ? 460 HOH A O     1 
HETATM 1556 O  O     . HOH E 5 .   ? 2.062   -16.148 0.167   1.00 30.01 ? 461 HOH A O     1 
HETATM 1557 O  O     . HOH E 5 .   ? -12.757 7.156   17.414  1.00 11.05 ? 462 HOH A O     1 
HETATM 1558 O  O     . HOH E 5 .   ? -10.349 -16.625 -1.025  1.00 42.34 ? 463 HOH A O     1 
HETATM 1559 O  O     . HOH E 5 .   ? -13.854 4.526   17.757  1.00 19.64 ? 464 HOH A O     1 
HETATM 1560 O  O     . HOH E 5 .   ? -9.536  0.694   17.509  1.00 36.19 ? 465 HOH A O     1 
HETATM 1561 O  O     . HOH E 5 .   ? 3.226   -3.878  16.157  1.00 26.58 ? 466 HOH A O     1 
HETATM 1562 O  O     . HOH E 5 .   ? -17.517 -10.303 5.085   1.00 26.36 ? 467 HOH A O     1 
HETATM 1563 O  O     . HOH E 5 .   ? 2.461   -7.101  15.356  1.00 38.92 ? 468 HOH A O     1 
HETATM 1564 O  O     . HOH E 5 .   ? 16.184  3.823   4.918   1.00 28.57 ? 469 HOH A O     1 
HETATM 1565 O  O     . HOH E 5 .   ? 14.904  6.100   4.584   1.00 28.85 ? 470 HOH A O     1 
HETATM 1566 O  O     . HOH E 5 .   ? -2.902  -4.042  21.906  1.00 18.89 ? 471 HOH A O     1 
HETATM 1567 O  O     . HOH E 5 .   ? -21.615 4.806   14.211  1.00 40.93 ? 472 HOH A O     1 
HETATM 1568 O  O     . HOH E 5 .   ? 13.711  -5.869  -9.068  1.00 27.55 ? 473 HOH A O     1 
HETATM 1569 O  O     . HOH E 5 .   ? 4.603   -21.759 2.530   1.00 43.12 ? 474 HOH A O     1 
HETATM 1570 O  O     . HOH E 5 .   ? 13.323  -13.807 -3.485  1.00 29.49 ? 475 HOH A O     1 
HETATM 1571 O  O     . HOH E 5 .   ? -13.695 -3.971  -13.174 1.00 25.92 ? 476 HOH A O     1 
HETATM 1572 O  O     . HOH E 5 .   ? 14.398  -2.781  -6.484  1.00 30.87 ? 477 HOH A O     1 
HETATM 1573 O  O     . HOH E 5 .   ? 13.788  -6.496  14.286  1.00 38.21 ? 478 HOH A O     1 
HETATM 1574 O  O     . HOH E 5 .   ? -12.843 -7.832  8.064   1.00 36.16 ? 479 HOH A O     1 
HETATM 1575 O  O     . HOH E 5 .   ? 12.004  10.728  14.235  1.00 37.20 ? 480 HOH A O     1 
HETATM 1576 O  O     . HOH E 5 .   ? 11.664  -0.030  -13.391 1.00 34.86 ? 481 HOH A O     1 
HETATM 1577 O  O     . HOH E 5 .   ? 12.396  7.595   -14.331 1.00 37.33 ? 482 HOH A O     1 
HETATM 1578 O  O     . HOH E 5 .   ? 11.356  9.905   -13.554 1.00 29.47 ? 483 HOH A O     1 
HETATM 1579 O  O     . HOH E 5 .   ? 10.635  -4.244  -12.701 1.00 32.99 ? 484 HOH A O     1 
HETATM 1580 O  O     . HOH E 5 .   ? -7.939  -7.536  -4.542  1.00 25.40 ? 485 HOH A O     1 
HETATM 1581 O  O     . HOH E 5 .   ? -9.538  -10.696 -0.571  1.00 39.68 ? 486 HOH A O     1 
HETATM 1582 O  O     . HOH E 5 .   ? 11.224  3.177   -18.289 1.00 24.13 ? 487 HOH A O     1 
HETATM 1583 O  O     . HOH E 5 .   ? -7.501  -17.868 -2.141  1.00 35.06 ? 488 HOH A O     1 
HETATM 1584 O  O     . HOH E 5 .   ? -5.699  -6.611  -14.111 1.00 35.06 ? 489 HOH A O     1 
HETATM 1585 O  O     . HOH E 5 .   ? 10.845  -0.613  -20.437 1.00 39.65 ? 490 HOH A O     1 
HETATM 1586 O  O     . HOH E 5 .   ? -13.121 -13.815 -3.154  1.00 32.09 ? 491 HOH A O     1 
HETATM 1587 O  O     . HOH E 5 .   ? 8.312   2.618   -14.137 1.00 40.25 ? 492 HOH A O     1 
HETATM 1588 O  O     . HOH E 5 .   ? 19.038  0.503   6.365   1.00 39.18 ? 493 HOH A O     1 
HETATM 1589 O  O     . HOH E 5 .   ? 8.183   -7.607  -6.158  1.00 23.47 ? 494 HOH A O     1 
HETATM 1590 O  O     . HOH E 5 .   ? -10.602 -15.117 7.507   1.00 38.25 ? 495 HOH A O     1 
HETATM 1591 O  O     . HOH E 5 .   ? 17.085  5.933   -2.197  1.00 36.20 ? 496 HOH A O     1 
HETATM 1592 O  O     . HOH E 5 .   ? 8.429   7.076   -15.000 1.00 40.48 ? 497 HOH A O     1 
HETATM 1593 O  O     . HOH E 5 .   ? 8.609   8.751   -12.906 1.00 33.16 ? 498 HOH A O     1 
HETATM 1594 O  O     . HOH E 5 .   ? 3.245   -8.210  -15.737 1.00 40.68 ? 499 HOH A O     1 
HETATM 1595 O  O     . HOH E 5 .   ? 5.785   -14.568 12.825  1.00 45.55 ? 500 HOH A O     1 
HETATM 1596 O  O     . HOH E 5 .   ? -3.763  13.353  -3.258  1.00 37.67 ? 501 HOH A O     1 
HETATM 1597 O  O     . HOH E 5 .   ? -7.411  13.459  15.109  1.00 24.21 ? 502 HOH A O     1 
HETATM 1598 O  O     . HOH E 5 .   ? -19.393 4.141   10.219  1.00 32.81 ? 503 HOH A O     1 
HETATM 1599 O  O     . HOH E 5 .   ? -19.557 2.243   6.508   1.00 34.70 ? 504 HOH A O     1 
HETATM 1600 O  O     . HOH E 5 .   ? -5.687  12.324  16.335  1.00 38.71 ? 505 HOH A O     1 
HETATM 1601 O  O     . HOH E 5 .   ? 9.282   14.803  14.690  1.00 40.98 ? 506 HOH A O     1 
HETATM 1602 O  O     . HOH E 5 .   ? 14.938  7.287   6.772   1.00 38.23 ? 507 HOH A O     1 
HETATM 1603 O  O     . HOH E 5 .   ? 12.609  5.179   -13.982 1.00 39.13 ? 508 HOH A O     1 
HETATM 1604 O  O     . HOH E 5 .   ? -16.956 9.796   5.616   1.00 34.08 ? 509 HOH A O     1 
HETATM 1605 O  O     . HOH E 5 .   ? -3.967  11.036  -19.076 1.00 40.12 ? 510 HOH A O     1 
HETATM 1606 O  O     . HOH E 5 .   ? -21.350 0.808   13.627  1.00 39.65 ? 511 HOH A O     1 
HETATM 1607 O  O     . HOH E 5 .   ? -8.992  -10.216 5.881   1.00 26.60 ? 512 HOH A O     1 
HETATM 1608 O  O     . HOH E 5 .   ? -7.512  14.548  7.742   1.00 28.50 ? 513 HOH A O     1 
HETATM 1609 O  O     . HOH E 5 .   ? -1.287  11.934  -11.818 1.00 35.39 ? 514 HOH A O     1 
HETATM 1610 O  O     . HOH E 5 .   ? 13.545  2.865   12.701  1.00 44.27 ? 515 HOH A O     1 
HETATM 1611 O  O     . HOH E 5 .   ? 18.273  3.380   2.010   1.00 38.11 ? 516 HOH A O     1 
HETATM 1612 O  O     . HOH E 5 .   ? -10.237 -8.389  -3.536  1.00 34.83 ? 517 HOH A O     1 
HETATM 1613 O  O     . HOH E 5 .   ? -17.594 -1.708  -6.711  1.00 38.31 ? 518 HOH A O     1 
HETATM 1614 O  O     . HOH E 5 .   ? -8.272  -2.603  17.333  1.00 41.44 ? 519 HOH A O     1 
HETATM 1615 O  O     . HOH E 5 .   ? -2.195  17.697  3.865   1.00 36.12 ? 520 HOH A O     1 
HETATM 1616 O  O     . HOH E 5 .   ? -2.590  -6.633  16.928  1.00 36.19 ? 521 HOH A O     1 
HETATM 1617 O  O     . HOH E 5 .   ? 20.552  -7.460  8.294   1.00 35.20 ? 522 HOH A O     1 
HETATM 1618 O  O     . HOH E 5 .   ? 10.548  -0.538  -17.141 1.00 28.77 ? 523 HOH A O     1 
HETATM 1619 O  O     . HOH E 5 .   ? -9.897  -3.934  12.677  1.00 40.78 ? 524 HOH A O     1 
HETATM 1620 O  O     . HOH E 5 .   ? -13.600 9.461   2.467   1.00 39.93 ? 525 HOH A O     1 
HETATM 1621 O  O     . HOH E 5 .   ? 12.242  3.262   -12.380 1.00 40.21 ? 526 HOH A O     1 
HETATM 1622 O  O     . HOH E 5 .   ? -5.584  16.101  4.058   1.00 35.82 ? 527 HOH A O     1 
HETATM 1623 O  O     . HOH E 5 .   ? -3.504  -6.893  4.937   1.00 14.45 ? 528 HOH A O     1 
HETATM 1624 O  O     . HOH E 5 .   ? -3.689  9.199   -16.751 1.00 40.52 ? 529 HOH A O     1 
HETATM 1625 O  O     . HOH E 5 .   ? 1.402   -9.216  11.572  1.00 41.00 ? 530 HOH A O     1 
HETATM 1626 O  O     . HOH E 5 .   ? -19.144 8.793   6.315   1.00 40.70 ? 531 HOH A O     1 
HETATM 1627 O  O     . HOH E 5 .   ? 8.863   4.750   15.281  1.00 40.10 ? 532 HOH A O     1 
HETATM 1628 O  O     . HOH E 5 .   ? 11.237  8.180   15.230  1.00 39.84 ? 533 HOH A O     1 
HETATM 1629 O  O     . HOH E 5 .   ? 14.232  -8.795  -8.807  1.00 36.33 ? 534 HOH A O     1 
HETATM 1630 O  O     . HOH E 5 .   ? -18.838 1.511   10.166  1.00 37.55 ? 535 HOH A O     1 
# 
loop_
_pdbx_poly_seq_scheme.asym_id 
_pdbx_poly_seq_scheme.entity_id 
_pdbx_poly_seq_scheme.seq_id 
_pdbx_poly_seq_scheme.mon_id 
_pdbx_poly_seq_scheme.ndb_seq_num 
_pdbx_poly_seq_scheme.pdb_seq_num 
_pdbx_poly_seq_scheme.auth_seq_num 
_pdbx_poly_seq_scheme.pdb_mon_id 
_pdbx_poly_seq_scheme.auth_mon_id 
_pdbx_poly_seq_scheme.pdb_strand_id 
_pdbx_poly_seq_scheme.pdb_ins_code 
_pdbx_poly_seq_scheme.hetero 
A 1 1   GLY 1   15  15  GLY GLY A . n 
A 1 2   ASN 2   16  16  ASN ASN A . n 
A 1 3   LYS 3   17  17  LYS LYS A . n 
A 1 4   ILE 4   18  18  ILE ILE A . n 
A 1 5   CYS 5   19  19  CYS CYS A . n 
A 1 6   GLN 6   20  20  GLN GLN A . n 
A 1 7   PHE 7   21  21  PHE PHE A . n 
A 1 8   LYS 8   22  22  LYS LYS A . n 
A 1 9   LEU 9   23  23  LEU LEU A . n 
A 1 10  VAL 10  24  24  VAL VAL A . n 
A 1 11  LEU 11  25  25  LEU LEU A . n 
A 1 12  LEU 12  26  26  LEU LEU A . n 
A 1 13  GLY 13  27  27  GLY GLY A . n 
A 1 14  GLU 14  28  28  GLU GLU A . n 
A 1 15  SER 15  29  29  SER SER A . n 
A 1 16  PRO 16  30  30  PRO PRO A . n 
A 1 17  VAL 17  31  31  VAL VAL A . n 
A 1 18  GLY 18  32  32  GLY GLY A . n 
A 1 19  LYS 19  33  33  LYS LYS A . n 
A 1 20  SER 20  34  34  SER SER A . n 
A 1 21  SER 21  35  35  SER SER A . n 
A 1 22  LEU 22  36  36  LEU LEU A . n 
A 1 23  VAL 23  37  37  VAL VAL A . n 
A 1 24  LEU 24  38  38  LEU LEU A . n 
A 1 25  ARG 25  39  39  ARG ARG A . n 
A 1 26  PHE 26  40  40  PHE PHE A . n 
A 1 27  VAL 27  41  41  VAL VAL A . n 
A 1 28  LYS 28  42  42  LYS LYS A . n 
A 1 29  GLY 29  43  43  GLY GLY A . n 
A 1 30  GLN 30  44  44  GLN GLN A . n 
A 1 31  PHE 31  45  45  PHE PHE A . n 
A 1 32  HIS 32  46  46  HIS HIS A . n 
A 1 33  GLU 33  47  47  GLU GLU A . n 
A 1 34  PHE 34  48  48  PHE PHE A . n 
A 1 35  GLN 35  49  49  GLN GLN A . n 
A 1 36  GLU 36  50  50  GLU GLU A . n 
A 1 37  SER 37  51  51  SER SER A . n 
A 1 38  THR 38  52  52  THR THR A . n 
A 1 39  ILE 39  53  53  ILE ILE A . n 
A 1 40  GLY 40  54  54  GLY GLY A . n 
A 1 41  ALA 41  55  55  ALA ALA A . n 
A 1 42  ALA 42  56  56  ALA ALA A . n 
A 1 43  PHE 43  57  57  PHE PHE A . n 
A 1 44  LEU 44  58  58  LEU LEU A . n 
A 1 45  THR 45  59  59  THR THR A . n 
A 1 46  GLN 46  60  60  GLN GLN A . n 
A 1 47  THR 47  61  61  THR THR A . n 
A 1 48  VAL 48  62  62  VAL VAL A . n 
A 1 49  CYS 49  63  63  CYS CYS A . n 
A 1 50  LEU 50  64  64  LEU LEU A . n 
A 1 51  ASP 51  65  65  ASP ASP A . n 
A 1 52  ASP 52  66  66  ASP ASP A . n 
A 1 53  THR 53  67  67  THR THR A . n 
A 1 54  THR 54  68  68  THR THR A . n 
A 1 55  VAL 55  69  69  VAL VAL A . n 
A 1 56  LYS 56  70  70  LYS LYS A . n 
A 1 57  PHE 57  71  71  PHE PHE A . n 
A 1 58  GLU 58  72  72  GLU GLU A . n 
A 1 59  ILE 59  73  73  ILE ILE A . n 
A 1 60  TRP 60  74  74  TRP TRP A . n 
A 1 61  ASP 61  75  75  ASP ASP A . n 
A 1 62  THR 62  76  76  THR THR A . n 
A 1 63  ALA 63  77  77  ALA ALA A . n 
A 1 64  GLY 64  78  78  GLY GLY A . n 
A 1 65  GLN 65  79  79  GLN GLN A . n 
A 1 66  GLU 66  80  80  GLU GLU A . n 
A 1 67  ARG 67  81  81  ARG ARG A . n 
A 1 68  TYR 68  82  82  TYR TYR A . n 
A 1 69  HIS 69  83  83  HIS HIS A . n 
A 1 70  SER 70  84  84  SER SER A . n 
A 1 71  LEU 71  85  85  LEU LEU A . n 
A 1 72  ALA 72  86  86  ALA ALA A . n 
A 1 73  PRO 73  87  87  PRO PRO A . n 
A 1 74  MET 74  88  88  MET MET A . n 
A 1 75  TYR 75  89  89  TYR TYR A . n 
A 1 76  TYR 76  90  90  TYR TYR A . n 
A 1 77  ARG 77  91  91  ARG ARG A . n 
A 1 78  GLY 78  92  92  GLY GLY A . n 
A 1 79  ALA 79  93  93  ALA ALA A . n 
A 1 80  GLN 80  94  94  GLN GLN A . n 
A 1 81  ALA 81  95  95  ALA ALA A . n 
A 1 82  ALA 82  96  96  ALA ALA A . n 
A 1 83  ILE 83  97  97  ILE ILE A . n 
A 1 84  VAL 84  98  98  VAL VAL A . n 
A 1 85  VAL 85  99  99  VAL VAL A . n 
A 1 86  TYR 86  100 100 TYR TYR A . n 
A 1 87  ASP 87  101 101 ASP ASP A . n 
A 1 88  ILE 88  102 102 ILE ILE A . n 
A 1 89  THR 89  103 103 THR THR A . n 
A 1 90  ASN 90  104 104 ASN ASN A . n 
A 1 91  GLU 91  105 105 GLU GLU A . n 
A 1 92  GLU 92  106 106 GLU GLU A . n 
A 1 93  SER 93  107 107 SER SER A . n 
A 1 94  PHE 94  108 108 PHE PHE A . n 
A 1 95  ALA 95  109 109 ALA ALA A . n 
A 1 96  ARG 96  110 110 ARG ARG A . n 
A 1 97  ALA 97  111 111 ALA ALA A . n 
A 1 98  LYS 98  112 112 LYS LYS A . n 
A 1 99  ASN 99  113 113 ASN ASN A . n 
A 1 100 TRP 100 114 114 TRP TRP A . n 
A 1 101 VAL 101 115 115 VAL VAL A . n 
A 1 102 LYS 102 116 116 LYS LYS A . n 
A 1 103 GLU 103 117 117 GLU GLU A . n 
A 1 104 LEU 104 118 118 LEU LEU A . n 
A 1 105 GLN 105 119 119 GLN GLN A . n 
A 1 106 ARG 106 120 120 ARG ARG A . n 
A 1 107 GLN 107 121 121 GLN GLN A . n 
A 1 108 ALA 108 122 122 ALA ALA A . n 
A 1 109 SER 109 123 123 SER SER A . n 
A 1 110 PRO 110 124 124 PRO PRO A . n 
A 1 111 ASN 111 125 125 ASN ASN A . n 
A 1 112 ILE 112 126 126 ILE ILE A . n 
A 1 113 VAL 113 127 127 VAL VAL A . n 
A 1 114 ILE 114 128 128 ILE ILE A . n 
A 1 115 ALA 115 129 129 ALA ALA A . n 
A 1 116 LEU 116 130 130 LEU LEU A . n 
A 1 117 SER 117 131 131 SER SER A . n 
A 1 118 GLY 118 132 132 GLY GLY A . n 
A 1 119 ASN 119 133 133 ASN ASN A . n 
A 1 120 LYS 120 134 134 LYS LYS A . n 
A 1 121 ALA 121 135 135 ALA ALA A . n 
A 1 122 ASP 122 136 136 ASP ASP A . n 
A 1 123 LEU 123 137 137 LEU LEU A . n 
A 1 124 ALA 124 138 138 ALA ALA A . n 
A 1 125 ASN 125 139 139 ASN ASN A . n 
A 1 126 LYS 126 140 140 LYS LYS A . n 
A 1 127 ARG 127 141 141 ARG ARG A . n 
A 1 128 ALA 128 142 142 ALA ALA A . n 
A 1 129 VAL 129 143 143 VAL VAL A . n 
A 1 130 ASP 130 144 144 ASP ASP A . n 
A 1 131 PHE 131 145 145 PHE PHE A . n 
A 1 132 GLN 132 146 146 GLN GLN A . n 
A 1 133 GLU 133 147 147 GLU GLU A . n 
A 1 134 ALA 134 148 148 ALA ALA A . n 
A 1 135 GLN 135 149 149 GLN GLN A . n 
A 1 136 SER 136 150 150 SER SER A . n 
A 1 137 TYR 137 151 151 TYR TYR A . n 
A 1 138 ALA 138 152 152 ALA ALA A . n 
A 1 139 ASP 139 153 153 ASP ASP A . n 
A 1 140 ASP 140 154 154 ASP ASP A . n 
A 1 141 ASN 141 155 155 ASN ASN A . n 
A 1 142 SER 142 156 156 SER SER A . n 
A 1 143 LEU 143 157 157 LEU LEU A . n 
A 1 144 LEU 144 158 158 LEU LEU A . n 
A 1 145 PHE 145 159 159 PHE PHE A . n 
A 1 146 MET 146 160 160 MET MET A . n 
A 1 147 GLU 147 161 161 GLU GLU A . n 
A 1 148 THR 148 162 162 THR THR A . n 
A 1 149 SER 149 163 163 SER SER A . n 
A 1 150 ALA 150 164 164 ALA ALA A . n 
A 1 151 LYS 151 165 165 LYS LYS A . n 
A 1 152 THR 152 166 166 THR THR A . n 
A 1 153 SER 153 167 167 SER SER A . n 
A 1 154 MET 154 168 168 MET MET A . n 
A 1 155 ASN 155 169 169 ASN ASN A . n 
A 1 156 VAL 156 170 170 VAL VAL A . n 
A 1 157 ASN 157 171 171 ASN ASN A . n 
A 1 158 GLU 158 172 172 GLU GLU A . n 
A 1 159 ILE 159 173 173 ILE ILE A . n 
A 1 160 PHE 160 174 174 PHE PHE A . n 
A 1 161 MET 161 175 175 MET MET A . n 
A 1 162 ALA 162 176 176 ALA ALA A . n 
A 1 163 ILE 163 177 177 ILE ILE A . n 
A 1 164 ALA 164 178 178 ALA ALA A . n 
A 1 165 LYS 165 179 179 LYS LYS A . n 
A 1 166 LYS 166 180 180 LYS LYS A . n 
A 1 167 LEU 167 181 181 LEU LEU A . n 
A 1 168 PRO 168 182 ?   ?   ?   A . n 
A 1 169 LYS 169 183 ?   ?   ?   A . n 
A 1 170 ASN 170 184 ?   ?   ?   A . n 
# 
loop_
_pdbx_nonpoly_scheme.asym_id 
_pdbx_nonpoly_scheme.entity_id 
_pdbx_nonpoly_scheme.mon_id 
_pdbx_nonpoly_scheme.ndb_seq_num 
_pdbx_nonpoly_scheme.pdb_seq_num 
_pdbx_nonpoly_scheme.auth_seq_num 
_pdbx_nonpoly_scheme.pdb_mon_id 
_pdbx_nonpoly_scheme.auth_mon_id 
_pdbx_nonpoly_scheme.pdb_strand_id 
_pdbx_nonpoly_scheme.pdb_ins_code 
B 2 MG  1   201 201 MG  MG2 A . 
C 3 GDP 1   200 200 GDP GDP A . 
D 4 BME 1   210 210 BME BME A . 
E 5 HOH 1   300 300 HOH WAT A . 
E 5 HOH 2   301 301 HOH WAT A . 
E 5 HOH 3   302 302 HOH WAT A . 
E 5 HOH 4   303 303 HOH WAT A . 
E 5 HOH 5   304 304 HOH WAT A . 
E 5 HOH 6   305 305 HOH WAT A . 
E 5 HOH 7   306 306 HOH WAT A . 
E 5 HOH 8   307 307 HOH WAT A . 
E 5 HOH 9   308 308 HOH WAT A . 
E 5 HOH 10  309 309 HOH WAT A . 
E 5 HOH 11  310 310 HOH WAT A . 
E 5 HOH 12  311 311 HOH WAT A . 
E 5 HOH 13  312 312 HOH WAT A . 
E 5 HOH 14  313 313 HOH WAT A . 
E 5 HOH 15  314 314 HOH WAT A . 
E 5 HOH 16  315 315 HOH WAT A . 
E 5 HOH 17  316 316 HOH WAT A . 
E 5 HOH 18  317 317 HOH WAT A . 
E 5 HOH 19  318 318 HOH WAT A . 
E 5 HOH 20  319 319 HOH WAT A . 
E 5 HOH 21  320 320 HOH WAT A . 
E 5 HOH 22  321 321 HOH WAT A . 
E 5 HOH 23  322 322 HOH WAT A . 
E 5 HOH 24  323 323 HOH WAT A . 
E 5 HOH 25  324 324 HOH WAT A . 
E 5 HOH 26  325 325 HOH WAT A . 
E 5 HOH 27  326 326 HOH WAT A . 
E 5 HOH 28  327 327 HOH WAT A . 
E 5 HOH 29  328 328 HOH WAT A . 
E 5 HOH 30  329 329 HOH WAT A . 
E 5 HOH 31  330 330 HOH WAT A . 
E 5 HOH 32  331 331 HOH WAT A . 
E 5 HOH 33  332 332 HOH WAT A . 
E 5 HOH 34  333 333 HOH WAT A . 
E 5 HOH 35  334 334 HOH WAT A . 
E 5 HOH 36  335 335 HOH WAT A . 
E 5 HOH 37  336 336 HOH WAT A . 
E 5 HOH 38  337 337 HOH WAT A . 
E 5 HOH 39  338 338 HOH WAT A . 
E 5 HOH 40  339 339 HOH WAT A . 
E 5 HOH 41  340 340 HOH WAT A . 
E 5 HOH 42  341 341 HOH WAT A . 
E 5 HOH 43  342 342 HOH WAT A . 
E 5 HOH 44  343 343 HOH WAT A . 
E 5 HOH 45  344 344 HOH WAT A . 
E 5 HOH 46  345 345 HOH WAT A . 
E 5 HOH 47  346 346 HOH WAT A . 
E 5 HOH 48  347 347 HOH WAT A . 
E 5 HOH 49  348 348 HOH WAT A . 
E 5 HOH 50  349 349 HOH WAT A . 
E 5 HOH 51  350 350 HOH WAT A . 
E 5 HOH 52  351 351 HOH WAT A . 
E 5 HOH 53  352 352 HOH WAT A . 
E 5 HOH 54  353 353 HOH WAT A . 
E 5 HOH 55  354 354 HOH WAT A . 
E 5 HOH 56  355 355 HOH WAT A . 
E 5 HOH 57  356 356 HOH WAT A . 
E 5 HOH 58  357 357 HOH WAT A . 
E 5 HOH 59  358 358 HOH WAT A . 
E 5 HOH 60  359 359 HOH WAT A . 
E 5 HOH 61  360 360 HOH WAT A . 
E 5 HOH 62  361 361 HOH WAT A . 
E 5 HOH 63  362 362 HOH WAT A . 
E 5 HOH 64  363 363 HOH WAT A . 
E 5 HOH 65  364 364 HOH WAT A . 
E 5 HOH 66  365 365 HOH WAT A . 
E 5 HOH 67  366 366 HOH WAT A . 
E 5 HOH 68  367 367 HOH WAT A . 
E 5 HOH 69  368 368 HOH WAT A . 
E 5 HOH 70  369 369 HOH WAT A . 
E 5 HOH 71  370 370 HOH WAT A . 
E 5 HOH 72  371 371 HOH WAT A . 
E 5 HOH 73  372 372 HOH WAT A . 
E 5 HOH 74  373 373 HOH WAT A . 
E 5 HOH 75  374 374 HOH WAT A . 
E 5 HOH 76  375 375 HOH WAT A . 
E 5 HOH 77  376 376 HOH WAT A . 
E 5 HOH 78  377 377 HOH WAT A . 
E 5 HOH 79  378 378 HOH WAT A . 
E 5 HOH 80  379 379 HOH WAT A . 
E 5 HOH 81  380 380 HOH WAT A . 
E 5 HOH 82  381 381 HOH WAT A . 
E 5 HOH 83  382 382 HOH WAT A . 
E 5 HOH 84  383 383 HOH WAT A . 
E 5 HOH 85  384 384 HOH WAT A . 
E 5 HOH 86  385 385 HOH WAT A . 
E 5 HOH 87  386 386 HOH WAT A . 
E 5 HOH 88  387 387 HOH WAT A . 
E 5 HOH 89  388 388 HOH WAT A . 
E 5 HOH 90  389 389 HOH WAT A . 
E 5 HOH 91  390 390 HOH WAT A . 
E 5 HOH 92  391 391 HOH WAT A . 
E 5 HOH 93  392 392 HOH WAT A . 
E 5 HOH 94  393 393 HOH WAT A . 
E 5 HOH 95  394 394 HOH WAT A . 
E 5 HOH 96  395 395 HOH WAT A . 
E 5 HOH 97  396 396 HOH WAT A . 
E 5 HOH 98  397 397 HOH WAT A . 
E 5 HOH 99  398 398 HOH WAT A . 
E 5 HOH 100 399 399 HOH WAT A . 
E 5 HOH 101 400 400 HOH WAT A . 
E 5 HOH 102 401 401 HOH WAT A . 
E 5 HOH 103 402 402 HOH WAT A . 
E 5 HOH 104 403 403 HOH WAT A . 
E 5 HOH 105 404 404 HOH WAT A . 
E 5 HOH 106 405 405 HOH WAT A . 
E 5 HOH 107 406 406 HOH WAT A . 
E 5 HOH 108 407 407 HOH WAT A . 
E 5 HOH 109 408 408 HOH WAT A . 
E 5 HOH 110 409 409 HOH WAT A . 
E 5 HOH 111 410 410 HOH WAT A . 
E 5 HOH 112 411 411 HOH WAT A . 
E 5 HOH 113 412 412 HOH WAT A . 
E 5 HOH 114 413 413 HOH WAT A . 
E 5 HOH 115 414 414 HOH WAT A . 
E 5 HOH 116 415 415 HOH WAT A . 
E 5 HOH 117 416 416 HOH WAT A . 
E 5 HOH 118 417 417 HOH WAT A . 
E 5 HOH 119 418 418 HOH WAT A . 
E 5 HOH 120 419 419 HOH WAT A . 
E 5 HOH 121 420 420 HOH WAT A . 
E 5 HOH 122 421 421 HOH WAT A . 
E 5 HOH 123 422 422 HOH WAT A . 
E 5 HOH 124 423 423 HOH WAT A . 
E 5 HOH 125 424 424 HOH WAT A . 
E 5 HOH 126 425 425 HOH WAT A . 
E 5 HOH 127 426 426 HOH WAT A . 
E 5 HOH 128 427 427 HOH WAT A . 
E 5 HOH 129 428 428 HOH WAT A . 
E 5 HOH 130 429 429 HOH WAT A . 
E 5 HOH 131 430 430 HOH WAT A . 
E 5 HOH 132 431 431 HOH WAT A . 
E 5 HOH 133 432 432 HOH WAT A . 
E 5 HOH 134 433 433 HOH WAT A . 
E 5 HOH 135 434 434 HOH WAT A . 
E 5 HOH 136 435 435 HOH WAT A . 
E 5 HOH 137 436 436 HOH WAT A . 
E 5 HOH 138 437 437 HOH WAT A . 
E 5 HOH 139 438 438 HOH WAT A . 
E 5 HOH 140 439 439 HOH WAT A . 
E 5 HOH 141 440 440 HOH WAT A . 
E 5 HOH 142 441 441 HOH WAT A . 
E 5 HOH 143 442 442 HOH WAT A . 
E 5 HOH 144 443 443 HOH WAT A . 
E 5 HOH 145 444 444 HOH WAT A . 
E 5 HOH 146 445 445 HOH WAT A . 
E 5 HOH 147 446 446 HOH WAT A . 
E 5 HOH 148 447 447 HOH WAT A . 
E 5 HOH 149 448 448 HOH WAT A . 
E 5 HOH 150 449 449 HOH WAT A . 
E 5 HOH 151 450 450 HOH WAT A . 
E 5 HOH 152 451 451 HOH WAT A . 
E 5 HOH 153 452 452 HOH WAT A . 
E 5 HOH 154 453 453 HOH WAT A . 
E 5 HOH 155 454 454 HOH WAT A . 
E 5 HOH 156 455 455 HOH WAT A . 
E 5 HOH 157 456 456 HOH WAT A . 
E 5 HOH 158 457 457 HOH WAT A . 
E 5 HOH 159 458 458 HOH WAT A . 
E 5 HOH 160 459 459 HOH WAT A . 
E 5 HOH 161 460 460 HOH WAT A . 
E 5 HOH 162 461 461 HOH WAT A . 
E 5 HOH 163 462 462 HOH WAT A . 
E 5 HOH 164 463 463 HOH WAT A . 
E 5 HOH 165 464 464 HOH WAT A . 
E 5 HOH 166 465 465 HOH WAT A . 
E 5 HOH 167 466 466 HOH WAT A . 
E 5 HOH 168 467 467 HOH WAT A . 
E 5 HOH 169 468 468 HOH WAT A . 
E 5 HOH 170 469 469 HOH WAT A . 
E 5 HOH 171 470 470 HOH WAT A . 
E 5 HOH 172 471 471 HOH WAT A . 
E 5 HOH 173 472 472 HOH WAT A . 
E 5 HOH 174 473 473 HOH WAT A . 
E 5 HOH 175 474 474 HOH WAT A . 
E 5 HOH 176 475 475 HOH WAT A . 
E 5 HOH 177 476 476 HOH WAT A . 
E 5 HOH 178 477 477 HOH WAT A . 
E 5 HOH 179 478 478 HOH WAT A . 
E 5 HOH 180 479 479 HOH WAT A . 
E 5 HOH 181 480 480 HOH WAT A . 
E 5 HOH 182 481 481 HOH WAT A . 
E 5 HOH 183 482 482 HOH WAT A . 
E 5 HOH 184 483 483 HOH WAT A . 
E 5 HOH 185 484 484 HOH WAT A . 
E 5 HOH 186 485 485 HOH WAT A . 
E 5 HOH 187 486 486 HOH WAT A . 
E 5 HOH 188 487 487 HOH WAT A . 
E 5 HOH 189 488 488 HOH WAT A . 
E 5 HOH 190 489 489 HOH WAT A . 
E 5 HOH 191 490 490 HOH WAT A . 
E 5 HOH 192 491 491 HOH WAT A . 
E 5 HOH 193 492 492 HOH WAT A . 
E 5 HOH 194 493 493 HOH WAT A . 
E 5 HOH 195 494 494 HOH WAT A . 
E 5 HOH 196 495 495 HOH WAT A . 
E 5 HOH 197 496 496 HOH WAT A . 
E 5 HOH 198 497 497 HOH WAT A . 
E 5 HOH 199 498 498 HOH WAT A . 
E 5 HOH 200 499 499 HOH WAT A . 
E 5 HOH 201 500 500 HOH WAT A . 
E 5 HOH 202 501 501 HOH WAT A . 
E 5 HOH 203 502 502 HOH WAT A . 
E 5 HOH 204 503 503 HOH WAT A . 
E 5 HOH 205 504 504 HOH WAT A . 
E 5 HOH 206 505 505 HOH WAT A . 
E 5 HOH 207 506 506 HOH WAT A . 
E 5 HOH 208 507 507 HOH WAT A . 
E 5 HOH 209 508 508 HOH WAT A . 
E 5 HOH 210 509 509 HOH WAT A . 
E 5 HOH 211 510 510 HOH WAT A . 
E 5 HOH 212 511 511 HOH WAT A . 
E 5 HOH 213 512 512 HOH WAT A . 
E 5 HOH 214 513 513 HOH WAT A . 
E 5 HOH 215 514 514 HOH WAT A . 
E 5 HOH 216 515 515 HOH WAT A . 
E 5 HOH 217 516 516 HOH WAT A . 
E 5 HOH 218 517 517 HOH WAT A . 
E 5 HOH 219 518 518 HOH WAT A . 
E 5 HOH 220 519 519 HOH WAT A . 
E 5 HOH 221 520 520 HOH WAT A . 
E 5 HOH 222 521 521 HOH WAT A . 
E 5 HOH 223 522 522 HOH WAT A . 
E 5 HOH 224 523 523 HOH WAT A . 
E 5 HOH 225 524 524 HOH WAT A . 
E 5 HOH 226 525 525 HOH WAT A . 
E 5 HOH 227 526 526 HOH WAT A . 
E 5 HOH 228 527 527 HOH WAT A . 
E 5 HOH 229 528 528 HOH WAT A . 
E 5 HOH 230 529 529 HOH WAT A . 
E 5 HOH 231 530 530 HOH WAT A . 
E 5 HOH 232 531 531 HOH WAT A . 
E 5 HOH 233 532 532 HOH WAT A . 
E 5 HOH 234 533 533 HOH WAT A . 
E 5 HOH 235 534 534 HOH WAT A . 
E 5 HOH 236 535 535 HOH WAT A . 
# 
_pdbx_struct_assembly.id                   1 
_pdbx_struct_assembly.details              author_defined_assembly 
_pdbx_struct_assembly.method_details       ? 
_pdbx_struct_assembly.oligomeric_details   monomeric 
_pdbx_struct_assembly.oligomeric_count     1 
# 
_pdbx_struct_assembly_gen.assembly_id       1 
_pdbx_struct_assembly_gen.oper_expression   1 
_pdbx_struct_assembly_gen.asym_id_list      A,B,C,D,E 
# 
_pdbx_struct_oper_list.id                   1 
_pdbx_struct_oper_list.type                 'identity operation' 
_pdbx_struct_oper_list.name                 1_555 
_pdbx_struct_oper_list.symmetry_operation   x,y,z 
_pdbx_struct_oper_list.matrix[1][1]         1.0000000000 
_pdbx_struct_oper_list.matrix[1][2]         0.0000000000 
_pdbx_struct_oper_list.matrix[1][3]         0.0000000000 
_pdbx_struct_oper_list.vector[1]            0.0000000000 
_pdbx_struct_oper_list.matrix[2][1]         0.0000000000 
_pdbx_struct_oper_list.matrix[2][2]         1.0000000000 
_pdbx_struct_oper_list.matrix[2][3]         0.0000000000 
_pdbx_struct_oper_list.vector[2]            0.0000000000 
_pdbx_struct_oper_list.matrix[3][1]         0.0000000000 
_pdbx_struct_oper_list.matrix[3][2]         0.0000000000 
_pdbx_struct_oper_list.matrix[3][3]         1.0000000000 
_pdbx_struct_oper_list.vector[3]            0.0000000000 
# 
loop_
_pdbx_struct_conn_angle.id 
_pdbx_struct_conn_angle.ptnr1_label_atom_id 
_pdbx_struct_conn_angle.ptnr1_label_alt_id 
_pdbx_struct_conn_angle.ptnr1_label_asym_id 
_pdbx_struct_conn_angle.ptnr1_label_comp_id 
_pdbx_struct_conn_angle.ptnr1_label_seq_id 
_pdbx_struct_conn_angle.ptnr1_auth_atom_id 
_pdbx_struct_conn_angle.ptnr1_auth_asym_id 
_pdbx_struct_conn_angle.ptnr1_auth_comp_id 
_pdbx_struct_conn_angle.ptnr1_auth_seq_id 
_pdbx_struct_conn_angle.ptnr1_PDB_ins_code 
_pdbx_struct_conn_angle.ptnr1_symmetry 
_pdbx_struct_conn_angle.ptnr2_label_atom_id 
_pdbx_struct_conn_angle.ptnr2_label_alt_id 
_pdbx_struct_conn_angle.ptnr2_label_asym_id 
_pdbx_struct_conn_angle.ptnr2_label_comp_id 
_pdbx_struct_conn_angle.ptnr2_label_seq_id 
_pdbx_struct_conn_angle.ptnr2_auth_atom_id 
_pdbx_struct_conn_angle.ptnr2_auth_asym_id 
_pdbx_struct_conn_angle.ptnr2_auth_comp_id 
_pdbx_struct_conn_angle.ptnr2_auth_seq_id 
_pdbx_struct_conn_angle.ptnr2_PDB_ins_code 
_pdbx_struct_conn_angle.ptnr2_symmetry 
_pdbx_struct_conn_angle.ptnr3_label_atom_id 
_pdbx_struct_conn_angle.ptnr3_label_alt_id 
_pdbx_struct_conn_angle.ptnr3_label_asym_id 
_pdbx_struct_conn_angle.ptnr3_label_comp_id 
_pdbx_struct_conn_angle.ptnr3_label_seq_id 
_pdbx_struct_conn_angle.ptnr3_auth_atom_id 
_pdbx_struct_conn_angle.ptnr3_auth_asym_id 
_pdbx_struct_conn_angle.ptnr3_auth_comp_id 
_pdbx_struct_conn_angle.ptnr3_auth_seq_id 
_pdbx_struct_conn_angle.ptnr3_PDB_ins_code 
_pdbx_struct_conn_angle.ptnr3_symmetry 
_pdbx_struct_conn_angle.value 
_pdbx_struct_conn_angle.value_esd 
1  OG  ? A SER 20 ? A SER 34  ? 1_555 MG ? B MG . ? A MG 201 ? 1_555 OG1 ? A THR 38 ? A THR 52  ? 1_555 81.7  ? 
2  OG  ? A SER 20 ? A SER 34  ? 1_555 MG ? B MG . ? A MG 201 ? 1_555 O3B ? C GDP .  ? A GDP 200 ? 1_555 95.8  ? 
3  OG1 ? A THR 38 ? A THR 52  ? 1_555 MG ? B MG . ? A MG 201 ? 1_555 O3B ? C GDP .  ? A GDP 200 ? 1_555 174.0 ? 
4  OG  ? A SER 20 ? A SER 34  ? 1_555 MG ? B MG . ? A MG 201 ? 1_555 O   ? E HOH .  ? A HOH 300 ? 1_555 172.4 ? 
5  OG1 ? A THR 38 ? A THR 52  ? 1_555 MG ? B MG . ? A MG 201 ? 1_555 O   ? E HOH .  ? A HOH 300 ? 1_555 91.0  ? 
6  O3B ? C GDP .  ? A GDP 200 ? 1_555 MG ? B MG . ? A MG 201 ? 1_555 O   ? E HOH .  ? A HOH 300 ? 1_555 91.2  ? 
7  OG  ? A SER 20 ? A SER 34  ? 1_555 MG ? B MG . ? A MG 201 ? 1_555 O   ? E HOH .  ? A HOH 301 ? 1_555 86.9  ? 
8  OG1 ? A THR 38 ? A THR 52  ? 1_555 MG ? B MG . ? A MG 201 ? 1_555 O   ? E HOH .  ? A HOH 301 ? 1_555 90.5  ? 
9  O3B ? C GDP .  ? A GDP 200 ? 1_555 MG ? B MG . ? A MG 201 ? 1_555 O   ? E HOH .  ? A HOH 301 ? 1_555 94.9  ? 
10 O   ? E HOH .  ? A HOH 300 ? 1_555 MG ? B MG . ? A MG 201 ? 1_555 O   ? E HOH .  ? A HOH 301 ? 1_555 95.1  ? 
11 OG  ? A SER 20 ? A SER 34  ? 1_555 MG ? B MG . ? A MG 201 ? 1_555 O   ? E HOH .  ? A HOH 302 ? 1_555 89.0  ? 
12 OG1 ? A THR 38 ? A THR 52  ? 1_555 MG ? B MG . ? A MG 201 ? 1_555 O   ? E HOH .  ? A HOH 302 ? 1_555 86.7  ? 
13 O3B ? C GDP .  ? A GDP 200 ? 1_555 MG ? B MG . ? A MG 201 ? 1_555 O   ? E HOH .  ? A HOH 302 ? 1_555 87.7  ? 
14 O   ? E HOH .  ? A HOH 300 ? 1_555 MG ? B MG . ? A MG 201 ? 1_555 O   ? E HOH .  ? A HOH 302 ? 1_555 88.7  ? 
15 O   ? E HOH .  ? A HOH 301 ? 1_555 MG ? B MG . ? A MG 201 ? 1_555 O   ? E HOH .  ? A HOH 302 ? 1_555 175.3 ? 
# 
loop_
_pdbx_audit_revision_history.ordinal 
_pdbx_audit_revision_history.data_content_type 
_pdbx_audit_revision_history.major_revision 
_pdbx_audit_revision_history.minor_revision 
_pdbx_audit_revision_history.revision_date 
1 'Structure model' 1 0 2002-11-27 
2 'Structure model' 1 1 2008-04-28 
3 'Structure model' 1 2 2011-07-13 
4 'Structure model' 1 3 2021-10-27 
# 
_pdbx_audit_revision_details.ordinal             1 
_pdbx_audit_revision_details.revision_ordinal    1 
_pdbx_audit_revision_details.data_content_type   'Structure model' 
_pdbx_audit_revision_details.provider            repository 
_pdbx_audit_revision_details.type                'Initial release' 
_pdbx_audit_revision_details.description         ? 
_pdbx_audit_revision_details.details             ? 
# 
loop_
_pdbx_audit_revision_group.ordinal 
_pdbx_audit_revision_group.revision_ordinal 
_pdbx_audit_revision_group.data_content_type 
_pdbx_audit_revision_group.group 
1 2 'Structure model' 'Version format compliance' 
2 3 'Structure model' 'Version format compliance' 
3 4 'Structure model' 'Database references'       
4 4 'Structure model' 'Derived calculations'      
# 
loop_
_pdbx_audit_revision_category.ordinal 
_pdbx_audit_revision_category.revision_ordinal 
_pdbx_audit_revision_category.data_content_type 
_pdbx_audit_revision_category.category 
1 4 'Structure model' database_2             
2 4 'Structure model' pdbx_struct_conn_angle 
3 4 'Structure model' struct_conn            
4 4 'Structure model' struct_ref_seq_dif     
5 4 'Structure model' struct_site            
# 
loop_
_pdbx_audit_revision_item.ordinal 
_pdbx_audit_revision_item.revision_ordinal 
_pdbx_audit_revision_item.data_content_type 
_pdbx_audit_revision_item.item 
1  4 'Structure model' '_database_2.pdbx_DOI'                        
2  4 'Structure model' '_database_2.pdbx_database_accession'         
3  4 'Structure model' '_pdbx_struct_conn_angle.ptnr1_auth_comp_id'  
4  4 'Structure model' '_pdbx_struct_conn_angle.ptnr1_auth_seq_id'   
5  4 'Structure model' '_pdbx_struct_conn_angle.ptnr1_label_asym_id' 
6  4 'Structure model' '_pdbx_struct_conn_angle.ptnr1_label_atom_id' 
7  4 'Structure model' '_pdbx_struct_conn_angle.ptnr1_label_comp_id' 
8  4 'Structure model' '_pdbx_struct_conn_angle.ptnr1_label_seq_id'  
9  4 'Structure model' '_pdbx_struct_conn_angle.ptnr3_auth_comp_id'  
10 4 'Structure model' '_pdbx_struct_conn_angle.ptnr3_auth_seq_id'   
11 4 'Structure model' '_pdbx_struct_conn_angle.ptnr3_label_asym_id' 
12 4 'Structure model' '_pdbx_struct_conn_angle.ptnr3_label_atom_id' 
13 4 'Structure model' '_pdbx_struct_conn_angle.ptnr3_label_comp_id' 
14 4 'Structure model' '_pdbx_struct_conn_angle.ptnr3_label_seq_id'  
15 4 'Structure model' '_pdbx_struct_conn_angle.value'               
16 4 'Structure model' '_struct_conn.pdbx_dist_value'                
17 4 'Structure model' '_struct_conn.pdbx_leaving_atom_flag'         
18 4 'Structure model' '_struct_conn.ptnr1_auth_comp_id'             
19 4 'Structure model' '_struct_conn.ptnr1_auth_seq_id'              
20 4 'Structure model' '_struct_conn.ptnr1_label_asym_id'            
21 4 'Structure model' '_struct_conn.ptnr1_label_atom_id'            
22 4 'Structure model' '_struct_conn.ptnr1_label_comp_id'            
23 4 'Structure model' '_struct_conn.ptnr1_label_seq_id'             
24 4 'Structure model' '_struct_conn.ptnr2_auth_comp_id'             
25 4 'Structure model' '_struct_conn.ptnr2_auth_seq_id'              
26 4 'Structure model' '_struct_conn.ptnr2_label_asym_id'            
27 4 'Structure model' '_struct_conn.ptnr2_label_atom_id'            
28 4 'Structure model' '_struct_conn.ptnr2_label_comp_id'            
29 4 'Structure model' '_struct_conn.ptnr2_label_seq_id'             
30 4 'Structure model' '_struct_ref_seq_dif.details'                 
31 4 'Structure model' '_struct_site.pdbx_auth_asym_id'              
32 4 'Structure model' '_struct_site.pdbx_auth_comp_id'              
33 4 'Structure model' '_struct_site.pdbx_auth_seq_id'               
# 
loop_
_software.name 
_software.classification 
_software.version 
_software.citation_id 
_software.pdbx_ordinal 
DENZO     'data reduction' . ? 1 
SCALEPACK 'data scaling'   . ? 2 
CNS       refinement       . ? 3 
CNS       phasing          . ? 4 
# 
loop_
_pdbx_validate_torsion.id 
_pdbx_validate_torsion.PDB_model_num 
_pdbx_validate_torsion.auth_comp_id 
_pdbx_validate_torsion.auth_asym_id 
_pdbx_validate_torsion.auth_seq_id 
_pdbx_validate_torsion.PDB_ins_code 
_pdbx_validate_torsion.label_alt_id 
_pdbx_validate_torsion.phi 
_pdbx_validate_torsion.psi 
1 1 ASP A 65  ? ? 60.34  -107.09 
2 1 LEU A 137 ? ? -99.29 36.29   
3 1 SER A 167 ? ? 95.36  -3.70   
4 1 ASN A 169 ? ? 55.23  14.70   
# 
loop_
_pdbx_unobs_or_zero_occ_residues.id 
_pdbx_unobs_or_zero_occ_residues.PDB_model_num 
_pdbx_unobs_or_zero_occ_residues.polymer_flag 
_pdbx_unobs_or_zero_occ_residues.occupancy_flag 
_pdbx_unobs_or_zero_occ_residues.auth_asym_id 
_pdbx_unobs_or_zero_occ_residues.auth_comp_id 
_pdbx_unobs_or_zero_occ_residues.auth_seq_id 
_pdbx_unobs_or_zero_occ_residues.PDB_ins_code 
_pdbx_unobs_or_zero_occ_residues.label_asym_id 
_pdbx_unobs_or_zero_occ_residues.label_comp_id 
_pdbx_unobs_or_zero_occ_residues.label_seq_id 
1 1 Y 1 A PRO 182 ? A PRO 168 
2 1 Y 1 A LYS 183 ? A LYS 169 
3 1 Y 1 A ASN 184 ? A ASN 170 
# 
loop_
_pdbx_entity_nonpoly.entity_id 
_pdbx_entity_nonpoly.name 
_pdbx_entity_nonpoly.comp_id 
2 'MAGNESIUM ION'            MG  
3 "GUANOSINE-5'-DIPHOSPHATE" GDP 
4 BETA-MERCAPTOETHANOL       BME 
5 water                      HOH 
# 
